data_4V1U
#
_entry.id   4V1U
#
_cell.length_a   65.800
_cell.length_b   152.810
_cell.length_c   182.840
_cell.angle_alpha   90.00
_cell.angle_beta   90.00
_cell.angle_gamma   90.00
#
_symmetry.space_group_name_H-M   'P 21 21 21'
#
loop_
_entity.id
_entity.type
_entity.pdbx_description
1 polymer LYND
2 polymer PATE
3 non-polymer 'ZINC ION'
4 non-polymer 'ADENOSINE MONOPHOSPHATE'
5 non-polymer 'CALCIUM ION'
6 water water
#
loop_
_entity_poly.entity_id
_entity_poly.type
_entity_poly.pdbx_seq_one_letter_code
_entity_poly.pdbx_strand_id
1 'polypeptide(L)'
;MQSTPLLQIQPHFHVEVIEPKQVYLLGEQANHALTGQLYCQILPLLNGQYTLEQIVEKLDGEVPPEYIDYVLERLAEKGY
LTEAAPELSSEVAAFWSELGIAPPVAAEALRQPVTLTPVGNISEVTVAALTTALRDIGISVQTPTEAGSPTALNVVLTDD
YLQPELAKINKQALESQQTWLLVKPVGSVLWLGPVFVPGKTGCWDCLAHRLRGNREVEASVLRQKQAQQQRNGQSGSVIG
CLPTARATLPSTLQTGLQFAATEIAKWIVKYHVNATAPGTVFFPTLDGKIITLNHSILDLKSHILIKRSQCPTCGDPKIL
QHRGFEPLKLESRPKQFTSDGGHRGTTPEQTVQKYQHLISPVTGVVTELVRITDPANPLVHTYRAGHSFGSATSLRGLRN
TLKHKSSGKGKTDSQSKASGLCEAVERYSGIFQGDEPRKRATLAELGDLAIHPEQCLCFSDGQYANRETLNEQATVAHDW
IPQRFDASQAIEWTPVWSLTEQTHKYLPTALCYYHYPLPPEHRFARGDSNGNAAGNTLEEAILQGFMELVERDGVALWWY
NRLRRPAVDLGSFNEPYFVQLQQFYRENDRDLWVLDLTADLGIPAFAGVSNRKTGSSERLILGFGAHLDPTIAILRAVTE
VNQIGLELDKVPDENLKSDATDWLITEKLADHPYLLPDTTQPLKTAQDYPKRWSDDIYTDVMTCVNIAQQAGLETLVIDQ
TRPDIGLNVVKVTVPGMRHFWSRFGEGRLYDVPVKLGWLDEPLTEAQMNPTPMPF
;
A,B
2 'polypeptide(L)' MDKKNILPQQGQPVIRLTAGQLSSQLAELSEEALGDAGLEASKITACITFCAYDGELEHHHHHH C,D
#
loop_
_chem_comp.id
_chem_comp.type
_chem_comp.name
_chem_comp.formula
AMP non-polymer 'ADENOSINE MONOPHOSPHATE' 'C10 H14 N5 O7 P'
CA non-polymer 'CALCIUM ION' 'Ca 2'
ZN non-polymer 'ZINC ION' 'Zn 2'
#
# COMPACT_ATOMS: atom_id res chain seq x y z
N LEU A 6 -25.05 -30.68 27.82
CA LEU A 6 -25.37 -29.26 28.08
C LEU A 6 -24.12 -28.39 28.00
N LEU A 7 -23.16 -28.64 28.88
CA LEU A 7 -21.96 -27.79 29.03
C LEU A 7 -20.83 -28.12 28.07
N GLN A 8 -20.24 -27.08 27.48
CA GLN A 8 -19.13 -27.25 26.55
C GLN A 8 -18.21 -26.03 26.53
N ILE A 9 -17.02 -26.24 25.99
CA ILE A 9 -16.04 -25.17 25.78
C ILE A 9 -16.21 -24.66 24.36
N GLN A 10 -15.90 -23.39 24.12
CA GLN A 10 -16.12 -22.73 22.83
C GLN A 10 -15.84 -23.67 21.65
N PRO A 11 -16.89 -24.06 20.89
CA PRO A 11 -16.78 -25.14 19.91
C PRO A 11 -15.66 -24.98 18.88
N HIS A 12 -15.26 -23.75 18.59
CA HIS A 12 -14.23 -23.51 17.60
C HIS A 12 -12.83 -23.89 18.08
N PHE A 13 -12.66 -24.00 19.41
CA PHE A 13 -11.37 -24.36 19.99
C PHE A 13 -11.14 -25.87 19.93
N HIS A 14 -9.91 -26.25 19.57
CA HIS A 14 -9.46 -27.63 19.66
C HIS A 14 -8.60 -27.78 20.90
N VAL A 15 -8.96 -28.75 21.74
CA VAL A 15 -8.33 -28.93 23.05
C VAL A 15 -7.19 -29.92 22.98
N GLU A 16 -6.07 -29.56 23.60
CA GLU A 16 -4.94 -30.47 23.74
C GLU A 16 -4.36 -30.34 25.12
N VAL A 17 -4.28 -31.47 25.84
CA VAL A 17 -3.86 -31.47 27.23
C VAL A 17 -2.41 -31.94 27.35
N ILE A 18 -1.55 -31.04 27.81
CA ILE A 18 -0.19 -31.41 28.22
C ILE A 18 -0.28 -31.72 29.71
N GLU A 19 -0.17 -33.01 30.02
CA GLU A 19 -0.77 -33.58 31.23
C GLU A 19 -0.38 -32.98 32.58
N PRO A 20 0.85 -32.49 32.75
CA PRO A 20 1.10 -31.97 34.09
C PRO A 20 0.34 -30.68 34.40
N LYS A 21 0.56 -29.63 33.61
CA LYS A 21 0.13 -28.28 33.96
C LYS A 21 -0.64 -27.50 32.89
N GLN A 22 -0.38 -27.81 31.62
CA GLN A 22 -0.80 -26.95 30.51
C GLN A 22 -1.93 -27.53 29.66
N VAL A 23 -2.83 -26.66 29.21
CA VAL A 23 -3.89 -27.04 28.27
C VAL A 23 -4.05 -25.99 27.19
N TYR A 24 -3.81 -26.37 25.93
CA TYR A 24 -3.85 -25.43 24.81
C TYR A 24 -5.19 -25.44 24.10
N LEU A 25 -5.67 -24.25 23.72
CA LEU A 25 -6.87 -24.10 22.91
C LEU A 25 -6.50 -23.55 21.54
N LEU A 26 -6.35 -24.44 20.57
CA LEU A 26 -5.93 -24.05 19.24
C LEU A 26 -7.12 -23.67 18.38
N GLY A 27 -7.02 -22.50 17.75
CA GLY A 27 -8.09 -21.98 16.90
C GLY A 27 -7.57 -21.65 15.52
N GLU A 28 -8.47 -21.19 14.65
CA GLU A 28 -8.11 -20.89 13.28
C GLU A 28 -7.51 -19.50 13.16
N GLN A 29 -7.93 -18.60 14.06
CA GLN A 29 -7.46 -17.23 14.06
C GLN A 29 -6.83 -16.82 15.39
N ALA A 30 -7.08 -17.59 16.44
CA ALA A 30 -6.58 -17.29 17.78
C ALA A 30 -6.13 -18.55 18.50
N ASN A 31 -5.08 -18.42 19.30
CA ASN A 31 -4.58 -19.51 20.14
C ASN A 31 -4.48 -19.07 21.58
N HIS A 32 -5.12 -19.83 22.46
CA HIS A 32 -5.11 -19.53 23.88
C HIS A 32 -4.48 -20.68 24.66
N ALA A 33 -3.95 -20.35 25.84
CA ALA A 33 -3.29 -21.33 26.70
C ALA A 33 -3.76 -21.18 28.14
N LEU A 34 -4.07 -22.31 28.76
CA LEU A 34 -4.55 -22.34 30.14
C LEU A 34 -3.55 -23.08 31.00
N THR A 35 -3.38 -22.60 32.23
CA THR A 35 -2.45 -23.21 33.18
C THR A 35 -3.17 -23.61 34.45
N GLY A 36 -2.85 -24.79 34.95
CA GLY A 36 -3.44 -25.28 36.19
C GLY A 36 -3.77 -26.75 36.11
N GLN A 37 -3.36 -27.49 37.12
CA GLN A 37 -3.57 -28.94 37.16
C GLN A 37 -5.06 -29.27 37.08
N LEU A 38 -5.89 -28.37 37.60
CA LEU A 38 -7.34 -28.58 37.61
C LEU A 38 -7.96 -28.43 36.23
N TYR A 39 -7.37 -27.57 35.40
CA TYR A 39 -7.85 -27.42 34.03
C TYR A 39 -7.64 -28.71 33.23
N CYS A 40 -6.46 -29.32 33.40
CA CYS A 40 -6.16 -30.59 32.75
C CYS A 40 -7.15 -31.68 33.17
N GLN A 41 -7.60 -31.62 34.42
CA GLN A 41 -8.56 -32.60 34.94
C GLN A 41 -9.98 -32.38 34.41
N ILE A 42 -10.37 -31.11 34.26
CA ILE A 42 -11.77 -30.76 33.98
C ILE A 42 -12.07 -30.63 32.49
N LEU A 43 -11.25 -29.86 31.78
CA LEU A 43 -11.52 -29.54 30.37
C LEU A 43 -11.83 -30.73 29.45
N PRO A 44 -11.20 -31.89 29.68
CA PRO A 44 -11.59 -33.08 28.92
C PRO A 44 -13.08 -33.37 28.96
N LEU A 45 -13.75 -32.94 30.03
CA LEU A 45 -15.18 -33.21 30.23
C LEU A 45 -16.09 -32.09 29.72
N LEU A 46 -15.51 -31.06 29.09
CA LEU A 46 -16.27 -29.91 28.60
C LEU A 46 -16.32 -29.91 27.07
N ASN A 47 -16.87 -30.98 26.50
CA ASN A 47 -16.94 -31.14 25.06
C ASN A 47 -18.36 -31.17 24.54
N GLY A 48 -19.32 -30.92 25.42
CA GLY A 48 -20.73 -30.97 25.05
C GLY A 48 -21.33 -32.34 25.26
N GLN A 49 -20.55 -33.25 25.83
CA GLN A 49 -21.02 -34.60 26.13
C GLN A 49 -21.59 -34.71 27.54
N TYR A 50 -21.50 -33.63 28.32
CA TYR A 50 -21.83 -33.69 29.76
C TYR A 50 -22.57 -32.45 30.28
N THR A 51 -23.31 -32.64 31.36
CA THR A 51 -23.96 -31.57 32.10
C THR A 51 -23.20 -31.35 33.41
N LEU A 52 -23.40 -30.21 34.04
CA LEU A 52 -22.76 -29.92 35.32
C LEU A 52 -23.09 -30.97 36.38
N GLU A 53 -24.26 -31.58 36.25
CA GLU A 53 -24.69 -32.64 37.16
C GLU A 53 -23.88 -33.91 36.93
N GLN A 54 -23.46 -34.12 35.69
CA GLN A 54 -22.79 -35.35 35.28
C GLN A 54 -21.30 -35.32 35.61
N ILE A 55 -20.69 -34.16 35.44
CA ILE A 55 -19.24 -33.99 35.59
C ILE A 55 -18.74 -34.45 36.96
N VAL A 56 -19.48 -34.11 38.00
CA VAL A 56 -19.02 -34.35 39.37
C VAL A 56 -18.82 -35.83 39.69
N GLU A 57 -19.71 -36.68 39.17
CA GLU A 57 -19.70 -38.11 39.49
C GLU A 57 -18.50 -38.83 38.87
N LYS A 58 -18.08 -38.38 37.71
CA LYS A 58 -16.96 -39.01 36.99
C LYS A 58 -15.64 -38.75 37.70
N LEU A 59 -15.52 -37.57 38.30
CA LEU A 59 -14.35 -37.21 39.10
C LEU A 59 -14.74 -36.97 40.56
N ASP A 60 -15.76 -37.70 41.03
CA ASP A 60 -16.11 -37.69 42.45
C ASP A 60 -15.02 -38.43 43.21
N GLY A 61 -14.51 -37.82 44.27
CA GLY A 61 -13.40 -38.36 45.02
C GLY A 61 -12.04 -37.96 44.46
N GLU A 62 -12.07 -37.18 43.37
CA GLU A 62 -10.85 -36.76 42.67
C GLU A 62 -10.70 -35.24 42.69
N VAL A 63 -11.78 -34.53 42.36
CA VAL A 63 -11.81 -33.06 42.46
C VAL A 63 -13.10 -32.63 43.14
N PRO A 64 -12.99 -31.87 44.26
CA PRO A 64 -14.16 -31.43 45.02
C PRO A 64 -15.22 -30.75 44.15
N PRO A 65 -16.49 -30.82 44.57
CA PRO A 65 -17.59 -30.20 43.82
C PRO A 65 -17.56 -28.68 43.92
N GLU A 66 -17.15 -28.17 45.09
CA GLU A 66 -17.02 -26.74 45.32
C GLU A 66 -15.93 -26.15 44.43
N TYR A 67 -14.88 -26.94 44.20
CA TYR A 67 -13.74 -26.49 43.41
C TYR A 67 -14.08 -26.35 41.93
N ILE A 68 -14.99 -27.17 41.43
CA ILE A 68 -15.36 -27.13 40.03
C ILE A 68 -16.02 -25.81 39.66
N ASP A 69 -16.89 -25.32 40.53
CA ASP A 69 -17.60 -24.08 40.28
C ASP A 69 -16.65 -22.92 40.13
N TYR A 70 -15.69 -22.78 41.05
CA TYR A 70 -14.70 -21.72 40.97
C TYR A 70 -14.01 -21.76 39.61
N VAL A 71 -13.78 -22.97 39.09
CA VAL A 71 -13.16 -23.16 37.80
C VAL A 71 -14.12 -22.74 36.68
N LEU A 72 -15.35 -23.25 36.75
CA LEU A 72 -16.36 -22.92 35.74
C LEU A 72 -16.78 -21.46 35.80
N GLU A 73 -16.78 -20.88 37.00
CA GLU A 73 -16.97 -19.43 37.14
C GLU A 73 -15.89 -18.69 36.38
N ARG A 74 -14.63 -19.04 36.66
CA ARG A 74 -13.49 -18.35 36.06
C ARG A 74 -13.46 -18.51 34.55
N LEU A 75 -13.97 -19.65 34.07
CA LEU A 75 -14.08 -19.90 32.62
C LEU A 75 -15.19 -19.08 31.99
N ALA A 76 -16.15 -18.64 32.80
CA ALA A 76 -17.26 -17.81 32.33
C ALA A 76 -16.85 -16.34 32.22
N GLU A 77 -16.27 -15.80 33.28
CA GLU A 77 -15.81 -14.41 33.30
C GLU A 77 -14.95 -14.08 32.08
N LYS A 78 -14.13 -15.04 31.65
CA LYS A 78 -13.22 -14.83 30.54
C LYS A 78 -13.77 -15.43 29.24
N GLY A 79 -14.96 -16.03 29.34
CA GLY A 79 -15.74 -16.40 28.16
C GLY A 79 -15.27 -17.60 27.36
N TYR A 80 -14.39 -18.41 27.96
CA TYR A 80 -13.97 -19.65 27.31
C TYR A 80 -15.07 -20.69 27.39
N LEU A 81 -15.98 -20.52 28.36
CA LEU A 81 -17.03 -21.51 28.61
C LEU A 81 -18.36 -21.07 28.04
N THR A 82 -19.09 -22.02 27.45
CA THR A 82 -20.43 -21.77 26.92
C THR A 82 -21.35 -22.93 27.25
N GLU A 83 -22.65 -22.70 27.03
CA GLU A 83 -23.63 -23.78 27.06
C GLU A 83 -23.99 -24.07 25.62
N ALA A 84 -24.20 -25.34 25.31
CA ALA A 84 -24.47 -25.77 23.95
C ALA A 84 -25.88 -25.35 23.50
N ALA A 85 -25.97 -24.84 22.28
CA ALA A 85 -27.24 -24.49 21.67
C ALA A 85 -27.67 -25.64 20.77
N PRO A 86 -28.82 -26.28 21.07
CA PRO A 86 -29.17 -27.48 20.33
C PRO A 86 -29.79 -27.21 18.97
N GLU A 87 -30.23 -25.98 18.73
CA GLU A 87 -30.80 -25.62 17.44
C GLU A 87 -29.72 -25.46 16.37
N LEU A 88 -28.46 -25.40 16.80
CA LEU A 88 -27.32 -25.24 15.90
C LEU A 88 -26.46 -26.51 15.84
N SER A 89 -25.86 -26.74 14.69
CA SER A 89 -24.90 -27.82 14.55
C SER A 89 -23.57 -27.40 15.15
N SER A 90 -22.63 -28.33 15.26
CA SER A 90 -21.33 -28.04 15.87
C SER A 90 -20.52 -27.07 15.02
N GLU A 91 -20.60 -27.23 13.70
CA GLU A 91 -19.83 -26.40 12.77
C GLU A 91 -20.35 -24.96 12.73
N VAL A 92 -21.66 -24.80 12.79
CA VAL A 92 -22.23 -23.47 12.79
C VAL A 92 -21.89 -22.76 14.10
N ALA A 93 -22.16 -23.42 15.21
CA ALA A 93 -21.86 -22.85 16.51
C ALA A 93 -20.39 -22.39 16.58
N ALA A 94 -19.52 -23.17 15.94
CA ALA A 94 -18.10 -22.85 15.89
C ALA A 94 -17.85 -21.53 15.18
N PHE A 95 -18.57 -21.30 14.10
CA PHE A 95 -18.41 -20.09 13.30
C PHE A 95 -18.65 -18.82 14.10
N TRP A 96 -19.67 -18.84 14.96
CA TRP A 96 -20.03 -17.66 15.73
C TRP A 96 -19.23 -17.54 17.01
N SER A 97 -18.84 -18.67 17.59
CA SER A 97 -18.03 -18.65 18.82
C SER A 97 -16.61 -18.19 18.53
N GLU A 98 -16.17 -18.39 17.29
CA GLU A 98 -14.90 -17.86 16.84
C GLU A 98 -14.98 -16.34 16.63
N LEU A 99 -16.20 -15.83 16.53
CA LEU A 99 -16.46 -14.39 16.49
C LEU A 99 -16.85 -13.87 17.86
N GLY A 100 -16.64 -14.67 18.89
CA GLY A 100 -16.88 -14.25 20.27
C GLY A 100 -18.33 -14.28 20.69
N ILE A 101 -19.14 -15.06 19.98
CA ILE A 101 -20.58 -15.08 20.21
C ILE A 101 -21.04 -16.44 20.73
N ALA A 102 -21.58 -16.45 21.94
CA ALA A 102 -22.08 -17.66 22.56
C ALA A 102 -23.16 -18.29 21.67
N PRO A 103 -23.13 -19.63 21.50
CA PRO A 103 -24.13 -20.31 20.66
C PRO A 103 -25.61 -19.99 20.99
N PRO A 104 -26.02 -20.05 22.27
CA PRO A 104 -27.44 -19.82 22.54
C PRO A 104 -27.92 -18.43 22.13
N VAL A 105 -27.03 -17.44 22.19
CA VAL A 105 -27.32 -16.09 21.73
C VAL A 105 -27.40 -16.05 20.20
N ALA A 106 -26.49 -16.77 19.56
CA ALA A 106 -26.43 -16.79 18.10
C ALA A 106 -27.70 -17.39 17.51
N ALA A 107 -28.26 -18.38 18.18
CA ALA A 107 -29.49 -19.02 17.72
C ALA A 107 -30.66 -18.06 17.79
N GLU A 108 -30.71 -17.26 18.86
CA GLU A 108 -31.76 -16.27 19.05
C GLU A 108 -31.68 -15.19 17.99
N ALA A 109 -30.46 -14.85 17.59
CA ALA A 109 -30.25 -13.82 16.58
C ALA A 109 -30.86 -14.19 15.24
N LEU A 110 -30.59 -15.41 14.79
CA LEU A 110 -31.02 -15.85 13.47
C LEU A 110 -32.53 -15.96 13.32
N ARG A 111 -33.25 -15.93 14.44
CA ARG A 111 -34.71 -15.96 14.43
C ARG A 111 -35.31 -14.70 13.81
N GLN A 112 -34.55 -13.61 13.83
CA GLN A 112 -34.96 -12.35 13.20
C GLN A 112 -35.11 -12.56 11.70
N PRO A 113 -36.29 -12.24 11.14
CA PRO A 113 -36.55 -12.64 9.77
C PRO A 113 -36.04 -11.63 8.75
N VAL A 114 -36.16 -11.98 7.48
CA VAL A 114 -35.60 -11.22 6.38
C VAL A 114 -36.53 -11.28 5.19
N THR A 115 -36.57 -10.21 4.40
CA THR A 115 -37.37 -10.19 3.18
C THR A 115 -36.45 -9.99 1.98
N LEU A 116 -36.79 -10.61 0.86
CA LEU A 116 -36.04 -10.46 -0.39
C LEU A 116 -36.87 -9.77 -1.46
N THR A 117 -36.26 -8.82 -2.17
CA THR A 117 -36.93 -8.11 -3.25
C THR A 117 -35.99 -8.03 -4.46
N PRO A 118 -36.39 -8.65 -5.57
CA PRO A 118 -35.61 -8.47 -6.79
C PRO A 118 -35.99 -7.17 -7.49
N VAL A 119 -35.05 -6.66 -8.29
CA VAL A 119 -35.23 -5.43 -9.05
C VAL A 119 -34.41 -5.52 -10.33
N GLY A 120 -34.88 -4.88 -11.39
CA GLY A 120 -34.24 -5.02 -12.69
C GLY A 120 -34.53 -6.39 -13.29
N ASN A 121 -33.53 -6.98 -13.94
CA ASN A 121 -33.73 -8.24 -14.65
C ASN A 121 -33.49 -9.51 -13.81
N ILE A 122 -33.17 -9.35 -12.53
CA ILE A 122 -32.82 -10.49 -11.67
C ILE A 122 -33.88 -11.59 -11.73
N SER A 123 -33.42 -12.81 -12.02
CA SER A 123 -34.32 -13.95 -12.22
C SER A 123 -35.01 -14.31 -10.93
N GLU A 124 -36.28 -14.72 -11.05
CA GLU A 124 -37.03 -15.21 -9.90
C GLU A 124 -36.42 -16.52 -9.40
N VAL A 125 -35.81 -17.26 -10.32
CA VAL A 125 -35.00 -18.41 -9.97
C VAL A 125 -33.85 -18.00 -9.08
N THR A 126 -33.16 -16.93 -9.47
CA THR A 126 -31.99 -16.48 -8.76
C THR A 126 -32.33 -16.10 -7.32
N VAL A 127 -33.51 -15.50 -7.13
CA VAL A 127 -33.96 -15.09 -5.79
C VAL A 127 -34.15 -16.32 -4.92
N ALA A 128 -34.71 -17.36 -5.51
CA ALA A 128 -34.95 -18.60 -4.80
C ALA A 128 -33.64 -19.24 -4.33
N ALA A 129 -32.55 -19.00 -5.06
CA ALA A 129 -31.24 -19.58 -4.73
C ALA A 129 -30.70 -18.96 -3.45
N LEU A 130 -30.94 -17.67 -3.27
CA LEU A 130 -30.51 -16.94 -2.08
C LEU A 130 -31.37 -17.32 -0.88
N THR A 131 -32.65 -17.56 -1.12
CA THR A 131 -33.57 -17.99 -0.08
C THR A 131 -33.12 -19.33 0.45
N THR A 132 -32.68 -20.22 -0.45
CA THR A 132 -32.22 -21.55 -0.07
C THR A 132 -30.89 -21.46 0.68
N ALA A 133 -30.06 -20.52 0.28
CA ALA A 133 -28.78 -20.32 0.94
C ALA A 133 -28.99 -19.84 2.37
N LEU A 134 -29.93 -18.92 2.54
CA LEU A 134 -30.16 -18.30 3.85
C LEU A 134 -30.75 -19.29 4.83
N ARG A 135 -31.68 -20.12 4.37
CA ARG A 135 -32.29 -21.12 5.23
C ARG A 135 -31.30 -22.18 5.66
N ASP A 136 -30.32 -22.45 4.81
CA ASP A 136 -29.30 -23.44 5.11
C ASP A 136 -28.45 -23.02 6.30
N ILE A 137 -28.33 -21.71 6.53
CA ILE A 137 -27.61 -21.21 7.69
C ILE A 137 -28.54 -20.71 8.79
N GLY A 138 -29.82 -20.99 8.65
CA GLY A 138 -30.77 -20.81 9.73
C GLY A 138 -31.52 -19.50 9.74
N ILE A 139 -31.56 -18.84 8.58
CA ILE A 139 -32.25 -17.57 8.43
C ILE A 139 -33.56 -17.75 7.67
N SER A 140 -34.68 -17.49 8.33
CA SER A 140 -35.99 -17.58 7.67
C SER A 140 -36.23 -16.36 6.79
N VAL A 141 -37.13 -16.51 5.82
CA VAL A 141 -37.45 -15.45 4.88
C VAL A 141 -38.94 -15.18 4.91
N GLN A 142 -39.35 -14.00 4.46
CA GLN A 142 -40.76 -13.66 4.34
C GLN A 142 -41.11 -13.11 2.96
N THR A 151 -39.77 -5.67 9.56
CA THR A 151 -38.74 -6.69 9.72
C THR A 151 -37.41 -6.09 10.21
N ALA A 152 -36.36 -6.90 10.21
CA ALA A 152 -35.04 -6.46 10.64
C ALA A 152 -34.15 -6.11 9.45
N LEU A 153 -34.43 -6.71 8.29
CA LEU A 153 -33.63 -6.51 7.10
C LEU A 153 -34.38 -6.85 5.82
N ASN A 154 -34.40 -5.91 4.89
CA ASN A 154 -34.85 -6.18 3.53
C ASN A 154 -33.63 -6.25 2.62
N VAL A 155 -33.53 -7.31 1.82
CA VAL A 155 -32.42 -7.47 0.89
C VAL A 155 -32.90 -7.27 -0.53
N VAL A 156 -32.14 -6.47 -1.29
CA VAL A 156 -32.49 -6.13 -2.66
C VAL A 156 -31.47 -6.68 -3.64
N LEU A 157 -31.93 -7.46 -4.61
CA LEU A 157 -31.05 -8.02 -5.64
C LEU A 157 -31.23 -7.31 -6.97
N THR A 158 -30.16 -6.68 -7.46
CA THR A 158 -30.21 -5.93 -8.71
C THR A 158 -29.14 -6.41 -9.67
N ASP A 159 -29.24 -5.94 -10.91
CA ASP A 159 -28.18 -6.13 -11.93
C ASP A 159 -27.39 -4.85 -12.13
N ASP A 160 -27.96 -3.73 -11.68
CA ASP A 160 -27.33 -2.42 -11.79
C ASP A 160 -27.74 -1.56 -10.61
N TYR A 161 -26.75 -1.00 -9.92
CA TYR A 161 -26.99 -0.17 -8.76
C TYR A 161 -27.67 1.17 -9.06
N LEU A 162 -27.93 1.45 -10.33
CA LEU A 162 -28.60 2.69 -10.73
C LEU A 162 -29.96 2.46 -11.35
N GLN A 163 -30.55 1.28 -11.10
CA GLN A 163 -31.89 0.99 -11.58
C GLN A 163 -32.86 2.02 -10.98
N PRO A 164 -33.66 2.69 -11.84
CA PRO A 164 -34.59 3.71 -11.35
C PRO A 164 -35.51 3.22 -10.25
N GLU A 165 -35.87 1.95 -10.28
CA GLU A 165 -36.76 1.39 -9.28
C GLU A 165 -36.17 1.49 -7.87
N LEU A 166 -34.84 1.44 -7.77
CA LEU A 166 -34.16 1.55 -6.48
C LEU A 166 -34.34 2.92 -5.84
N ALA A 167 -34.69 3.91 -6.64
CA ALA A 167 -34.95 5.23 -6.09
C ALA A 167 -36.16 5.18 -5.16
N LYS A 168 -37.18 4.44 -5.58
CA LYS A 168 -38.44 4.40 -4.85
C LYS A 168 -38.33 3.50 -3.61
N ILE A 169 -37.50 2.47 -3.70
CA ILE A 169 -37.28 1.58 -2.58
C ILE A 169 -36.54 2.33 -1.49
N ASN A 170 -35.64 3.22 -1.91
CA ASN A 170 -34.82 3.99 -0.99
C ASN A 170 -35.64 4.96 -0.15
N LYS A 171 -36.63 5.59 -0.78
CA LYS A 171 -37.40 6.64 -0.11
C LYS A 171 -38.42 6.06 0.88
N GLN A 172 -38.85 4.83 0.65
CA GLN A 172 -39.72 4.14 1.60
C GLN A 172 -38.92 3.71 2.83
N ALA A 173 -37.70 3.25 2.60
CA ALA A 173 -36.82 2.84 3.69
C ALA A 173 -36.49 4.00 4.64
N LEU A 174 -36.41 5.22 4.09
CA LEU A 174 -36.12 6.40 4.88
C LEU A 174 -37.36 6.83 5.67
N GLU A 175 -38.53 6.65 5.07
CA GLU A 175 -39.79 6.99 5.70
C GLU A 175 -40.16 5.92 6.74
N SER A 176 -39.89 4.67 6.41
CA SER A 176 -40.17 3.56 7.30
C SER A 176 -39.01 3.25 8.25
N GLN A 177 -37.88 3.93 8.04
CA GLN A 177 -36.66 3.67 8.80
C GLN A 177 -36.26 2.19 8.71
N GLN A 178 -36.44 1.62 7.52
CA GLN A 178 -36.08 0.22 7.27
C GLN A 178 -34.61 0.13 6.91
N THR A 179 -33.89 -0.71 7.65
CA THR A 179 -32.50 -1.03 7.33
C THR A 179 -32.49 -2.11 6.25
N TRP A 180 -31.78 -1.87 5.16
CA TRP A 180 -31.81 -2.77 4.02
C TRP A 180 -30.43 -2.95 3.40
N LEU A 181 -30.32 -3.96 2.53
CA LEU A 181 -29.05 -4.34 1.90
C LEU A 181 -29.21 -4.44 0.38
N LEU A 182 -28.11 -4.25 -0.33
CA LEU A 182 -28.12 -4.24 -1.79
C LEU A 182 -27.02 -5.15 -2.34
N VAL A 183 -27.34 -5.90 -3.38
CA VAL A 183 -26.46 -6.94 -3.91
C VAL A 183 -26.58 -7.08 -5.42
N LYS A 184 -25.46 -7.44 -6.07
CA LYS A 184 -25.42 -7.67 -7.50
C LYS A 184 -24.53 -8.88 -7.76
N PRO A 185 -25.14 -10.08 -7.82
CA PRO A 185 -24.33 -11.30 -7.96
C PRO A 185 -24.01 -11.64 -9.41
N VAL A 186 -24.80 -11.12 -10.33
CA VAL A 186 -24.57 -11.39 -11.75
C VAL A 186 -23.44 -10.52 -12.24
N GLY A 187 -22.91 -10.86 -13.41
CA GLY A 187 -21.76 -10.17 -13.97
C GLY A 187 -20.45 -10.72 -13.44
N SER A 188 -19.34 -10.27 -14.02
CA SER A 188 -18.02 -10.79 -13.67
C SER A 188 -17.40 -10.08 -12.47
N VAL A 189 -18.12 -9.11 -11.92
CA VAL A 189 -17.72 -8.43 -10.69
C VAL A 189 -18.90 -8.33 -9.72
N LEU A 190 -18.83 -9.14 -8.66
CA LEU A 190 -19.83 -9.15 -7.60
C LEU A 190 -19.81 -7.85 -6.81
N TRP A 191 -20.96 -7.20 -6.69
CA TRP A 191 -21.10 -6.08 -5.76
C TRP A 191 -21.89 -6.57 -4.56
N LEU A 192 -21.42 -6.23 -3.36
CA LEU A 192 -22.05 -6.67 -2.13
C LEU A 192 -22.08 -5.55 -1.10
N GLY A 193 -23.26 -4.99 -0.86
CA GLY A 193 -23.41 -3.86 0.04
C GLY A 193 -23.77 -2.56 -0.65
N PRO A 194 -24.04 -1.51 0.13
CA PRO A 194 -23.94 -1.49 1.59
C PRO A 194 -25.23 -1.86 2.29
N VAL A 195 -25.15 -1.97 3.62
CA VAL A 195 -26.33 -1.98 4.46
C VAL A 195 -26.64 -0.54 4.83
N PHE A 196 -27.73 -0.02 4.27
CA PHE A 196 -28.19 1.33 4.57
C PHE A 196 -28.91 1.35 5.91
N VAL A 197 -28.52 2.26 6.78
CA VAL A 197 -29.16 2.40 8.08
C VAL A 197 -29.67 3.84 8.19
N PRO A 198 -30.93 4.07 7.77
CA PRO A 198 -31.52 5.42 7.72
C PRO A 198 -31.25 6.26 8.97
N GLY A 199 -30.40 7.27 8.85
CA GLY A 199 -30.01 8.11 9.98
C GLY A 199 -28.57 7.94 10.42
N LYS A 200 -27.99 6.77 10.15
CA LYS A 200 -26.62 6.46 10.52
C LYS A 200 -25.67 6.36 9.31
N THR A 201 -26.18 5.95 8.16
CA THR A 201 -25.38 5.82 6.94
C THR A 201 -25.96 6.63 5.80
N GLY A 202 -25.25 6.63 4.67
CA GLY A 202 -25.77 7.28 3.47
C GLY A 202 -27.00 6.56 2.97
N CYS A 203 -27.82 7.25 2.18
CA CYS A 203 -28.94 6.62 1.52
C CYS A 203 -28.43 6.07 0.20
N TRP A 204 -29.31 5.42 -0.55
CA TRP A 204 -28.97 4.95 -1.88
C TRP A 204 -28.59 6.11 -2.79
N ASP A 205 -29.25 7.25 -2.60
CA ASP A 205 -29.03 8.42 -3.43
C ASP A 205 -27.68 9.06 -3.11
N CYS A 206 -27.29 9.06 -1.83
CA CYS A 206 -25.95 9.49 -1.46
C CYS A 206 -24.90 8.67 -2.22
N LEU A 207 -25.17 7.38 -2.38
CA LEU A 207 -24.32 6.49 -3.18
C LEU A 207 -24.49 6.73 -4.68
N ALA A 208 -25.74 6.84 -5.12
CA ALA A 208 -26.03 6.98 -6.54
C ALA A 208 -25.43 8.23 -7.12
N HIS A 209 -25.26 9.26 -6.30
CA HIS A 209 -24.65 10.50 -6.76
C HIS A 209 -23.22 10.25 -7.20
N ARG A 210 -22.53 9.36 -6.51
CA ARG A 210 -21.14 9.06 -6.82
C ARG A 210 -21.05 8.10 -7.99
N LEU A 211 -22.00 7.18 -8.10
CA LEU A 211 -21.98 6.21 -9.20
C LEU A 211 -22.16 6.90 -10.53
N ARG A 212 -23.03 7.91 -10.55
CA ARG A 212 -23.32 8.65 -11.77
C ARG A 212 -22.09 9.37 -12.31
N GLY A 213 -21.18 9.76 -11.42
CA GLY A 213 -19.95 10.41 -11.81
C GLY A 213 -18.91 9.48 -12.42
N ASN A 214 -18.74 8.31 -11.81
CA ASN A 214 -17.71 7.37 -12.21
C ASN A 214 -18.06 6.52 -13.44
N ARG A 215 -19.27 6.71 -13.98
CA ARG A 215 -19.70 6.04 -15.21
C ARG A 215 -19.80 7.04 -16.34
N GLU A 216 -18.64 7.43 -16.87
CA GLU A 216 -18.58 8.53 -17.82
C GLU A 216 -19.06 8.16 -19.21
N VAL A 217 -18.72 6.96 -19.66
CA VAL A 217 -19.05 6.58 -21.04
C VAL A 217 -20.51 6.13 -21.08
N GLU A 218 -20.96 5.48 -20.01
CA GLU A 218 -22.34 5.02 -19.92
C GLU A 218 -23.29 6.21 -19.75
N ALA A 219 -22.81 7.23 -19.05
CA ALA A 219 -23.61 8.44 -18.82
C ALA A 219 -23.62 9.31 -20.05
N SER A 220 -22.55 9.27 -20.83
CA SER A 220 -22.47 10.06 -22.05
C SER A 220 -23.16 9.34 -23.21
N VAL A 221 -23.35 8.03 -23.09
CA VAL A 221 -24.11 7.29 -24.10
C VAL A 221 -25.60 7.50 -23.85
N LEU A 222 -25.98 7.56 -22.58
CA LEU A 222 -27.40 7.67 -22.23
C LEU A 222 -27.99 8.97 -22.74
N ARG A 223 -27.25 10.07 -22.63
CA ARG A 223 -27.65 11.30 -23.31
C ARG A 223 -26.73 11.54 -24.50
N GLN A 224 -27.34 11.47 -25.67
CA GLN A 224 -26.70 11.17 -26.96
C GLN A 224 -27.76 10.38 -27.68
N LYS A 225 -28.44 9.53 -26.90
CA LYS A 225 -29.68 8.91 -27.29
C LYS A 225 -30.77 9.96 -27.43
N GLN A 226 -30.63 11.03 -26.65
CA GLN A 226 -31.54 12.18 -26.70
C GLN A 226 -31.28 13.07 -27.90
N ALA A 227 -30.27 12.72 -28.70
CA ALA A 227 -30.09 13.31 -30.02
C ALA A 227 -31.25 12.88 -30.92
N GLN A 228 -31.83 11.72 -30.60
CA GLN A 228 -32.92 11.15 -31.39
C GLN A 228 -34.19 11.00 -30.55
N GLY A 240 -33.19 5.30 -17.92
CA GLY A 240 -32.60 5.19 -16.60
C GLY A 240 -31.12 4.83 -16.64
N CYS A 241 -30.83 3.54 -16.70
CA CYS A 241 -29.46 3.03 -16.75
C CYS A 241 -29.31 2.00 -17.86
N LEU A 242 -28.08 1.53 -18.07
CA LEU A 242 -27.82 0.47 -19.03
C LEU A 242 -27.30 -0.77 -18.32
N PRO A 243 -27.87 -1.95 -18.64
CA PRO A 243 -27.45 -3.18 -17.99
C PRO A 243 -26.24 -3.82 -18.68
N THR A 244 -25.14 -3.94 -17.96
CA THR A 244 -23.91 -4.50 -18.52
C THR A 244 -23.39 -5.61 -17.61
N ALA A 245 -24.29 -6.51 -17.24
CA ALA A 245 -23.95 -7.66 -16.41
C ALA A 245 -24.37 -8.94 -17.09
N ARG A 246 -23.60 -9.36 -18.07
CA ARG A 246 -23.96 -10.48 -18.94
C ARG A 246 -23.09 -11.70 -18.70
N ALA A 247 -21.85 -11.49 -18.28
CA ALA A 247 -20.92 -12.58 -17.98
C ALA A 247 -21.17 -13.22 -16.61
N THR A 248 -21.77 -14.41 -16.62
CA THR A 248 -22.12 -15.09 -15.38
C THR A 248 -22.08 -16.60 -15.53
N LEU A 249 -21.04 -17.22 -15.00
CA LEU A 249 -21.06 -18.66 -14.82
C LEU A 249 -22.06 -18.95 -13.72
N PRO A 250 -22.82 -20.04 -13.84
CA PRO A 250 -23.69 -20.36 -12.71
C PRO A 250 -22.92 -20.50 -11.38
N SER A 251 -21.61 -20.64 -11.44
CA SER A 251 -20.78 -20.74 -10.23
C SER A 251 -20.48 -19.38 -9.63
N THR A 252 -20.18 -18.39 -10.46
CA THR A 252 -19.95 -17.03 -9.94
C THR A 252 -21.21 -16.47 -9.32
N LEU A 253 -22.35 -16.83 -9.90
CA LEU A 253 -23.64 -16.44 -9.36
C LEU A 253 -23.83 -17.07 -7.97
N GLN A 254 -23.60 -18.38 -7.89
CA GLN A 254 -23.77 -19.08 -6.63
C GLN A 254 -22.67 -18.65 -5.67
N THR A 255 -21.49 -18.31 -6.18
CA THR A 255 -20.40 -17.82 -5.35
C THR A 255 -20.84 -16.54 -4.66
N GLY A 256 -21.47 -15.67 -5.44
CA GLY A 256 -21.88 -14.36 -4.95
C GLY A 256 -23.08 -14.42 -4.05
N LEU A 257 -24.02 -15.30 -4.36
CA LEU A 257 -25.23 -15.42 -3.55
C LEU A 257 -24.94 -16.05 -2.20
N GLN A 258 -24.05 -17.04 -2.19
CA GLN A 258 -23.70 -17.73 -0.97
C GLN A 258 -22.87 -16.81 -0.09
N PHE A 259 -22.00 -16.05 -0.73
CA PHE A 259 -21.18 -15.08 -0.04
C PHE A 259 -22.07 -14.00 0.62
N ALA A 260 -23.14 -13.62 -0.06
CA ALA A 260 -24.11 -12.67 0.49
C ALA A 260 -24.79 -13.23 1.72
N ALA A 261 -25.18 -14.51 1.63
CA ALA A 261 -25.86 -15.16 2.73
C ALA A 261 -25.04 -15.07 4.03
N THR A 262 -23.73 -15.24 3.91
CA THR A 262 -22.85 -15.17 5.08
C THR A 262 -22.91 -13.78 5.71
N GLU A 263 -22.74 -12.75 4.87
CA GLU A 263 -22.69 -11.37 5.36
C GLU A 263 -24.02 -10.90 5.93
N ILE A 264 -25.10 -11.43 5.37
CA ILE A 264 -26.43 -11.15 5.89
C ILE A 264 -26.53 -11.72 7.30
N ALA A 265 -26.04 -12.94 7.47
CA ALA A 265 -26.06 -13.61 8.77
C ALA A 265 -25.19 -12.87 9.76
N LYS A 266 -24.06 -12.37 9.30
CA LYS A 266 -23.16 -11.63 10.19
C LYS A 266 -23.74 -10.26 10.61
N TRP A 267 -24.50 -9.61 9.73
CA TRP A 267 -25.19 -8.38 10.12
C TRP A 267 -26.31 -8.63 11.14
N ILE A 268 -27.21 -9.55 10.80
CA ILE A 268 -28.33 -9.94 11.67
C ILE A 268 -27.83 -10.16 13.09
N VAL A 269 -26.76 -10.93 13.19
CA VAL A 269 -26.21 -11.34 14.47
C VAL A 269 -25.60 -10.17 15.25
N LYS A 270 -24.66 -9.46 14.64
CA LYS A 270 -23.98 -8.37 15.33
C LYS A 270 -24.94 -7.33 15.88
N TYR A 271 -25.99 -7.02 15.12
CA TYR A 271 -27.04 -6.13 15.58
C TYR A 271 -27.63 -6.64 16.88
N HIS A 272 -27.69 -7.96 17.03
CA HIS A 272 -28.24 -8.61 18.21
C HIS A 272 -27.23 -8.66 19.36
N VAL A 273 -25.97 -8.88 19.05
CA VAL A 273 -24.96 -9.08 20.10
C VAL A 273 -24.34 -7.76 20.60
N ASN A 274 -24.37 -6.71 19.78
CA ASN A 274 -23.94 -5.38 20.23
C ASN A 274 -24.98 -4.75 21.15
N ALA A 275 -26.01 -5.53 21.48
CA ALA A 275 -26.99 -5.17 22.50
C ALA A 275 -27.44 -6.44 23.20
N THR A 276 -26.68 -6.85 24.21
CA THR A 276 -26.65 -8.19 24.79
C THR A 276 -25.16 -8.51 24.79
N ALA A 277 -24.48 -8.09 25.85
CA ALA A 277 -23.02 -8.00 25.88
C ALA A 277 -22.53 -6.97 24.86
N PRO A 278 -22.87 -5.69 25.07
CA PRO A 278 -22.27 -4.65 24.24
C PRO A 278 -20.77 -4.60 24.46
N GLY A 279 -20.03 -4.09 23.48
CA GLY A 279 -18.60 -4.26 23.46
C GLY A 279 -18.33 -5.67 22.97
N THR A 280 -17.66 -6.48 23.80
CA THR A 280 -17.33 -7.88 23.46
C THR A 280 -16.92 -8.06 22.00
N VAL A 281 -17.89 -8.35 21.14
CA VAL A 281 -17.60 -8.69 19.74
C VAL A 281 -17.46 -7.46 18.85
N PHE A 282 -16.32 -7.39 18.16
CA PHE A 282 -16.00 -6.30 17.27
C PHE A 282 -15.46 -6.86 15.96
N PHE A 283 -16.34 -7.14 15.01
CA PHE A 283 -15.95 -7.57 13.66
C PHE A 283 -16.72 -6.75 12.62
N PRO A 284 -16.12 -6.53 11.45
CA PRO A 284 -16.72 -5.63 10.46
C PRO A 284 -17.88 -6.25 9.70
N THR A 285 -18.84 -5.40 9.31
CA THR A 285 -20.01 -5.79 8.53
C THR A 285 -20.07 -4.92 7.28
N LEU A 286 -21.25 -4.77 6.69
CA LEU A 286 -21.39 -4.02 5.43
C LEU A 286 -22.05 -2.67 5.59
N ASP A 287 -22.20 -2.21 6.83
CA ASP A 287 -22.83 -0.91 7.06
C ASP A 287 -21.96 0.21 6.50
N GLY A 288 -22.47 0.87 5.46
CA GLY A 288 -21.74 1.96 4.82
C GLY A 288 -20.55 1.53 3.98
N LYS A 289 -20.44 0.23 3.74
CA LYS A 289 -19.34 -0.31 2.95
C LYS A 289 -19.89 -1.01 1.73
N ILE A 290 -19.15 -0.99 0.63
CA ILE A 290 -19.45 -1.81 -0.54
C ILE A 290 -18.25 -2.69 -0.87
N ILE A 291 -18.51 -3.97 -1.12
CA ILE A 291 -17.46 -4.94 -1.45
C ILE A 291 -17.57 -5.35 -2.91
N THR A 292 -16.47 -5.22 -3.63
CA THR A 292 -16.40 -5.65 -5.02
C THR A 292 -15.44 -6.81 -5.11
N LEU A 293 -15.91 -7.93 -5.63
CA LEU A 293 -15.07 -9.09 -5.91
C LEU A 293 -15.06 -9.32 -7.41
N ASN A 294 -13.89 -9.13 -8.02
CA ASN A 294 -13.72 -9.30 -9.45
C ASN A 294 -13.37 -10.74 -9.79
N HIS A 295 -14.38 -11.50 -10.24
CA HIS A 295 -14.21 -12.92 -10.56
C HIS A 295 -13.15 -13.18 -11.63
N SER A 296 -13.01 -12.26 -12.58
CA SER A 296 -12.10 -12.43 -13.71
C SER A 296 -10.64 -12.50 -13.28
N ILE A 297 -10.17 -11.42 -12.67
CA ILE A 297 -8.77 -11.26 -12.30
C ILE A 297 -8.52 -11.63 -10.85
N LEU A 298 -9.61 -11.74 -10.09
CA LEU A 298 -9.55 -12.16 -8.71
C LEU A 298 -8.95 -11.08 -7.81
N ASP A 299 -9.76 -10.05 -7.57
CA ASP A 299 -9.34 -8.93 -6.73
C ASP A 299 -10.53 -8.47 -5.90
N LEU A 300 -10.31 -8.33 -4.59
CA LEU A 300 -11.35 -7.88 -3.68
C LEU A 300 -10.98 -6.54 -3.05
N LYS A 301 -11.84 -5.55 -3.26
CA LYS A 301 -11.63 -4.21 -2.73
C LYS A 301 -12.82 -3.80 -1.89
N SER A 302 -12.56 -3.05 -0.83
CA SER A 302 -13.63 -2.48 -0.01
C SER A 302 -13.78 -0.98 -0.28
N HIS A 303 -15.01 -0.49 -0.18
CA HIS A 303 -15.33 0.88 -0.57
C HIS A 303 -16.26 1.54 0.45
N ILE A 304 -15.80 2.63 1.06
CA ILE A 304 -16.56 3.34 2.09
C ILE A 304 -17.60 4.29 1.47
N LEU A 305 -18.85 4.13 1.87
CA LEU A 305 -19.90 5.07 1.50
C LEU A 305 -19.98 6.19 2.52
N ILE A 306 -19.91 7.43 2.04
CA ILE A 306 -20.04 8.60 2.91
C ILE A 306 -21.44 9.17 2.85
N LYS A 307 -22.00 9.48 4.02
CA LYS A 307 -23.31 10.10 4.09
C LYS A 307 -23.18 11.58 3.74
N ARG A 308 -23.83 12.00 2.67
CA ARG A 308 -23.73 13.38 2.21
C ARG A 308 -24.68 14.26 3.01
N SER A 309 -24.14 15.29 3.64
CA SER A 309 -24.97 16.21 4.43
C SER A 309 -25.96 16.91 3.53
N GLN A 310 -25.50 17.25 2.32
CA GLN A 310 -26.31 18.01 1.38
C GLN A 310 -27.21 17.13 0.53
N CYS A 311 -27.23 15.83 0.80
CA CYS A 311 -28.05 14.90 0.04
C CYS A 311 -29.49 15.38 -0.05
N PRO A 312 -30.03 15.52 -1.27
CA PRO A 312 -31.43 15.95 -1.37
C PRO A 312 -32.42 15.01 -0.68
N THR A 313 -32.14 13.71 -0.67
CA THR A 313 -33.11 12.74 -0.22
C THR A 313 -33.12 12.53 1.30
N CYS A 314 -31.95 12.43 1.94
CA CYS A 314 -31.86 12.19 3.39
C CYS A 314 -31.23 13.35 4.18
N GLY A 315 -30.73 14.36 3.48
CA GLY A 315 -30.08 15.51 4.12
C GLY A 315 -30.75 16.81 3.73
N ASP A 316 -29.97 17.90 3.76
CA ASP A 316 -30.46 19.24 3.44
C ASP A 316 -29.72 19.78 2.23
N PRO A 317 -30.40 19.90 1.08
CA PRO A 317 -29.74 20.40 -0.13
C PRO A 317 -29.49 21.92 -0.14
N LYS A 318 -29.93 22.61 0.91
CA LYS A 318 -29.78 24.05 0.98
C LYS A 318 -28.55 24.49 1.79
N ILE A 319 -27.60 23.60 1.96
CA ILE A 319 -26.41 23.89 2.75
C ILE A 319 -25.51 24.90 2.05
N LEU A 320 -25.09 24.57 0.84
CA LEU A 320 -24.17 25.42 0.09
C LEU A 320 -24.81 26.76 -0.22
N GLN A 321 -26.08 26.74 -0.60
CA GLN A 321 -26.84 27.97 -0.84
C GLN A 321 -26.74 28.91 0.35
N HIS A 322 -26.98 28.41 1.55
CA HIS A 322 -26.89 29.26 2.73
C HIS A 322 -25.46 29.70 3.01
N ARG A 323 -24.51 28.78 2.88
CA ARG A 323 -23.11 29.08 3.15
C ARG A 323 -22.52 30.10 2.17
N GLY A 324 -22.89 29.97 0.89
CA GLY A 324 -22.35 30.82 -0.15
C GLY A 324 -22.67 32.30 0.06
N PHE A 325 -23.80 32.57 0.69
CA PHE A 325 -24.25 33.93 0.95
C PHE A 325 -23.83 34.45 2.32
N GLU A 326 -23.13 33.62 3.09
CA GLU A 326 -22.62 34.01 4.39
C GLU A 326 -21.20 34.52 4.29
N PRO A 327 -20.81 35.45 5.19
CA PRO A 327 -19.45 35.98 5.14
C PRO A 327 -18.40 34.91 5.28
N LEU A 328 -17.36 34.97 4.46
CA LEU A 328 -16.21 34.09 4.62
C LEU A 328 -15.54 34.43 5.95
N LYS A 329 -15.29 33.41 6.75
CA LYS A 329 -14.71 33.59 8.07
C LYS A 329 -13.39 32.83 8.18
N LEU A 330 -12.30 33.59 8.26
CA LEU A 330 -10.96 33.01 8.33
C LEU A 330 -10.40 33.12 9.74
N GLU A 331 -9.30 32.39 9.98
CA GLU A 331 -8.66 32.41 11.28
C GLU A 331 -7.17 32.08 11.15
N SER A 332 -6.44 32.24 12.25
CA SER A 332 -5.00 31.99 12.27
C SER A 332 -4.66 30.52 12.09
N ARG A 333 -3.66 30.25 11.27
CA ARG A 333 -3.15 28.90 11.05
C ARG A 333 -1.62 28.90 11.09
N PRO A 334 -1.02 28.53 12.22
CA PRO A 334 0.44 28.47 12.24
C PRO A 334 0.94 27.36 11.33
N LYS A 335 2.21 27.44 10.91
CA LYS A 335 2.76 26.50 9.94
C LYS A 335 3.62 25.42 10.59
N GLN A 336 3.78 24.30 9.89
CA GLN A 336 4.74 23.26 10.29
C GLN A 336 5.81 23.07 9.22
N GLY A 342 7.32 23.78 3.23
CA GLY A 342 6.80 23.42 4.55
C GLY A 342 5.73 24.38 5.06
N HIS A 343 5.06 25.06 4.14
CA HIS A 343 4.17 26.18 4.48
C HIS A 343 2.71 25.77 4.68
N ARG A 344 2.47 24.48 4.86
CA ARG A 344 1.15 23.98 5.19
C ARG A 344 1.02 23.75 6.69
N GLY A 345 -0.20 23.47 7.14
CA GLY A 345 -0.47 23.29 8.56
C GLY A 345 -0.19 21.89 9.05
N THR A 346 -0.30 20.91 8.15
CA THR A 346 -0.07 19.50 8.47
C THR A 346 0.76 18.82 7.39
N THR A 347 1.30 17.65 7.72
CA THR A 347 2.16 16.90 6.81
C THR A 347 1.34 16.31 5.67
N PRO A 348 2.00 15.92 4.59
CA PRO A 348 1.28 15.25 3.51
C PRO A 348 0.70 13.89 3.92
N GLU A 349 1.49 13.06 4.58
CA GLU A 349 1.03 11.73 4.97
C GLU A 349 -0.20 11.82 5.88
N GLN A 350 -0.25 12.84 6.71
CA GLN A 350 -1.40 13.10 7.56
C GLN A 350 -2.59 13.52 6.71
N THR A 351 -2.33 14.26 5.64
CA THR A 351 -3.35 14.67 4.68
C THR A 351 -3.79 13.46 3.86
N VAL A 352 -2.86 12.62 3.45
CA VAL A 352 -3.19 11.44 2.65
C VAL A 352 -4.02 10.47 3.48
N GLN A 353 -3.59 10.23 4.71
CA GLN A 353 -4.32 9.36 5.65
C GLN A 353 -5.78 9.78 5.79
N LYS A 354 -5.99 11.06 6.04
CA LYS A 354 -7.31 11.61 6.27
C LYS A 354 -8.28 11.48 5.10
N TYR A 355 -7.75 11.25 3.89
CA TYR A 355 -8.59 11.27 2.67
C TYR A 355 -8.37 10.09 1.74
N GLN A 356 -7.76 9.01 2.23
CA GLN A 356 -7.57 7.82 1.42
C GLN A 356 -8.89 7.27 0.91
N HIS A 357 -9.91 7.27 1.78
CA HIS A 357 -11.20 6.66 1.48
C HIS A 357 -11.86 7.25 0.24
N LEU A 358 -11.48 8.47 -0.11
CA LEU A 358 -11.95 9.08 -1.35
C LEU A 358 -11.39 8.41 -2.61
N ILE A 359 -10.50 7.44 -2.43
CA ILE A 359 -9.97 6.67 -3.54
C ILE A 359 -10.76 5.37 -3.72
N SER A 360 -11.76 5.41 -4.60
CA SER A 360 -12.55 4.24 -4.93
C SER A 360 -13.22 4.47 -6.27
N PRO A 361 -13.11 3.50 -7.19
CA PRO A 361 -13.79 3.69 -8.48
C PRO A 361 -15.30 3.62 -8.37
N VAL A 362 -15.79 3.15 -7.23
CA VAL A 362 -17.21 2.96 -7.00
C VAL A 362 -17.80 4.07 -6.16
N THR A 363 -17.35 4.15 -4.91
CA THR A 363 -17.92 5.05 -3.92
C THR A 363 -17.15 6.35 -3.79
N GLY A 364 -16.00 6.41 -4.47
CA GLY A 364 -15.07 7.51 -4.29
C GLY A 364 -15.11 8.56 -5.38
N VAL A 365 -14.19 9.51 -5.27
CA VAL A 365 -14.04 10.60 -6.22
C VAL A 365 -12.75 10.43 -7.03
N VAL A 366 -11.80 9.71 -6.44
CA VAL A 366 -10.54 9.38 -7.09
C VAL A 366 -10.53 7.92 -7.51
N THR A 367 -10.40 7.67 -8.81
CA THR A 367 -10.57 6.34 -9.37
C THR A 367 -9.40 5.43 -9.02
N GLU A 368 -8.20 5.90 -9.32
CA GLU A 368 -6.99 5.21 -8.91
C GLU A 368 -5.89 6.23 -8.56
N LEU A 369 -4.93 5.81 -7.74
CA LEU A 369 -3.78 6.65 -7.40
C LEU A 369 -2.50 5.82 -7.45
N VAL A 370 -1.70 6.05 -8.49
CA VAL A 370 -0.59 5.16 -8.81
C VAL A 370 0.75 5.88 -8.86
N ARG A 371 1.79 5.23 -8.34
CA ARG A 371 3.15 5.72 -8.46
C ARG A 371 3.74 5.26 -9.78
N ILE A 372 3.87 6.17 -10.74
CA ILE A 372 4.39 5.85 -12.07
C ILE A 372 5.92 6.01 -12.12
N THR A 373 6.53 6.24 -10.96
CA THR A 373 7.96 6.58 -10.90
C THR A 373 8.81 5.35 -10.79
N ASP A 374 9.88 5.29 -11.57
CA ASP A 374 10.90 4.28 -11.38
C ASP A 374 11.54 4.51 -10.00
N PRO A 375 11.37 3.56 -9.06
CA PRO A 375 11.93 3.79 -7.72
C PRO A 375 13.46 3.69 -7.70
N ALA A 376 14.05 3.45 -8.86
CA ALA A 376 15.50 3.51 -9.04
C ALA A 376 15.99 4.94 -8.86
N ASN A 377 15.12 5.90 -9.18
CA ASN A 377 15.44 7.31 -9.03
C ASN A 377 14.80 7.92 -7.79
N PRO A 378 15.61 8.28 -6.78
CA PRO A 378 15.04 8.82 -5.55
C PRO A 378 14.57 10.28 -5.69
N LEU A 379 15.04 10.97 -6.72
CA LEU A 379 14.78 12.40 -6.87
C LEU A 379 13.44 12.68 -7.53
N VAL A 380 13.10 11.89 -8.55
CA VAL A 380 11.88 12.10 -9.32
C VAL A 380 10.71 11.28 -8.77
N HIS A 381 9.67 12.00 -8.35
CA HIS A 381 8.42 11.37 -7.94
C HIS A 381 7.27 11.94 -8.76
N THR A 382 6.24 11.12 -8.94
CA THR A 382 5.13 11.41 -9.85
C THR A 382 4.00 10.42 -9.59
N TYR A 383 2.79 10.95 -9.48
CA TYR A 383 1.61 10.11 -9.27
C TYR A 383 0.57 10.45 -10.32
N ARG A 384 -0.21 9.45 -10.72
CA ARG A 384 -1.32 9.62 -11.64
C ARG A 384 -2.63 9.30 -10.93
N ALA A 385 -3.42 10.34 -10.71
CA ALA A 385 -4.72 10.19 -10.05
C ALA A 385 -5.83 10.14 -11.10
N GLY A 386 -6.48 8.99 -11.22
CA GLY A 386 -7.62 8.84 -12.13
C GLY A 386 -8.77 9.73 -11.72
N HIS A 387 -9.24 10.52 -12.67
CA HIS A 387 -10.27 11.50 -12.42
C HIS A 387 -11.49 11.20 -13.30
N SER A 388 -12.66 11.30 -12.66
CA SER A 388 -13.97 11.10 -13.30
C SER A 388 -14.51 12.24 -14.17
N PHE A 389 -14.49 13.45 -13.62
CA PHE A 389 -14.80 14.67 -14.39
C PHE A 389 -16.19 14.71 -15.02
N GLY A 390 -16.34 15.44 -16.13
CA GLY A 390 -17.63 15.77 -16.69
C GLY A 390 -18.23 14.71 -17.59
N SER A 391 -19.32 15.09 -18.26
CA SER A 391 -19.93 14.21 -19.25
C SER A 391 -19.99 14.92 -20.58
N ALA A 392 -20.03 14.12 -21.61
CA ALA A 392 -19.89 14.58 -22.97
C ALA A 392 -21.09 14.07 -23.72
N THR A 393 -21.30 14.57 -24.93
CA THR A 393 -22.48 14.20 -25.72
C THR A 393 -22.08 13.81 -27.14
N SER A 394 -20.81 13.44 -27.30
CA SER A 394 -20.30 13.00 -28.59
C SER A 394 -19.09 12.10 -28.38
N LEU A 395 -18.79 11.29 -29.38
CA LEU A 395 -17.66 10.38 -29.32
C LEU A 395 -16.37 11.20 -29.30
N ARG A 396 -16.36 12.33 -30.00
CA ARG A 396 -15.21 13.21 -30.05
C ARG A 396 -15.02 13.93 -28.71
N GLY A 397 -16.13 14.32 -28.11
CA GLY A 397 -16.10 15.01 -26.84
C GLY A 397 -15.86 14.06 -25.68
N LEU A 398 -16.27 12.81 -25.84
CA LEU A 398 -16.08 11.81 -24.79
C LEU A 398 -14.61 11.50 -24.58
N ARG A 399 -13.84 11.45 -25.67
CA ARG A 399 -12.43 11.11 -25.58
C ARG A 399 -11.60 12.27 -25.07
N ASN A 400 -12.16 13.48 -25.07
CA ASN A 400 -11.49 14.61 -24.43
C ASN A 400 -11.58 14.48 -22.92
N THR A 401 -12.75 14.05 -22.45
CA THR A 401 -12.85 13.51 -21.10
C THR A 401 -12.11 12.17 -21.16
N LEU A 402 -11.82 11.57 -20.01
CA LEU A 402 -11.04 10.32 -19.96
C LEU A 402 -9.55 10.61 -20.22
N LYS A 403 -9.26 11.48 -21.19
CA LYS A 403 -7.92 12.07 -21.31
C LYS A 403 -7.64 12.96 -20.09
N HIS A 404 -8.70 13.44 -19.45
CA HIS A 404 -8.59 14.30 -18.28
C HIS A 404 -8.18 13.52 -17.03
N LYS A 405 -6.88 13.59 -16.72
CA LYS A 405 -6.32 12.94 -15.56
C LYS A 405 -5.57 13.96 -14.72
N SER A 406 -5.47 13.68 -13.42
CA SER A 406 -4.72 14.51 -12.49
C SER A 406 -3.30 13.96 -12.37
N SER A 407 -2.45 14.70 -11.68
CA SER A 407 -1.07 14.31 -11.55
C SER A 407 -0.40 14.92 -10.33
N GLY A 408 0.43 14.13 -9.67
CA GLY A 408 1.12 14.55 -8.47
C GLY A 408 2.59 14.81 -8.73
N LYS A 409 3.06 15.96 -8.26
CA LYS A 409 4.46 16.34 -8.42
C LYS A 409 5.04 16.62 -7.03
N GLY A 410 6.34 16.39 -6.86
CA GLY A 410 6.97 16.66 -5.58
C GLY A 410 8.43 16.27 -5.45
N LYS A 411 9.06 16.89 -4.46
CA LYS A 411 10.45 16.61 -4.12
C LYS A 411 10.52 15.25 -3.44
N THR A 412 9.47 14.91 -2.71
CA THR A 412 9.40 13.64 -1.98
C THR A 412 8.20 12.83 -2.44
N ASP A 413 8.15 11.57 -2.00
CA ASP A 413 7.10 10.66 -2.40
C ASP A 413 5.77 10.98 -1.74
N SER A 414 5.80 11.19 -0.43
CA SER A 414 4.60 11.51 0.34
C SER A 414 3.93 12.79 -0.14
N GLN A 415 4.74 13.78 -0.53
CA GLN A 415 4.21 15.05 -1.02
C GLN A 415 3.72 14.92 -2.46
N SER A 416 4.39 14.07 -3.24
CA SER A 416 3.97 13.79 -4.61
C SER A 416 2.65 13.01 -4.59
N LYS A 417 2.41 12.27 -3.51
CA LYS A 417 1.19 11.50 -3.36
C LYS A 417 0.03 12.41 -2.98
N ALA A 418 0.26 13.25 -1.99
CA ALA A 418 -0.74 14.22 -1.54
C ALA A 418 -1.15 15.14 -2.66
N SER A 419 -0.19 15.46 -3.53
CA SER A 419 -0.43 16.34 -4.66
C SER A 419 -1.42 15.70 -5.63
N GLY A 420 -1.17 14.45 -5.98
CA GLY A 420 -2.02 13.73 -6.92
C GLY A 420 -3.43 13.54 -6.39
N LEU A 421 -3.54 13.20 -5.12
CA LEU A 421 -4.83 12.97 -4.51
C LEU A 421 -5.63 14.25 -4.46
N CYS A 422 -5.02 15.32 -3.99
CA CYS A 422 -5.75 16.54 -3.69
C CYS A 422 -6.07 17.34 -4.94
N GLU A 423 -5.36 17.07 -6.04
CA GLU A 423 -5.67 17.73 -7.30
C GLU A 423 -6.93 17.11 -7.88
N ALA A 424 -7.06 15.80 -7.73
CA ALA A 424 -8.25 15.08 -8.17
C ALA A 424 -9.50 15.55 -7.44
N VAL A 425 -9.38 15.81 -6.14
CA VAL A 425 -10.51 16.22 -5.33
C VAL A 425 -10.87 17.66 -5.61
N GLU A 426 -9.85 18.47 -5.89
CA GLU A 426 -10.04 19.86 -6.28
C GLU A 426 -10.92 19.91 -7.51
N ARG A 427 -10.64 19.03 -8.46
CA ARG A 427 -11.35 19.02 -9.73
C ARG A 427 -12.81 18.64 -9.54
N TYR A 428 -13.05 17.56 -8.81
CA TYR A 428 -14.42 17.12 -8.53
C TYR A 428 -15.24 18.21 -7.84
N SER A 429 -14.68 18.77 -6.78
CA SER A 429 -15.36 19.75 -5.96
C SER A 429 -15.92 20.91 -6.77
N GLY A 430 -15.18 21.32 -7.79
CA GLY A 430 -15.56 22.46 -8.63
C GLY A 430 -16.63 22.15 -9.67
N ILE A 431 -16.93 20.88 -9.88
CA ILE A 431 -17.98 20.50 -10.82
C ILE A 431 -19.35 20.93 -10.30
N PHE A 432 -20.16 21.48 -11.20
CA PHE A 432 -21.48 22.00 -10.87
C PHE A 432 -22.48 20.89 -10.58
N GLN A 433 -22.78 20.69 -9.30
CA GLN A 433 -23.75 19.65 -8.87
C GLN A 433 -25.21 20.11 -8.94
N GLY A 434 -25.43 21.43 -8.94
CA GLY A 434 -26.78 22.00 -8.95
C GLY A 434 -27.27 22.52 -7.61
N ASP A 435 -26.51 22.30 -6.55
CA ASP A 435 -26.86 22.81 -5.21
C ASP A 435 -26.10 24.09 -4.86
N GLU A 436 -25.40 24.66 -5.86
CA GLU A 436 -24.50 25.78 -5.63
C GLU A 436 -25.28 27.07 -5.39
N PRO A 437 -24.70 28.00 -4.61
CA PRO A 437 -25.35 29.27 -4.28
C PRO A 437 -25.52 30.15 -5.52
N ARG A 438 -26.78 30.41 -5.88
CA ARG A 438 -27.11 31.11 -7.12
C ARG A 438 -28.26 32.09 -6.93
N LYS A 439 -28.41 33.00 -7.88
CA LYS A 439 -29.64 33.77 -8.02
C LYS A 439 -29.75 34.41 -9.40
N ARG A 440 -30.98 34.48 -9.91
CA ARG A 440 -31.25 35.11 -11.21
C ARG A 440 -31.34 36.63 -11.12
N ALA A 441 -30.69 37.30 -12.06
CA ALA A 441 -30.74 38.76 -12.20
C ALA A 441 -30.02 39.15 -13.47
N THR A 442 -30.31 40.36 -13.97
CA THR A 442 -29.53 40.93 -15.05
C THR A 442 -28.44 41.77 -14.43
N LEU A 443 -27.36 41.96 -15.18
CA LEU A 443 -26.22 42.75 -14.71
C LEU A 443 -26.59 44.14 -14.16
N ALA A 444 -27.72 44.68 -14.62
CA ALA A 444 -28.18 45.99 -14.18
C ALA A 444 -28.89 45.94 -12.82
N GLU A 445 -29.64 44.88 -12.56
CA GLU A 445 -30.34 44.75 -11.29
C GLU A 445 -29.38 44.62 -10.11
N LEU A 446 -28.15 44.22 -10.39
CA LEU A 446 -27.17 43.95 -9.34
C LEU A 446 -26.30 45.15 -8.98
N GLY A 447 -26.05 46.03 -9.95
CA GLY A 447 -25.27 47.23 -9.72
C GLY A 447 -23.78 46.95 -9.74
N ASP A 448 -23.00 47.77 -9.03
CA ASP A 448 -21.54 47.63 -9.01
C ASP A 448 -21.10 46.40 -8.20
N LEU A 449 -22.07 45.74 -7.56
CA LEU A 449 -21.82 44.48 -6.86
C LEU A 449 -21.50 43.34 -7.82
N ALA A 450 -22.02 43.43 -9.04
CA ALA A 450 -21.77 42.45 -10.09
C ALA A 450 -20.47 42.74 -10.82
N ILE A 451 -19.91 41.70 -11.43
CA ILE A 451 -18.65 41.82 -12.16
C ILE A 451 -18.82 41.25 -13.55
N HIS A 452 -18.64 42.09 -14.55
CA HIS A 452 -18.82 41.68 -15.94
C HIS A 452 -17.82 40.58 -16.27
N PRO A 453 -18.28 39.48 -16.90
CA PRO A 453 -17.36 38.36 -17.19
C PRO A 453 -16.14 38.72 -18.05
N GLU A 454 -16.24 39.77 -18.85
CA GLU A 454 -15.12 40.15 -19.71
C GLU A 454 -13.92 40.65 -18.90
N GLN A 455 -14.17 41.06 -17.66
CA GLN A 455 -13.08 41.48 -16.77
C GLN A 455 -12.20 40.28 -16.42
N CYS A 456 -12.83 39.12 -16.35
CA CYS A 456 -12.12 37.89 -15.99
C CYS A 456 -11.56 37.18 -17.21
N LEU A 457 -12.37 37.11 -18.27
CA LEU A 457 -12.00 36.36 -19.48
C LEU A 457 -10.93 37.06 -20.31
N CYS A 458 -11.08 38.36 -20.48
CA CYS A 458 -10.07 39.19 -21.17
C CYS A 458 -9.86 38.75 -22.63
N PHE A 459 -10.95 38.46 -23.34
CA PHE A 459 -10.86 38.20 -24.78
C PHE A 459 -10.89 39.53 -25.53
N SER A 460 -10.12 39.60 -26.61
CA SER A 460 -10.04 40.83 -27.39
C SER A 460 -11.28 41.01 -28.24
N ASP A 461 -11.56 42.25 -28.60
CA ASP A 461 -12.66 42.59 -29.51
C ASP A 461 -12.54 41.81 -30.81
N GLY A 462 -11.31 41.74 -31.33
CA GLY A 462 -11.04 41.07 -32.60
C GLY A 462 -11.23 39.57 -32.55
N GLN A 463 -11.02 38.99 -31.37
CA GLN A 463 -11.22 37.55 -31.16
C GLN A 463 -12.70 37.19 -31.21
N TYR A 464 -13.51 37.91 -30.43
CA TYR A 464 -14.96 37.72 -30.46
C TYR A 464 -15.50 37.84 -31.89
N ALA A 465 -14.92 38.76 -32.66
CA ALA A 465 -15.45 39.04 -34.00
C ALA A 465 -15.25 37.85 -34.94
N ASN A 466 -14.11 37.19 -34.83
CA ASN A 466 -13.80 36.01 -35.65
C ASN A 466 -13.82 34.72 -34.82
N ARG A 467 -14.72 34.66 -33.85
CA ARG A 467 -14.94 33.47 -33.02
C ARG A 467 -14.93 32.17 -33.82
N GLU A 468 -15.95 32.02 -34.65
CA GLU A 468 -16.25 30.76 -35.32
C GLU A 468 -15.09 30.30 -36.19
N THR A 469 -14.49 31.22 -36.91
CA THR A 469 -13.35 30.89 -37.76
C THR A 469 -12.21 30.43 -36.88
N LEU A 470 -11.83 31.25 -35.92
CA LEU A 470 -10.72 30.90 -35.04
C LEU A 470 -10.93 29.56 -34.32
N ASN A 471 -12.10 29.38 -33.72
CA ASN A 471 -12.38 28.16 -32.96
C ASN A 471 -12.26 26.87 -33.79
N GLU A 472 -12.66 26.93 -35.05
CA GLU A 472 -12.57 25.77 -35.93
C GLU A 472 -11.12 25.43 -36.25
N GLN A 473 -10.37 26.42 -36.74
CA GLN A 473 -8.97 26.23 -37.09
C GLN A 473 -8.07 26.45 -35.88
N ALA A 474 -8.41 25.78 -34.79
CA ALA A 474 -7.67 25.90 -33.53
C ALA A 474 -7.09 24.54 -33.16
N THR A 475 -5.80 24.54 -32.83
CA THR A 475 -5.07 23.31 -32.53
C THR A 475 -5.49 22.68 -31.20
N VAL A 476 -6.05 23.49 -30.30
CA VAL A 476 -6.25 23.07 -28.92
C VAL A 476 -7.64 23.46 -28.40
N ALA A 477 -8.12 22.72 -27.40
CA ALA A 477 -9.44 22.97 -26.82
C ALA A 477 -9.46 24.14 -25.83
N HIS A 478 -8.28 24.53 -25.34
CA HIS A 478 -8.17 25.61 -24.35
C HIS A 478 -8.36 26.98 -24.99
N ASP A 479 -8.16 27.05 -26.31
CA ASP A 479 -8.23 28.31 -27.04
C ASP A 479 -9.67 28.72 -27.37
N TRP A 480 -10.65 28.05 -26.78
CA TRP A 480 -12.04 28.24 -27.18
C TRP A 480 -12.59 29.62 -26.80
N ILE A 481 -13.03 30.37 -27.81
CA ILE A 481 -13.52 31.72 -27.62
C ILE A 481 -15.05 31.68 -27.52
N PRO A 482 -15.60 32.04 -26.35
CA PRO A 482 -17.05 31.98 -26.18
C PRO A 482 -17.79 33.13 -26.85
N GLN A 483 -19.11 33.01 -26.97
CA GLN A 483 -19.95 34.10 -27.47
C GLN A 483 -19.90 35.28 -26.51
N ARG A 484 -20.14 36.48 -27.02
CA ARG A 484 -20.12 37.66 -26.17
C ARG A 484 -21.24 37.56 -25.14
N PHE A 485 -20.97 38.02 -23.92
CA PHE A 485 -21.98 38.05 -22.89
C PHE A 485 -23.04 39.08 -23.23
N ASP A 486 -24.30 38.67 -23.20
CA ASP A 486 -25.41 39.55 -23.48
C ASP A 486 -26.02 40.10 -22.20
N ALA A 487 -25.70 41.35 -21.89
CA ALA A 487 -26.07 41.95 -20.61
C ALA A 487 -27.58 42.09 -20.42
N SER A 488 -28.34 41.91 -21.49
CA SER A 488 -29.79 42.00 -21.42
C SER A 488 -30.44 40.74 -20.88
N GLN A 489 -29.71 39.63 -20.91
CA GLN A 489 -30.22 38.34 -20.44
C GLN A 489 -29.98 38.16 -18.95
N ALA A 490 -31.04 37.86 -18.21
CA ALA A 490 -30.90 37.53 -16.80
C ALA A 490 -30.26 36.14 -16.67
N ILE A 491 -29.03 36.11 -16.17
CA ILE A 491 -28.31 34.85 -15.98
C ILE A 491 -28.27 34.47 -14.50
N GLU A 492 -27.66 33.34 -14.18
CA GLU A 492 -27.45 32.96 -12.78
C GLU A 492 -26.15 33.53 -12.23
N TRP A 493 -26.26 34.28 -11.13
CA TRP A 493 -25.10 34.87 -10.46
C TRP A 493 -24.83 34.15 -9.14
N THR A 494 -23.54 33.96 -8.84
CA THR A 494 -23.12 33.26 -7.63
C THR A 494 -22.39 34.25 -6.74
N PRO A 495 -22.72 34.25 -5.44
CA PRO A 495 -22.04 35.19 -4.54
C PRO A 495 -20.61 34.76 -4.29
N VAL A 496 -19.69 35.72 -4.34
CA VAL A 496 -18.28 35.48 -4.03
C VAL A 496 -17.83 36.50 -2.99
N TRP A 497 -16.94 36.08 -2.09
CA TRP A 497 -16.45 36.95 -1.02
C TRP A 497 -15.23 37.71 -1.47
N SER A 498 -15.28 39.03 -1.32
CA SER A 498 -14.17 39.89 -1.66
C SER A 498 -13.28 40.16 -0.45
N LEU A 499 -12.08 39.57 -0.45
CA LEU A 499 -11.16 39.74 0.68
C LEU A 499 -10.66 41.17 0.79
N THR A 500 -10.49 41.84 -0.34
CA THR A 500 -10.00 43.22 -0.34
C THR A 500 -11.06 44.16 0.22
N GLU A 501 -12.31 43.95 -0.19
CA GLU A 501 -13.39 44.86 0.16
C GLU A 501 -14.27 44.31 1.27
N GLN A 502 -14.01 43.07 1.68
CA GLN A 502 -14.65 42.48 2.86
C GLN A 502 -16.17 42.39 2.72
N THR A 503 -16.62 42.04 1.52
CA THR A 503 -18.03 42.00 1.23
C THR A 503 -18.28 41.08 0.04
N HIS A 504 -19.54 40.77 -0.21
CA HIS A 504 -19.90 39.92 -1.34
C HIS A 504 -19.93 40.67 -2.66
N LYS A 505 -19.51 39.99 -3.73
CA LYS A 505 -19.70 40.47 -5.09
C LYS A 505 -20.39 39.34 -5.86
N TYR A 506 -20.41 39.42 -7.18
CA TYR A 506 -21.06 38.39 -7.98
C TYR A 506 -20.37 38.12 -9.30
N LEU A 507 -19.93 36.88 -9.51
CA LEU A 507 -19.54 36.42 -10.84
C LEU A 507 -20.68 35.62 -11.42
N PRO A 508 -20.82 35.62 -12.75
CA PRO A 508 -21.78 34.69 -13.35
C PRO A 508 -21.44 33.26 -12.96
N THR A 509 -22.44 32.44 -12.67
CA THR A 509 -22.20 31.09 -12.17
C THR A 509 -21.35 30.26 -13.12
N ALA A 510 -21.47 30.55 -14.41
CA ALA A 510 -20.75 29.78 -15.43
C ALA A 510 -19.24 29.83 -15.25
N LEU A 511 -18.74 30.91 -14.62
CA LEU A 511 -17.31 31.07 -14.39
C LEU A 511 -16.81 30.33 -13.17
N CYS A 512 -17.70 30.18 -12.19
CA CYS A 512 -17.31 29.72 -10.86
C CYS A 512 -17.19 28.20 -10.72
N TYR A 513 -17.87 27.45 -11.57
CA TYR A 513 -17.89 26.00 -11.45
C TYR A 513 -17.71 25.32 -12.81
N TYR A 514 -17.13 24.13 -12.81
CA TYR A 514 -16.95 23.37 -14.05
C TYR A 514 -18.29 22.86 -14.60
N HIS A 515 -18.43 22.91 -15.91
CA HIS A 515 -19.57 22.30 -16.59
C HIS A 515 -20.93 22.82 -16.12
N TYR A 516 -21.06 24.14 -16.12
CA TYR A 516 -22.35 24.78 -15.93
C TYR A 516 -23.10 24.82 -17.27
N PRO A 517 -24.31 24.23 -17.34
CA PRO A 517 -25.02 24.18 -18.62
C PRO A 517 -25.61 25.54 -19.04
N LEU A 518 -25.21 26.03 -20.22
CA LEU A 518 -25.71 27.30 -20.74
C LEU A 518 -26.50 27.07 -22.02
N PRO A 519 -27.49 27.94 -22.29
CA PRO A 519 -28.25 27.82 -23.54
C PRO A 519 -27.35 27.97 -24.78
N PRO A 520 -27.65 27.23 -25.86
CA PRO A 520 -26.80 27.30 -27.07
C PRO A 520 -26.65 28.68 -27.70
N GLU A 521 -27.57 29.59 -27.43
CA GLU A 521 -27.52 30.95 -28.00
C GLU A 521 -26.92 31.96 -27.03
N HIS A 522 -26.41 31.48 -25.90
CA HIS A 522 -25.80 32.34 -24.88
C HIS A 522 -24.72 31.58 -24.09
N ARG A 523 -23.79 30.97 -24.81
CA ARG A 523 -22.68 30.28 -24.18
C ARG A 523 -21.51 31.22 -24.01
N PHE A 524 -21.58 32.09 -23.02
CA PHE A 524 -20.58 33.13 -22.84
C PHE A 524 -19.36 32.70 -22.01
N ALA A 525 -19.38 31.47 -21.49
CA ALA A 525 -18.24 30.99 -20.71
C ALA A 525 -18.21 29.47 -20.45
N ARG A 526 -16.98 28.96 -20.32
CA ARG A 526 -16.71 27.64 -19.75
C ARG A 526 -15.88 27.84 -18.49
N GLY A 527 -16.26 27.21 -17.39
CA GLY A 527 -15.50 27.31 -16.15
C GLY A 527 -14.11 26.71 -16.32
N ASP A 528 -13.08 27.51 -16.03
CA ASP A 528 -11.70 27.06 -16.17
C ASP A 528 -11.12 26.62 -14.83
N SER A 529 -9.87 26.18 -14.85
CA SER A 529 -9.18 25.67 -13.66
C SER A 529 -8.30 26.74 -13.00
N ASN A 530 -8.46 27.99 -13.42
CA ASN A 530 -7.50 29.02 -13.04
C ASN A 530 -7.82 29.68 -11.70
N GLY A 531 -7.03 29.33 -10.68
CA GLY A 531 -7.24 29.84 -9.34
C GLY A 531 -7.83 28.81 -8.40
N ASN A 532 -8.13 27.61 -8.91
CA ASN A 532 -8.66 26.54 -8.09
C ASN A 532 -7.57 25.90 -7.25
N ALA A 533 -7.89 25.61 -5.99
CA ALA A 533 -6.92 24.99 -5.08
C ALA A 533 -7.58 24.29 -3.90
N ALA A 534 -7.02 23.13 -3.53
CA ALA A 534 -7.44 22.45 -2.31
C ALA A 534 -6.43 22.70 -1.18
N GLY A 535 -6.79 22.27 0.02
CA GLY A 535 -5.95 22.46 1.20
C GLY A 535 -6.60 21.91 2.44
N ASN A 536 -5.80 21.72 3.49
CA ASN A 536 -6.34 21.21 4.75
C ASN A 536 -7.16 22.25 5.50
N THR A 537 -6.97 23.52 5.17
CA THR A 537 -7.78 24.61 5.72
C THR A 537 -8.13 25.58 4.61
N LEU A 538 -9.14 26.42 4.83
CA LEU A 538 -9.56 27.39 3.82
C LEU A 538 -8.45 28.39 3.48
N GLU A 539 -7.75 28.83 4.51
CA GLU A 539 -6.70 29.83 4.33
C GLU A 539 -5.51 29.22 3.59
N GLU A 540 -5.23 27.97 3.89
CA GLU A 540 -4.22 27.20 3.17
C GLU A 540 -4.57 27.11 1.69
N ALA A 541 -5.86 26.91 1.41
CA ALA A 541 -6.34 26.76 0.04
C ALA A 541 -6.36 28.10 -0.70
N ILE A 542 -6.83 29.15 -0.05
CA ILE A 542 -6.89 30.46 -0.67
C ILE A 542 -5.49 30.96 -1.04
N LEU A 543 -4.52 30.63 -0.20
CA LEU A 543 -3.14 31.02 -0.45
C LEU A 543 -2.58 30.35 -1.70
N GLN A 544 -2.74 29.03 -1.80
CA GLN A 544 -2.21 28.30 -2.94
C GLN A 544 -2.91 28.73 -4.22
N GLY A 545 -4.20 29.00 -4.12
CA GLY A 545 -5.00 29.43 -5.26
C GLY A 545 -4.51 30.75 -5.81
N PHE A 546 -4.21 31.68 -4.92
CA PHE A 546 -3.67 32.99 -5.31
C PHE A 546 -2.38 32.82 -6.09
N MET A 547 -1.54 31.90 -5.67
CA MET A 547 -0.25 31.68 -6.29
C MET A 547 -0.40 31.06 -7.68
N GLU A 548 -1.48 30.31 -7.90
CA GLU A 548 -1.74 29.76 -9.23
C GLU A 548 -1.98 30.90 -10.21
N LEU A 549 -2.68 31.93 -9.76
CA LEU A 549 -2.95 33.08 -10.60
C LEU A 549 -1.67 33.87 -10.92
N VAL A 550 -0.79 34.00 -9.95
CA VAL A 550 0.47 34.70 -10.12
C VAL A 550 1.33 34.06 -11.20
N GLU A 551 1.33 32.73 -11.23
CA GLU A 551 2.18 31.99 -12.16
C GLU A 551 1.63 32.09 -13.58
N ARG A 552 0.32 31.92 -13.74
CA ARG A 552 -0.29 31.95 -15.06
C ARG A 552 -0.19 33.35 -15.65
N ASP A 553 -0.20 34.35 -14.76
CA ASP A 553 -0.02 35.74 -15.14
C ASP A 553 1.39 35.98 -15.62
N GLY A 554 2.37 35.57 -14.82
CA GLY A 554 3.77 35.72 -15.15
C GLY A 554 4.16 34.99 -16.42
N VAL A 555 3.69 33.76 -16.57
CA VAL A 555 3.90 33.01 -17.80
C VAL A 555 3.31 33.76 -18.99
N ALA A 556 2.07 34.21 -18.86
CA ALA A 556 1.40 34.89 -19.94
C ALA A 556 2.21 36.08 -20.46
N LEU A 557 2.67 36.92 -19.53
CA LEU A 557 3.48 38.08 -19.87
C LEU A 557 4.72 37.67 -20.64
N TRP A 558 5.39 36.64 -20.13
CA TRP A 558 6.63 36.16 -20.71
C TRP A 558 6.40 35.48 -22.05
N TRP A 559 5.47 34.54 -22.08
CA TRP A 559 5.25 33.70 -23.26
C TRP A 559 4.78 34.47 -24.50
N TYR A 560 3.82 35.38 -24.32
CA TYR A 560 3.21 36.08 -25.44
C TYR A 560 3.94 37.33 -25.89
N ASN A 561 4.59 38.04 -24.96
CA ASN A 561 5.50 39.12 -25.34
C ASN A 561 6.84 38.55 -25.76
N ARG A 562 7.08 37.28 -25.42
CA ARG A 562 8.33 36.60 -25.77
C ARG A 562 9.52 37.36 -25.20
N LEU A 563 9.43 37.66 -23.92
CA LEU A 563 10.48 38.36 -23.19
C LEU A 563 11.66 37.43 -22.88
N ARG A 564 12.87 37.92 -23.12
CA ARG A 564 14.05 37.20 -22.70
C ARG A 564 14.23 37.41 -21.20
N ARG A 565 14.29 36.30 -20.46
CA ARG A 565 14.34 36.37 -19.00
C ARG A 565 15.69 35.88 -18.47
N PRO A 566 16.11 36.38 -17.30
CA PRO A 566 17.35 35.91 -16.68
C PRO A 566 17.16 34.55 -16.00
N ALA A 567 18.23 33.75 -15.97
CA ALA A 567 18.20 32.46 -15.31
C ALA A 567 18.52 32.62 -13.84
N VAL A 568 18.25 31.57 -13.06
CA VAL A 568 18.54 31.56 -11.64
C VAL A 568 19.78 30.72 -11.35
N ASP A 569 20.65 31.21 -10.48
CA ASP A 569 21.78 30.44 -9.97
C ASP A 569 21.29 29.54 -8.85
N LEU A 570 21.02 28.29 -9.21
CA LEU A 570 20.37 27.34 -8.30
C LEU A 570 21.28 26.99 -7.12
N GLY A 571 22.58 27.18 -7.27
CA GLY A 571 23.53 26.88 -6.22
C GLY A 571 23.52 27.88 -5.08
N SER A 572 23.05 29.10 -5.35
CA SER A 572 23.03 30.16 -4.33
C SER A 572 22.00 29.88 -3.23
N PHE A 573 21.09 28.95 -3.49
CA PHE A 573 20.09 28.53 -2.51
C PHE A 573 20.65 27.42 -1.65
N ASN A 574 20.32 27.43 -0.37
CA ASN A 574 20.80 26.40 0.56
C ASN A 574 19.95 25.14 0.41
N GLU A 575 19.95 24.58 -0.79
CA GLU A 575 19.17 23.37 -1.09
C GLU A 575 19.93 22.53 -2.10
N PRO A 576 20.40 21.33 -1.69
CA PRO A 576 21.16 20.49 -2.61
C PRO A 576 20.31 19.83 -3.69
N TYR A 577 19.02 19.62 -3.41
CA TYR A 577 18.12 18.94 -4.36
C TYR A 577 18.14 19.57 -5.76
N PHE A 578 18.47 20.86 -5.83
CA PHE A 578 18.56 21.56 -7.11
C PHE A 578 19.73 21.07 -7.95
N VAL A 579 20.92 21.08 -7.36
CA VAL A 579 22.12 20.66 -8.07
C VAL A 579 22.12 19.16 -8.32
N GLN A 580 21.54 18.40 -7.39
CA GLN A 580 21.41 16.95 -7.56
C GLN A 580 20.52 16.63 -8.74
N LEU A 581 19.49 17.43 -8.93
CA LEU A 581 18.55 17.25 -10.03
C LEU A 581 19.19 17.65 -11.36
N GLN A 582 19.94 18.75 -11.35
CA GLN A 582 20.67 19.19 -12.54
C GLN A 582 21.56 18.08 -13.09
N GLN A 583 22.39 17.51 -12.21
CA GLN A 583 23.30 16.44 -12.59
C GLN A 583 22.55 15.25 -13.18
N PHE A 584 21.46 14.87 -12.54
CA PHE A 584 20.65 13.75 -13.00
C PHE A 584 20.16 13.94 -14.43
N TYR A 585 19.73 15.16 -14.74
CA TYR A 585 19.23 15.47 -16.08
C TYR A 585 20.35 15.39 -17.12
N ARG A 586 21.55 15.80 -16.72
CA ARG A 586 22.69 15.80 -17.62
C ARG A 586 23.09 14.39 -18.05
N GLU A 587 22.99 13.44 -17.13
CA GLU A 587 23.32 12.04 -17.45
C GLU A 587 22.31 11.43 -18.40
N ASN A 588 21.11 12.01 -18.42
CA ASN A 588 20.01 11.48 -19.22
C ASN A 588 19.65 12.34 -20.44
N ASP A 589 20.68 12.79 -21.16
CA ASP A 589 20.49 13.53 -22.41
C ASP A 589 19.63 14.77 -22.25
N ARG A 590 19.73 15.44 -21.10
CA ARG A 590 18.96 16.66 -20.85
C ARG A 590 19.76 17.76 -20.16
N ASP A 591 19.36 18.99 -20.42
CA ASP A 591 19.80 20.15 -19.64
C ASP A 591 18.60 20.73 -18.91
N LEU A 592 18.86 21.49 -17.87
CA LEU A 592 17.79 22.09 -17.08
C LEU A 592 18.21 23.44 -16.53
N TRP A 593 17.33 24.43 -16.71
CA TRP A 593 17.55 25.78 -16.18
C TRP A 593 16.22 26.40 -15.74
N VAL A 594 16.31 27.52 -15.05
CA VAL A 594 15.14 28.16 -14.45
C VAL A 594 15.10 29.65 -14.77
N LEU A 595 14.08 30.06 -15.53
CA LEU A 595 13.88 31.45 -15.86
C LEU A 595 13.08 32.14 -14.75
N ASP A 596 13.47 33.38 -14.43
CA ASP A 596 12.68 34.19 -13.52
C ASP A 596 11.57 34.94 -14.26
N LEU A 597 10.34 34.71 -13.85
CA LEU A 597 9.17 35.37 -14.45
C LEU A 597 8.50 36.34 -13.48
N THR A 598 9.15 36.61 -12.35
CA THR A 598 8.63 37.52 -11.33
C THR A 598 8.26 38.85 -11.97
N ALA A 599 7.01 39.25 -11.79
CA ALA A 599 6.47 40.43 -12.45
C ALA A 599 6.24 41.58 -11.46
N ASP A 600 5.17 42.35 -11.65
CA ASP A 600 4.96 43.58 -10.91
C ASP A 600 4.45 43.35 -9.49
N LEU A 601 3.87 42.20 -9.22
CA LEU A 601 3.44 41.86 -7.87
C LEU A 601 4.66 41.50 -7.00
N GLY A 602 5.79 41.20 -7.66
CA GLY A 602 7.04 40.93 -6.95
C GLY A 602 7.15 39.56 -6.33
N ILE A 603 6.11 38.74 -6.46
CA ILE A 603 6.14 37.39 -5.91
C ILE A 603 6.98 36.45 -6.77
N PRO A 604 7.96 35.76 -6.16
CA PRO A 604 8.84 34.87 -6.92
C PRO A 604 8.08 33.87 -7.77
N ALA A 605 8.26 33.93 -9.09
CA ALA A 605 7.70 32.94 -10.00
C ALA A 605 8.76 32.50 -11.00
N PHE A 606 8.75 31.22 -11.35
CA PHE A 606 9.80 30.65 -12.18
C PHE A 606 9.28 29.73 -13.28
N ALA A 607 10.14 29.46 -14.25
CA ALA A 607 9.82 28.56 -15.33
C ALA A 607 10.97 27.58 -15.50
N GLY A 608 10.74 26.33 -15.12
CA GLY A 608 11.69 25.27 -15.39
C GLY A 608 11.64 24.94 -16.86
N VAL A 609 12.82 24.82 -17.47
CA VAL A 609 12.91 24.49 -18.89
C VAL A 609 13.94 23.39 -19.09
N SER A 610 13.53 22.33 -19.76
CA SER A 610 14.42 21.22 -20.05
C SER A 610 14.28 20.78 -21.50
N ASN A 611 15.36 20.27 -22.07
CA ASN A 611 15.39 19.86 -23.46
C ASN A 611 16.38 18.73 -23.66
N ARG A 612 16.12 17.88 -24.66
CA ARG A 612 17.01 16.77 -24.96
C ARG A 612 18.13 17.20 -25.89
N LYS A 613 19.32 16.64 -25.66
CA LYS A 613 20.49 16.97 -26.46
C LYS A 613 20.56 16.13 -27.73
N THR A 614 20.15 14.86 -27.61
CA THR A 614 20.28 13.90 -28.70
C THR A 614 18.92 13.43 -29.20
N GLY A 615 18.82 13.23 -30.51
CA GLY A 615 17.61 12.69 -31.13
C GLY A 615 17.06 13.58 -32.22
N SER A 616 15.98 13.11 -32.84
CA SER A 616 15.28 13.90 -33.84
C SER A 616 14.48 15.01 -33.16
N SER A 617 14.09 14.75 -31.91
CA SER A 617 13.25 15.66 -31.15
C SER A 617 14.01 16.25 -29.96
N GLU A 618 13.83 17.55 -29.75
CA GLU A 618 14.41 18.22 -28.59
C GLU A 618 13.54 18.00 -27.36
N ARG A 619 12.24 17.89 -27.59
CA ARG A 619 11.26 17.64 -26.53
C ARG A 619 11.36 18.66 -25.39
N LEU A 620 11.20 19.93 -25.75
CA LEU A 620 11.17 21.01 -24.78
C LEU A 620 10.01 20.79 -23.84
N ILE A 621 10.25 20.93 -22.54
CA ILE A 621 9.18 20.79 -21.56
C ILE A 621 9.26 21.93 -20.55
N LEU A 622 8.10 22.36 -20.07
CA LEU A 622 8.01 23.54 -19.22
C LEU A 622 7.35 23.22 -17.90
N GLY A 623 7.89 23.79 -16.83
CA GLY A 623 7.31 23.67 -15.51
C GLY A 623 7.31 25.04 -14.84
N PHE A 624 6.19 25.41 -14.24
CA PHE A 624 6.04 26.72 -13.66
C PHE A 624 5.72 26.61 -12.18
N GLY A 625 5.93 27.71 -11.46
CA GLY A 625 5.70 27.73 -10.02
C GLY A 625 5.90 29.10 -9.42
N ALA A 626 5.05 29.43 -8.45
CA ALA A 626 5.18 30.68 -7.73
C ALA A 626 4.80 30.53 -6.26
N HIS A 627 5.53 31.25 -5.41
CA HIS A 627 5.33 31.16 -3.96
C HIS A 627 6.11 32.29 -3.31
N LEU A 628 5.69 32.70 -2.12
CA LEU A 628 6.40 33.76 -1.42
C LEU A 628 7.83 33.34 -1.13
N ASP A 629 8.00 32.04 -0.90
CA ASP A 629 9.31 31.44 -0.69
C ASP A 629 9.89 30.98 -2.04
N PRO A 630 10.94 31.68 -2.52
CA PRO A 630 11.48 31.35 -3.85
C PRO A 630 11.96 29.90 -3.96
N THR A 631 12.40 29.33 -2.86
CA THR A 631 12.82 27.94 -2.86
C THR A 631 11.65 27.05 -3.27
N ILE A 632 10.55 27.15 -2.53
CA ILE A 632 9.34 26.40 -2.81
C ILE A 632 8.89 26.68 -4.26
N ALA A 633 9.04 27.94 -4.68
CA ALA A 633 8.61 28.34 -6.02
C ALA A 633 9.39 27.59 -7.08
N ILE A 634 10.70 27.43 -6.87
CA ILE A 634 11.55 26.73 -7.82
C ILE A 634 11.27 25.23 -7.74
N LEU A 635 11.06 24.73 -6.52
CA LEU A 635 10.66 23.33 -6.33
C LEU A 635 9.45 23.00 -7.20
N ARG A 636 8.41 23.83 -7.06
CA ARG A 636 7.15 23.63 -7.76
C ARG A 636 7.36 23.54 -9.28
N ALA A 637 8.29 24.35 -9.78
CA ALA A 637 8.59 24.40 -11.20
C ALA A 637 9.31 23.14 -11.66
N VAL A 638 10.45 22.85 -11.04
CA VAL A 638 11.27 21.73 -11.50
C VAL A 638 10.65 20.35 -11.26
N THR A 639 9.71 20.24 -10.32
CA THR A 639 9.00 18.96 -10.12
C THR A 639 7.84 18.83 -11.09
N GLU A 640 7.40 19.94 -11.66
CA GLU A 640 6.44 19.91 -12.75
C GLU A 640 7.16 19.48 -14.03
N VAL A 641 8.43 19.86 -14.13
CA VAL A 641 9.25 19.47 -15.28
C VAL A 641 9.57 17.99 -15.18
N ASN A 642 9.68 17.49 -13.96
CA ASN A 642 9.98 16.08 -13.72
C ASN A 642 8.83 15.15 -14.09
N GLN A 643 7.62 15.54 -13.72
CA GLN A 643 6.45 14.69 -13.95
C GLN A 643 6.12 14.56 -15.43
N ILE A 644 6.24 15.67 -16.17
CA ILE A 644 6.04 15.65 -17.61
C ILE A 644 7.23 14.99 -18.28
N GLY A 645 8.42 15.39 -17.88
CA GLY A 645 9.64 15.07 -18.59
C GLY A 645 9.95 13.61 -18.81
N LEU A 646 10.35 12.93 -17.74
CA LEU A 646 10.93 11.60 -17.86
C LEU A 646 10.00 10.57 -18.49
N GLU A 647 8.69 10.83 -18.39
CA GLU A 647 7.70 9.84 -18.77
C GLU A 647 7.44 9.83 -20.27
N LEU A 648 7.83 10.90 -20.94
CA LEU A 648 7.67 11.00 -22.38
C LEU A 648 8.90 10.50 -23.12
N ASP A 649 10.07 10.65 -22.49
CA ASP A 649 11.35 10.40 -23.17
C ASP A 649 11.57 8.94 -23.56
N LYS A 650 11.29 8.02 -22.64
CA LYS A 650 11.37 6.59 -22.93
C LYS A 650 10.40 6.20 -24.04
N VAL A 651 9.28 6.92 -24.10
CA VAL A 651 8.22 6.68 -25.08
C VAL A 651 8.61 7.29 -26.44
N PRO A 652 8.79 6.44 -27.47
CA PRO A 652 9.18 6.97 -28.79
C PRO A 652 8.14 7.92 -29.41
N ASP A 653 8.53 8.56 -30.51
CA ASP A 653 7.75 9.64 -31.12
C ASP A 653 6.36 9.20 -31.61
N GLU A 654 6.31 8.06 -32.30
CA GLU A 654 5.05 7.53 -32.82
C GLU A 654 4.07 7.19 -31.69
N ASN A 655 4.63 6.71 -30.59
CA ASN A 655 3.81 6.27 -29.46
C ASN A 655 3.23 7.47 -28.69
N LEU A 656 3.83 8.64 -28.87
CA LEU A 656 3.37 9.85 -28.18
C LEU A 656 1.97 10.28 -28.62
N LYS A 657 1.07 10.42 -27.66
CA LYS A 657 -0.29 10.93 -27.92
C LYS A 657 -0.78 11.83 -26.76
N SER A 658 0.16 12.54 -26.15
CA SER A 658 -0.15 13.64 -25.24
C SER A 658 -0.71 14.81 -26.03
N ASP A 659 -1.29 15.79 -25.33
CA ASP A 659 -1.83 16.97 -26.00
C ASP A 659 -0.70 17.78 -26.62
N ALA A 660 0.42 17.87 -25.92
CA ALA A 660 1.57 18.61 -26.39
C ALA A 660 2.44 17.79 -27.34
N THR A 661 1.83 16.87 -28.08
CA THR A 661 2.59 15.97 -28.94
C THR A 661 3.30 16.66 -30.08
N ASP A 662 2.55 17.41 -30.88
CA ASP A 662 3.12 18.16 -32.00
C ASP A 662 4.25 19.07 -31.53
N TRP A 663 4.13 19.57 -30.30
CA TRP A 663 5.12 20.46 -29.70
C TRP A 663 6.44 19.76 -29.38
N LEU A 664 6.36 18.52 -28.92
CA LEU A 664 7.55 17.80 -28.47
C LEU A 664 8.40 17.29 -29.63
N ILE A 665 7.77 17.00 -30.76
CA ILE A 665 8.49 16.48 -31.93
C ILE A 665 9.01 17.63 -32.79
N THR A 666 8.11 18.52 -33.21
CA THR A 666 8.42 19.55 -34.19
C THR A 666 9.30 20.66 -33.62
N GLU A 667 8.91 21.20 -32.47
CA GLU A 667 9.49 22.45 -32.00
C GLU A 667 10.87 22.29 -31.37
N LYS A 668 11.79 23.10 -31.88
CA LYS A 668 13.16 23.16 -31.40
C LYS A 668 13.40 24.47 -30.66
N LEU A 669 14.44 24.50 -29.84
CA LEU A 669 14.78 25.66 -29.03
C LEU A 669 15.19 26.85 -29.91
N ALA A 670 15.58 26.56 -31.15
CA ALA A 670 15.91 27.60 -32.12
C ALA A 670 14.68 28.41 -32.55
N ASP A 671 13.50 27.83 -32.37
CA ASP A 671 12.26 28.47 -32.78
C ASP A 671 11.71 29.35 -31.68
N HIS A 672 12.27 29.21 -30.48
CA HIS A 672 11.76 29.92 -29.32
C HIS A 672 12.89 30.33 -28.41
N PRO A 673 13.73 31.29 -28.85
CA PRO A 673 14.89 31.77 -28.08
C PRO A 673 14.53 32.40 -26.74
N TYR A 674 13.26 32.72 -26.54
CA TYR A 674 12.80 33.25 -25.25
C TYR A 674 12.68 32.16 -24.18
N LEU A 675 13.00 30.92 -24.55
CA LEU A 675 13.00 29.80 -23.62
C LEU A 675 14.34 29.65 -22.90
N LEU A 676 15.41 29.96 -23.60
CA LEU A 676 16.75 29.90 -23.01
C LEU A 676 17.03 31.28 -22.42
N PRO A 677 17.88 31.34 -21.38
CA PRO A 677 18.02 32.56 -20.59
C PRO A 677 18.73 33.70 -21.31
N ASP A 678 18.62 34.90 -20.71
CA ASP A 678 19.25 36.09 -21.25
C ASP A 678 20.69 36.24 -20.75
N THR A 679 21.65 36.02 -21.63
CA THR A 679 23.06 36.18 -21.30
C THR A 679 23.39 37.64 -20.93
N THR A 680 22.51 38.56 -21.29
CA THR A 680 22.72 39.99 -21.04
C THR A 680 22.54 40.37 -19.58
N GLN A 681 21.55 39.77 -18.92
CA GLN A 681 21.28 40.05 -17.51
C GLN A 681 22.10 39.15 -16.60
N PRO A 682 22.28 39.55 -15.34
CA PRO A 682 23.00 38.68 -14.42
C PRO A 682 22.10 37.57 -13.90
N LEU A 683 22.70 36.50 -13.39
CA LEU A 683 21.94 35.41 -12.77
C LEU A 683 21.27 35.88 -11.49
N LYS A 684 20.01 35.50 -11.33
CA LYS A 684 19.28 35.74 -10.09
C LYS A 684 19.76 34.73 -9.06
N THR A 685 19.91 35.19 -7.82
CA THR A 685 20.37 34.33 -6.73
C THR A 685 19.37 34.32 -5.60
N ALA A 686 19.70 33.62 -4.53
CA ALA A 686 18.85 33.53 -3.35
C ALA A 686 18.69 34.88 -2.65
N GLN A 687 19.71 35.72 -2.78
CA GLN A 687 19.74 37.02 -2.12
C GLN A 687 18.84 38.04 -2.82
N ASP A 688 18.28 37.66 -3.97
CA ASP A 688 17.51 38.60 -4.80
C ASP A 688 16.02 38.56 -4.53
N TYR A 689 15.57 37.60 -3.73
CA TYR A 689 14.13 37.42 -3.48
C TYR A 689 13.79 37.64 -2.00
N PRO A 690 13.38 38.87 -1.64
CA PRO A 690 13.20 39.18 -0.22
C PRO A 690 12.06 38.41 0.43
N LYS A 691 12.18 38.15 1.72
CA LYS A 691 11.20 37.39 2.47
C LYS A 691 9.97 38.24 2.84
N ARG A 692 8.81 37.81 2.37
CA ARG A 692 7.55 38.47 2.73
C ARG A 692 6.52 37.49 3.29
N TRP A 693 6.92 36.23 3.45
CA TRP A 693 6.07 35.23 4.11
C TRP A 693 6.26 35.32 5.62
N SER A 694 5.46 34.58 6.37
CA SER A 694 5.52 34.64 7.83
C SER A 694 5.27 33.28 8.49
N ASP A 695 5.01 33.30 9.79
CA ASP A 695 4.73 32.08 10.55
C ASP A 695 3.27 31.65 10.45
N ASP A 696 2.44 32.49 9.83
CA ASP A 696 1.01 32.23 9.75
C ASP A 696 0.53 32.21 8.32
N ILE A 697 -0.21 31.16 7.96
CA ILE A 697 -0.79 31.04 6.64
C ILE A 697 -1.79 32.17 6.42
N TYR A 698 -2.60 32.44 7.44
CA TYR A 698 -3.59 33.50 7.35
C TYR A 698 -2.96 34.85 7.03
N THR A 699 -1.83 35.14 7.68
CA THR A 699 -1.11 36.38 7.43
C THR A 699 -0.66 36.45 5.99
N ASP A 700 -0.19 35.33 5.47
CA ASP A 700 0.26 35.26 4.08
C ASP A 700 -0.90 35.54 3.12
N VAL A 701 -2.09 35.08 3.46
CA VAL A 701 -3.26 35.37 2.65
C VAL A 701 -3.52 36.88 2.65
N MET A 702 -3.49 37.50 3.83
CA MET A 702 -3.78 38.93 3.93
C MET A 702 -2.67 39.75 3.31
N THR A 703 -1.47 39.17 3.28
CA THR A 703 -0.32 39.81 2.61
C THR A 703 -0.53 39.86 1.10
N CYS A 704 -0.97 38.75 0.53
CA CYS A 704 -1.21 38.63 -0.91
C CYS A 704 -2.33 39.54 -1.42
N VAL A 705 -3.37 39.68 -0.61
CA VAL A 705 -4.53 40.45 -1.00
C VAL A 705 -4.21 41.95 -1.00
N ASN A 706 -3.23 42.36 -0.20
CA ASN A 706 -2.76 43.75 -0.21
C ASN A 706 -1.77 43.99 -1.33
N ILE A 707 -1.11 42.93 -1.77
CA ILE A 707 -0.23 42.99 -2.93
C ILE A 707 -1.06 43.20 -4.19
N ALA A 708 -2.19 42.51 -4.26
CA ALA A 708 -3.12 42.69 -5.36
C ALA A 708 -3.73 44.08 -5.30
N GLN A 709 -3.86 44.62 -4.09
CA GLN A 709 -4.57 45.87 -3.87
C GLN A 709 -3.84 47.06 -4.47
N GLN A 710 -2.53 47.15 -4.26
CA GLN A 710 -1.74 48.28 -4.77
C GLN A 710 -1.26 48.04 -6.19
N ALA A 711 -1.61 46.89 -6.74
CA ALA A 711 -1.61 46.69 -8.17
C ALA A 711 -3.00 46.98 -8.73
N GLY A 712 -3.87 47.54 -7.89
CA GLY A 712 -5.23 47.90 -8.26
C GLY A 712 -6.07 46.71 -8.69
N LEU A 713 -6.15 45.71 -7.83
CA LEU A 713 -6.89 44.48 -8.13
C LEU A 713 -7.70 43.99 -6.93
N GLU A 714 -8.91 43.53 -7.21
CA GLU A 714 -9.75 42.95 -6.18
C GLU A 714 -9.57 41.44 -6.14
N THR A 715 -9.55 40.88 -4.93
CA THR A 715 -9.37 39.45 -4.73
C THR A 715 -10.65 38.81 -4.22
N LEU A 716 -11.21 37.92 -5.04
CA LEU A 716 -12.48 37.27 -4.73
C LEU A 716 -12.29 35.79 -4.45
N VAL A 717 -13.05 35.26 -3.50
CA VAL A 717 -12.99 33.84 -3.15
C VAL A 717 -14.39 33.23 -3.15
N ILE A 718 -14.53 32.11 -3.85
CA ILE A 718 -15.72 31.29 -3.74
C ILE A 718 -15.31 29.95 -3.13
N ASP A 719 -15.91 29.60 -2.01
CA ASP A 719 -15.60 28.35 -1.32
C ASP A 719 -16.37 27.21 -1.98
N GLN A 720 -15.64 26.34 -2.68
CA GLN A 720 -16.24 25.21 -3.37
C GLN A 720 -16.30 23.95 -2.50
N THR A 721 -15.86 24.05 -1.25
CA THR A 721 -15.79 22.90 -0.35
C THR A 721 -17.10 22.12 -0.30
N ARG A 722 -17.00 20.79 -0.33
CA ARG A 722 -18.14 19.89 -0.29
C ARG A 722 -18.15 19.12 1.04
N PRO A 723 -19.27 19.18 1.77
CA PRO A 723 -19.32 18.53 3.09
C PRO A 723 -18.93 17.05 3.05
N ASP A 724 -19.46 16.32 2.07
CA ASP A 724 -19.13 14.90 1.88
C ASP A 724 -17.64 14.64 1.66
N ILE A 725 -16.90 15.69 1.29
CA ILE A 725 -15.50 15.57 0.94
C ILE A 725 -14.60 16.01 2.10
N GLY A 726 -14.95 17.13 2.73
CA GLY A 726 -14.22 17.62 3.89
C GLY A 726 -13.07 18.51 3.51
N LEU A 727 -12.20 18.01 2.63
CA LEU A 727 -11.06 18.79 2.14
C LEU A 727 -11.54 20.10 1.54
N ASN A 728 -10.93 21.20 1.97
CA ASN A 728 -11.33 22.53 1.52
C ASN A 728 -10.93 22.80 0.09
N VAL A 729 -11.86 23.32 -0.68
CA VAL A 729 -11.62 23.71 -2.07
C VAL A 729 -12.23 25.08 -2.30
N VAL A 730 -11.46 25.96 -2.94
CA VAL A 730 -11.94 27.28 -3.28
C VAL A 730 -11.51 27.62 -4.69
N LYS A 731 -12.14 28.64 -5.26
CA LYS A 731 -11.66 29.22 -6.50
C LYS A 731 -11.36 30.69 -6.26
N VAL A 732 -10.08 31.05 -6.32
CA VAL A 732 -9.66 32.43 -6.17
C VAL A 732 -9.67 33.13 -7.52
N THR A 733 -10.31 34.29 -7.57
CA THR A 733 -10.40 35.07 -8.80
C THR A 733 -9.98 36.51 -8.54
N VAL A 734 -8.97 36.95 -9.27
CA VAL A 734 -8.53 38.34 -9.25
C VAL A 734 -8.70 38.90 -10.64
N PRO A 735 -9.87 39.49 -10.93
CA PRO A 735 -10.18 39.96 -12.28
C PRO A 735 -9.11 40.84 -12.87
N GLY A 736 -8.74 40.58 -14.12
CA GLY A 736 -7.72 41.36 -14.81
C GLY A 736 -6.40 40.62 -14.91
N MET A 737 -6.13 39.74 -13.97
CA MET A 737 -4.92 38.93 -14.03
C MET A 737 -5.03 37.97 -15.22
N ARG A 738 -3.88 37.59 -15.77
CA ARG A 738 -3.84 36.88 -17.05
C ARG A 738 -3.64 35.37 -16.89
N HIS A 739 -3.72 34.66 -18.00
CA HIS A 739 -3.72 33.19 -18.02
C HIS A 739 -2.87 32.63 -19.16
N PHE A 740 -2.53 31.34 -19.04
CA PHE A 740 -1.78 30.60 -20.07
C PHE A 740 -2.34 30.79 -21.47
N TRP A 741 -3.66 30.89 -21.55
CA TRP A 741 -4.38 30.68 -22.78
C TRP A 741 -4.45 31.91 -23.66
N SER A 742 -4.59 31.69 -24.96
CA SER A 742 -4.57 32.76 -25.95
C SER A 742 -5.76 33.69 -25.77
N ARG A 743 -5.60 34.68 -24.91
CA ARG A 743 -6.61 35.70 -24.67
C ARG A 743 -5.96 37.07 -24.70
N PHE A 744 -6.29 37.88 -25.70
CA PHE A 744 -5.50 39.07 -26.01
C PHE A 744 -6.24 40.39 -25.80
N GLY A 745 -7.08 40.44 -24.78
CA GLY A 745 -7.83 41.66 -24.47
C GLY A 745 -6.93 42.74 -23.90
N GLU A 746 -7.43 43.98 -23.89
CA GLU A 746 -6.69 45.09 -23.30
C GLU A 746 -6.50 44.88 -21.81
N GLY A 747 -5.27 45.01 -21.33
CA GLY A 747 -4.98 44.80 -19.93
C GLY A 747 -3.50 44.55 -19.64
N ARG A 748 -3.24 43.76 -18.61
CA ARG A 748 -1.89 43.60 -18.08
C ARG A 748 -0.94 42.92 -19.07
N LEU A 749 -1.50 42.20 -20.03
CA LEU A 749 -0.68 41.46 -21.00
C LEU A 749 0.18 42.41 -21.83
N TYR A 750 -0.31 43.64 -22.01
CA TYR A 750 0.40 44.63 -22.80
C TYR A 750 1.17 45.61 -21.93
N ASP A 751 0.53 46.07 -20.87
CA ASP A 751 1.03 47.21 -20.11
C ASP A 751 2.11 46.88 -19.08
N VAL A 752 2.01 45.74 -18.43
CA VAL A 752 2.93 45.41 -17.34
C VAL A 752 4.39 45.31 -17.80
N PRO A 753 4.64 44.71 -18.96
CA PRO A 753 6.01 44.70 -19.46
C PRO A 753 6.59 46.11 -19.66
N VAL A 754 5.75 47.08 -19.99
CA VAL A 754 6.19 48.45 -20.16
C VAL A 754 6.42 49.13 -18.82
N LYS A 755 5.52 48.85 -17.88
CA LYS A 755 5.62 49.42 -16.54
C LYS A 755 6.87 48.92 -15.80
N LEU A 756 7.39 47.76 -16.20
CA LEU A 756 8.55 47.18 -15.56
C LEU A 756 9.86 47.49 -16.28
N GLY A 757 9.76 48.17 -17.41
CA GLY A 757 10.94 48.50 -18.21
C GLY A 757 11.36 47.41 -19.18
N TRP A 758 10.65 46.27 -19.12
CA TRP A 758 10.96 45.13 -19.98
C TRP A 758 10.73 45.47 -21.44
N LEU A 759 9.73 46.30 -21.71
CA LEU A 759 9.51 46.85 -23.04
C LEU A 759 9.56 48.38 -23.02
N ASP A 760 9.96 48.97 -24.14
CA ASP A 760 9.97 50.42 -24.30
C ASP A 760 8.60 50.93 -24.76
N GLU A 761 7.87 50.09 -25.49
CA GLU A 761 6.49 50.38 -25.85
C GLU A 761 5.69 49.08 -26.01
N PRO A 762 4.38 49.10 -25.67
CA PRO A 762 3.58 47.88 -25.72
C PRO A 762 3.50 47.27 -27.11
N LEU A 763 3.25 45.97 -27.17
CA LEU A 763 3.05 45.30 -28.44
C LEU A 763 1.62 45.48 -28.88
N THR A 764 1.34 45.13 -30.13
CA THR A 764 -0.03 45.05 -30.62
C THR A 764 -0.45 43.58 -30.58
N GLU A 765 -1.76 43.36 -30.46
CA GLU A 765 -2.34 42.02 -30.50
C GLU A 765 -1.73 41.14 -31.59
N ALA A 766 -1.37 41.76 -32.71
CA ALA A 766 -0.82 41.04 -33.87
C ALA A 766 0.58 40.49 -33.63
N GLN A 767 1.36 41.15 -32.78
CA GLN A 767 2.73 40.72 -32.53
C GLN A 767 2.80 39.77 -31.34
N MET A 768 1.65 39.41 -30.79
CA MET A 768 1.62 38.43 -29.72
C MET A 768 2.05 37.07 -30.25
N ASN A 769 2.46 36.19 -29.35
CA ASN A 769 3.00 34.90 -29.75
C ASN A 769 1.95 34.07 -30.48
N PRO A 770 2.21 33.75 -31.76
CA PRO A 770 1.22 32.96 -32.49
C PRO A 770 1.15 31.50 -32.04
N THR A 771 2.16 31.06 -31.29
CA THR A 771 2.23 29.68 -30.82
C THR A 771 1.63 29.59 -29.41
N PRO A 772 0.54 28.82 -29.24
CA PRO A 772 -0.06 28.69 -27.91
C PRO A 772 0.84 28.00 -26.87
N MET A 773 0.62 28.35 -25.60
CA MET A 773 1.29 27.68 -24.48
C MET A 773 0.89 26.20 -24.49
N PRO A 774 1.85 25.29 -24.74
CA PRO A 774 1.49 23.89 -24.96
C PRO A 774 0.95 23.15 -23.74
N PHE A 775 1.42 23.51 -22.55
CA PHE A 775 1.08 22.77 -21.33
C PHE A 775 0.02 23.50 -20.52
N LEU B 6 -22.80 -19.60 -37.33
CA LEU B 6 -23.56 -18.43 -36.84
C LEU B 6 -22.60 -17.38 -36.31
N LEU B 7 -22.88 -16.12 -36.64
CA LEU B 7 -21.99 -15.00 -36.33
C LEU B 7 -22.55 -14.10 -35.23
N GLN B 8 -21.65 -13.50 -34.45
CA GLN B 8 -22.02 -12.51 -33.46
C GLN B 8 -20.85 -11.65 -33.01
N ILE B 9 -21.17 -10.41 -32.63
CA ILE B 9 -20.24 -9.57 -31.93
C ILE B 9 -19.97 -10.25 -30.58
N GLN B 10 -18.83 -9.96 -29.96
CA GLN B 10 -18.47 -10.59 -28.68
C GLN B 10 -19.62 -10.48 -27.68
N PRO B 11 -20.04 -11.63 -27.08
CA PRO B 11 -21.27 -11.63 -26.28
C PRO B 11 -21.24 -10.72 -25.04
N HIS B 12 -20.06 -10.52 -24.45
CA HIS B 12 -19.96 -9.73 -23.22
C HIS B 12 -20.24 -8.23 -23.42
N PHE B 13 -20.36 -7.82 -24.68
CA PHE B 13 -20.69 -6.43 -25.02
C PHE B 13 -22.19 -6.24 -25.19
N HIS B 14 -22.72 -5.21 -24.54
CA HIS B 14 -24.03 -4.69 -24.88
C HIS B 14 -23.86 -3.79 -26.09
N VAL B 15 -24.54 -4.12 -27.18
CA VAL B 15 -24.51 -3.30 -28.39
C VAL B 15 -25.51 -2.16 -28.26
N GLU B 16 -25.01 -0.94 -28.39
CA GLU B 16 -25.86 0.24 -28.44
C GLU B 16 -25.56 1.00 -29.73
N VAL B 17 -26.61 1.26 -30.50
CA VAL B 17 -26.49 1.97 -31.77
C VAL B 17 -27.10 3.36 -31.64
N ILE B 18 -26.28 4.37 -31.88
CA ILE B 18 -26.75 5.76 -31.94
C ILE B 18 -26.72 6.20 -33.39
N GLU B 19 -27.92 6.39 -33.93
CA GLU B 19 -28.22 6.28 -35.36
C GLU B 19 -27.28 6.93 -36.37
N PRO B 20 -26.83 8.17 -36.13
CA PRO B 20 -26.02 8.79 -37.19
C PRO B 20 -24.82 7.95 -37.63
N LYS B 21 -23.78 7.84 -36.80
CA LYS B 21 -22.57 7.13 -37.23
C LYS B 21 -21.82 6.39 -36.13
N GLN B 22 -22.41 6.27 -34.93
CA GLN B 22 -21.75 5.59 -33.82
C GLN B 22 -22.51 4.35 -33.35
N VAL B 23 -21.75 3.32 -32.99
CA VAL B 23 -22.28 2.14 -32.31
C VAL B 23 -21.38 1.79 -31.14
N TYR B 24 -21.92 1.91 -29.93
CA TYR B 24 -21.15 1.72 -28.71
C TYR B 24 -21.22 0.29 -28.19
N LEU B 25 -20.05 -0.31 -27.98
CA LEU B 25 -19.94 -1.65 -27.40
C LEU B 25 -19.62 -1.57 -25.91
N LEU B 26 -20.63 -1.84 -25.08
CA LEU B 26 -20.50 -1.63 -23.65
C LEU B 26 -20.31 -2.95 -22.90
N GLY B 27 -19.15 -3.08 -22.27
CA GLY B 27 -18.85 -4.21 -21.41
C GLY B 27 -18.80 -3.77 -19.95
N GLU B 28 -18.57 -4.73 -19.06
CA GLU B 28 -18.53 -4.46 -17.63
C GLU B 28 -17.19 -3.90 -17.20
N GLN B 29 -16.13 -4.36 -17.85
CA GLN B 29 -14.77 -3.99 -17.47
C GLN B 29 -14.06 -3.14 -18.53
N ALA B 30 -14.62 -3.12 -19.73
CA ALA B 30 -14.04 -2.35 -20.82
C ALA B 30 -15.16 -1.78 -21.69
N ASN B 31 -14.83 -0.76 -22.46
CA ASN B 31 -15.78 -0.14 -23.38
C ASN B 31 -15.11 0.20 -24.71
N HIS B 32 -15.87 0.08 -25.79
CA HIS B 32 -15.37 0.35 -27.13
C HIS B 32 -16.37 1.20 -27.92
N ALA B 33 -15.90 1.74 -29.04
CA ALA B 33 -16.72 2.60 -29.89
C ALA B 33 -16.47 2.33 -31.37
N LEU B 34 -17.56 2.07 -32.09
CA LEU B 34 -17.51 1.86 -33.53
C LEU B 34 -18.11 3.06 -34.26
N THR B 35 -17.34 3.60 -35.20
CA THR B 35 -17.78 4.74 -35.97
C THR B 35 -17.91 4.36 -37.43
N GLY B 36 -19.00 4.81 -38.06
CA GLY B 36 -19.30 4.47 -39.44
C GLY B 36 -20.74 4.01 -39.63
N GLN B 37 -21.42 4.63 -40.59
CA GLN B 37 -22.84 4.38 -40.83
C GLN B 37 -23.17 2.91 -41.09
N LEU B 38 -22.27 2.19 -41.76
CA LEU B 38 -22.52 0.79 -42.09
C LEU B 38 -22.62 -0.11 -40.84
N TYR B 39 -21.88 0.25 -39.80
CA TYR B 39 -21.94 -0.49 -38.53
C TYR B 39 -23.33 -0.45 -37.94
N CYS B 40 -23.97 0.70 -38.04
CA CYS B 40 -25.31 0.86 -37.47
C CYS B 40 -26.30 -0.10 -38.13
N GLN B 41 -26.06 -0.41 -39.40
CA GLN B 41 -26.95 -1.27 -40.16
C GLN B 41 -26.69 -2.75 -39.89
N ILE B 42 -25.42 -3.10 -39.76
CA ILE B 42 -25.00 -4.51 -39.69
C ILE B 42 -25.08 -5.09 -38.27
N LEU B 43 -24.55 -4.36 -37.29
CA LEU B 43 -24.42 -4.87 -35.94
C LEU B 43 -25.73 -5.25 -35.22
N PRO B 44 -26.87 -4.63 -35.57
CA PRO B 44 -28.10 -5.12 -34.97
C PRO B 44 -28.40 -6.57 -35.33
N LEU B 45 -27.69 -7.08 -36.33
CA LEU B 45 -27.87 -8.45 -36.82
C LEU B 45 -26.63 -9.34 -36.57
N LEU B 46 -25.68 -8.84 -35.78
CA LEU B 46 -24.57 -9.66 -35.30
C LEU B 46 -24.82 -10.06 -33.86
N ASN B 47 -26.02 -10.59 -33.60
CA ASN B 47 -26.44 -10.95 -32.26
C ASN B 47 -26.29 -12.43 -31.94
N GLY B 48 -25.97 -13.25 -32.95
CA GLY B 48 -25.77 -14.68 -32.76
C GLY B 48 -26.86 -15.53 -33.40
N GLN B 49 -27.97 -14.90 -33.75
CA GLN B 49 -29.09 -15.59 -34.37
C GLN B 49 -28.82 -15.85 -35.85
N TYR B 50 -28.03 -14.98 -36.47
CA TYR B 50 -27.97 -14.94 -37.93
C TYR B 50 -26.67 -15.42 -38.54
N THR B 51 -26.82 -16.17 -39.63
CA THR B 51 -25.71 -16.61 -40.47
C THR B 51 -25.20 -15.42 -41.27
N LEU B 52 -24.01 -15.55 -41.85
CA LEU B 52 -23.50 -14.56 -42.78
C LEU B 52 -24.46 -14.44 -43.99
N GLU B 53 -24.97 -15.58 -44.44
CA GLU B 53 -25.84 -15.62 -45.62
C GLU B 53 -27.23 -15.01 -45.37
N GLN B 54 -27.82 -15.30 -44.21
CA GLN B 54 -29.18 -14.84 -43.89
C GLN B 54 -29.23 -13.31 -43.79
N ILE B 55 -28.07 -12.69 -43.61
CA ILE B 55 -27.99 -11.25 -43.44
C ILE B 55 -28.53 -10.47 -44.64
N VAL B 56 -28.30 -11.00 -45.84
CA VAL B 56 -28.49 -10.22 -47.05
C VAL B 56 -29.95 -9.83 -47.28
N GLU B 57 -30.88 -10.76 -47.07
CA GLU B 57 -32.29 -10.45 -47.31
C GLU B 57 -32.78 -9.37 -46.34
N LYS B 58 -32.16 -9.31 -45.16
CA LYS B 58 -32.42 -8.26 -44.19
C LYS B 58 -31.92 -6.90 -44.68
N LEU B 59 -31.03 -6.93 -45.68
CA LEU B 59 -30.47 -5.70 -46.23
C LEU B 59 -29.89 -5.82 -47.66
N ASP B 60 -30.50 -6.66 -48.50
CA ASP B 60 -30.13 -6.70 -49.92
C ASP B 60 -30.81 -5.54 -50.62
N GLY B 61 -30.01 -4.70 -51.29
CA GLY B 61 -30.50 -3.46 -51.86
C GLY B 61 -30.34 -2.32 -50.87
N GLU B 62 -30.09 -2.66 -49.60
CA GLU B 62 -29.72 -1.69 -48.58
C GLU B 62 -28.20 -1.59 -48.50
N VAL B 63 -27.52 -2.74 -48.55
CA VAL B 63 -26.07 -2.80 -48.62
C VAL B 63 -25.61 -3.93 -49.52
N PRO B 64 -24.60 -3.69 -50.39
CA PRO B 64 -24.04 -4.78 -51.18
C PRO B 64 -23.18 -5.71 -50.33
N PRO B 65 -23.10 -7.00 -50.68
CA PRO B 65 -22.36 -7.97 -49.86
C PRO B 65 -20.86 -7.72 -49.79
N GLU B 66 -20.29 -7.04 -50.79
CA GLU B 66 -18.87 -6.74 -50.78
C GLU B 66 -18.52 -5.79 -49.63
N TYR B 67 -19.37 -4.79 -49.42
CA TYR B 67 -19.20 -3.86 -48.31
C TYR B 67 -19.29 -4.60 -46.98
N ILE B 68 -20.16 -5.60 -46.93
CA ILE B 68 -20.37 -6.38 -45.72
C ILE B 68 -19.14 -7.22 -45.39
N ASP B 69 -18.59 -7.89 -46.39
CA ASP B 69 -17.41 -8.73 -46.18
C ASP B 69 -16.21 -7.92 -45.70
N TYR B 70 -16.08 -6.69 -46.18
CA TYR B 70 -14.98 -5.84 -45.76
C TYR B 70 -15.15 -5.42 -44.30
N VAL B 71 -16.41 -5.22 -43.89
CA VAL B 71 -16.73 -4.87 -42.51
C VAL B 71 -16.39 -6.04 -41.58
N LEU B 72 -16.90 -7.23 -41.92
CA LEU B 72 -16.67 -8.41 -41.11
C LEU B 72 -15.18 -8.73 -40.98
N GLU B 73 -14.49 -8.74 -42.11
CA GLU B 73 -13.05 -9.01 -42.13
C GLU B 73 -12.31 -7.92 -41.33
N ARG B 74 -12.86 -6.71 -41.35
CA ARG B 74 -12.28 -5.59 -40.59
C ARG B 74 -12.60 -5.71 -39.11
N LEU B 75 -13.81 -6.14 -38.79
CA LEU B 75 -14.21 -6.38 -37.41
C LEU B 75 -13.52 -7.62 -36.84
N ALA B 76 -13.24 -8.60 -37.71
CA ALA B 76 -12.69 -9.88 -37.30
C ALA B 76 -11.24 -9.78 -36.86
N GLU B 77 -10.41 -9.21 -37.74
CA GLU B 77 -8.97 -9.09 -37.48
C GLU B 77 -8.67 -8.02 -36.42
N LYS B 78 -9.69 -7.23 -36.09
CA LYS B 78 -9.55 -6.19 -35.08
C LYS B 78 -9.83 -6.73 -33.67
N GLY B 79 -10.70 -7.74 -33.60
CA GLY B 79 -10.95 -8.47 -32.35
C GLY B 79 -12.33 -8.25 -31.75
N TYR B 80 -13.33 -8.00 -32.59
CA TYR B 80 -14.71 -7.77 -32.15
C TYR B 80 -15.68 -8.87 -32.61
N LEU B 81 -15.22 -9.72 -33.53
CA LEU B 81 -16.10 -10.70 -34.16
C LEU B 81 -15.65 -12.14 -33.90
N THR B 82 -16.60 -12.96 -33.43
CA THR B 82 -16.38 -14.39 -33.28
C THR B 82 -17.64 -15.15 -33.68
N GLU B 83 -17.53 -16.46 -33.82
CA GLU B 83 -18.66 -17.31 -34.16
C GLU B 83 -19.32 -17.84 -32.89
N ALA B 84 -20.64 -17.99 -32.94
CA ALA B 84 -21.40 -18.50 -31.81
C ALA B 84 -21.06 -19.95 -31.49
N ALA B 85 -21.28 -20.33 -30.24
CA ALA B 85 -21.18 -21.73 -29.83
C ALA B 85 -22.53 -22.14 -29.25
N PRO B 86 -23.21 -23.11 -29.90
CA PRO B 86 -24.58 -23.40 -29.48
C PRO B 86 -24.66 -24.15 -28.15
N GLU B 87 -23.54 -24.67 -27.68
CA GLU B 87 -23.51 -25.52 -26.49
C GLU B 87 -23.57 -24.68 -25.20
N LEU B 88 -23.18 -23.42 -25.30
CA LEU B 88 -23.06 -22.54 -24.14
C LEU B 88 -24.16 -21.48 -24.14
N SER B 89 -24.65 -21.15 -22.95
CA SER B 89 -25.64 -20.10 -22.81
C SER B 89 -24.99 -18.75 -23.14
N SER B 90 -25.80 -17.72 -23.32
CA SER B 90 -25.28 -16.38 -23.61
C SER B 90 -24.45 -15.83 -22.45
N GLU B 91 -24.79 -16.22 -21.23
CA GLU B 91 -24.10 -15.74 -20.03
C GLU B 91 -22.78 -16.48 -19.81
N VAL B 92 -22.76 -17.78 -20.08
CA VAL B 92 -21.52 -18.57 -19.94
C VAL B 92 -20.50 -18.11 -20.96
N ALA B 93 -20.93 -17.93 -22.21
CA ALA B 93 -20.07 -17.47 -23.30
C ALA B 93 -19.51 -16.10 -23.01
N ALA B 94 -20.35 -15.23 -22.46
CA ALA B 94 -19.94 -13.89 -22.10
C ALA B 94 -18.76 -13.90 -21.12
N PHE B 95 -18.74 -14.89 -20.24
CA PHE B 95 -17.67 -14.96 -19.25
C PHE B 95 -16.32 -15.26 -19.90
N TRP B 96 -16.29 -16.20 -20.83
CA TRP B 96 -15.04 -16.63 -21.46
C TRP B 96 -14.57 -15.66 -22.52
N SER B 97 -15.52 -14.90 -23.09
CA SER B 97 -15.18 -13.90 -24.09
C SER B 97 -14.58 -12.68 -23.43
N GLU B 98 -15.00 -12.42 -22.18
CA GLU B 98 -14.46 -11.30 -21.42
C GLU B 98 -13.01 -11.56 -21.05
N LEU B 99 -12.61 -12.83 -21.01
CA LEU B 99 -11.23 -13.21 -20.77
C LEU B 99 -10.50 -13.46 -22.10
N GLY B 100 -11.17 -13.12 -23.20
CA GLY B 100 -10.57 -13.17 -24.51
C GLY B 100 -10.46 -14.57 -25.08
N ILE B 101 -11.51 -15.36 -24.90
CA ILE B 101 -11.54 -16.73 -25.40
C ILE B 101 -12.82 -17.04 -26.17
N ALA B 102 -12.65 -17.40 -27.44
CA ALA B 102 -13.78 -17.67 -28.31
C ALA B 102 -14.68 -18.78 -27.74
N PRO B 103 -16.01 -18.58 -27.76
CA PRO B 103 -16.96 -19.57 -27.27
C PRO B 103 -16.72 -21.01 -27.78
N PRO B 104 -16.44 -21.19 -29.08
CA PRO B 104 -16.18 -22.57 -29.55
C PRO B 104 -14.91 -23.18 -28.93
N VAL B 105 -13.95 -22.35 -28.56
CA VAL B 105 -12.72 -22.83 -27.93
C VAL B 105 -13.00 -23.26 -26.50
N ALA B 106 -13.73 -22.42 -25.78
CA ALA B 106 -14.09 -22.70 -24.39
C ALA B 106 -14.92 -23.98 -24.30
N ALA B 107 -15.74 -24.23 -25.31
CA ALA B 107 -16.61 -25.39 -25.31
C ALA B 107 -15.85 -26.70 -25.38
N GLU B 108 -14.83 -26.74 -26.24
CA GLU B 108 -14.02 -27.96 -26.42
C GLU B 108 -13.00 -28.12 -25.30
N ALA B 109 -12.73 -27.02 -24.61
CA ALA B 109 -11.82 -27.04 -23.46
C ALA B 109 -12.48 -27.66 -22.23
N LEU B 110 -13.80 -27.48 -22.11
CA LEU B 110 -14.55 -27.92 -20.93
C LEU B 110 -14.94 -29.40 -20.96
N ARG B 111 -14.70 -30.06 -22.09
CA ARG B 111 -14.97 -31.50 -22.19
C ARG B 111 -13.96 -32.24 -21.34
N GLN B 112 -12.78 -31.64 -21.19
CA GLN B 112 -11.66 -32.25 -20.47
C GLN B 112 -12.07 -32.65 -19.04
N PRO B 113 -12.03 -33.96 -18.73
CA PRO B 113 -12.46 -34.38 -17.38
C PRO B 113 -11.46 -34.00 -16.28
N VAL B 114 -11.85 -34.26 -15.03
CA VAL B 114 -11.06 -33.89 -13.86
C VAL B 114 -11.19 -34.97 -12.77
N THR B 115 -10.18 -35.11 -11.93
CA THR B 115 -10.26 -36.01 -10.78
C THR B 115 -10.29 -35.24 -9.48
N LEU B 116 -11.07 -35.75 -8.53
CA LEU B 116 -11.11 -35.22 -7.16
C LEU B 116 -10.53 -36.24 -6.20
N THR B 117 -9.78 -35.78 -5.20
CA THR B 117 -9.24 -36.65 -4.18
C THR B 117 -9.40 -36.00 -2.81
N PRO B 118 -10.31 -36.53 -1.99
CA PRO B 118 -10.43 -35.98 -0.64
C PRO B 118 -9.34 -36.50 0.29
N VAL B 119 -8.89 -35.66 1.21
CA VAL B 119 -7.88 -36.02 2.18
C VAL B 119 -8.24 -35.35 3.52
N GLY B 120 -7.78 -35.92 4.62
CA GLY B 120 -8.09 -35.38 5.93
C GLY B 120 -9.43 -35.90 6.41
N ASN B 121 -10.29 -34.99 6.85
CA ASN B 121 -11.62 -35.34 7.33
C ASN B 121 -12.72 -34.77 6.45
N ILE B 122 -12.41 -34.60 5.16
CA ILE B 122 -13.38 -34.08 4.21
C ILE B 122 -14.48 -35.11 3.95
N SER B 123 -15.73 -34.67 4.05
CA SER B 123 -16.89 -35.55 3.88
C SER B 123 -17.04 -36.00 2.44
N GLU B 124 -17.71 -37.14 2.25
CA GLU B 124 -17.98 -37.65 0.91
C GLU B 124 -19.05 -36.81 0.23
N VAL B 125 -19.95 -36.24 1.03
CA VAL B 125 -20.97 -35.33 0.51
C VAL B 125 -20.34 -34.05 -0.04
N THR B 126 -19.35 -33.52 0.68
CA THR B 126 -18.65 -32.32 0.27
C THR B 126 -18.02 -32.49 -1.11
N VAL B 127 -17.46 -33.67 -1.35
CA VAL B 127 -16.88 -33.98 -2.64
C VAL B 127 -17.95 -33.99 -3.73
N ALA B 128 -19.11 -34.54 -3.42
CA ALA B 128 -20.23 -34.53 -4.35
C ALA B 128 -20.64 -33.10 -4.68
N ALA B 129 -20.63 -32.22 -3.68
CA ALA B 129 -21.04 -30.83 -3.89
C ALA B 129 -20.14 -30.10 -4.88
N LEU B 130 -18.86 -30.46 -4.88
CA LEU B 130 -17.92 -29.88 -5.83
C LEU B 130 -18.16 -30.47 -7.23
N THR B 131 -18.33 -31.78 -7.28
CA THR B 131 -18.69 -32.45 -8.52
C THR B 131 -19.95 -31.83 -9.10
N THR B 132 -20.87 -31.45 -8.21
CA THR B 132 -22.13 -30.81 -8.60
C THR B 132 -21.86 -29.41 -9.12
N ALA B 133 -21.02 -28.66 -8.41
CA ALA B 133 -20.70 -27.29 -8.79
C ALA B 133 -20.00 -27.27 -10.14
N LEU B 134 -19.10 -28.24 -10.33
CA LEU B 134 -18.40 -28.38 -11.60
C LEU B 134 -19.34 -28.83 -12.70
N ARG B 135 -20.25 -29.75 -12.38
CA ARG B 135 -21.18 -30.27 -13.36
C ARG B 135 -22.04 -29.14 -13.94
N ASP B 136 -22.39 -28.17 -13.10
CA ASP B 136 -23.27 -27.09 -13.52
C ASP B 136 -22.60 -26.08 -14.46
N ILE B 137 -21.27 -26.12 -14.53
CA ILE B 137 -20.52 -25.24 -15.42
C ILE B 137 -19.82 -26.04 -16.51
N GLY B 138 -20.39 -27.20 -16.85
CA GLY B 138 -19.95 -27.97 -18.01
C GLY B 138 -18.68 -28.79 -17.84
N ILE B 139 -18.29 -29.04 -16.59
CA ILE B 139 -17.08 -29.82 -16.28
C ILE B 139 -17.47 -31.14 -15.62
N SER B 140 -16.94 -32.24 -16.15
CA SER B 140 -17.28 -33.57 -15.68
C SER B 140 -16.12 -34.17 -14.88
N VAL B 141 -16.47 -35.05 -13.94
CA VAL B 141 -15.49 -35.70 -13.08
C VAL B 141 -15.35 -37.18 -13.44
N GLN B 142 -14.10 -37.66 -13.40
CA GLN B 142 -13.78 -39.01 -13.82
C GLN B 142 -13.44 -39.88 -12.62
N THR B 143 -13.95 -41.10 -12.62
CA THR B 143 -13.67 -42.10 -11.59
C THR B 143 -12.89 -43.28 -12.19
N THR B 151 -5.62 -37.88 -16.00
CA THR B 151 -6.34 -36.64 -16.27
C THR B 151 -5.40 -35.45 -16.42
N ALA B 152 -5.99 -34.27 -16.67
CA ALA B 152 -5.24 -33.03 -16.87
C ALA B 152 -5.01 -32.28 -15.56
N LEU B 153 -5.94 -32.41 -14.63
CA LEU B 153 -5.85 -31.74 -13.34
C LEU B 153 -6.46 -32.62 -12.25
N ASN B 154 -5.74 -32.77 -11.15
CA ASN B 154 -6.23 -33.52 -10.00
C ASN B 154 -6.49 -32.56 -8.85
N VAL B 155 -7.75 -32.37 -8.50
CA VAL B 155 -8.10 -31.46 -7.42
C VAL B 155 -8.11 -32.20 -6.07
N VAL B 156 -7.38 -31.65 -5.10
CA VAL B 156 -7.30 -32.24 -3.77
C VAL B 156 -7.99 -31.35 -2.76
N LEU B 157 -8.95 -31.91 -2.03
CA LEU B 157 -9.66 -31.19 -0.97
C LEU B 157 -9.11 -31.60 0.39
N THR B 158 -8.76 -30.62 1.21
CA THR B 158 -8.21 -30.90 2.54
C THR B 158 -8.80 -29.99 3.59
N ASP B 159 -8.57 -30.33 4.86
CA ASP B 159 -8.98 -29.49 5.98
C ASP B 159 -7.75 -28.95 6.70
N ASP B 160 -6.58 -29.18 6.11
CA ASP B 160 -5.33 -28.61 6.60
C ASP B 160 -4.23 -28.83 5.57
N TYR B 161 -3.49 -27.77 5.29
CA TYR B 161 -2.47 -27.84 4.25
C TYR B 161 -1.21 -28.60 4.69
N LEU B 162 -1.21 -29.13 5.90
CA LEU B 162 -0.09 -29.95 6.39
C LEU B 162 -0.51 -31.36 6.76
N GLN B 163 -1.61 -31.82 6.15
CA GLN B 163 -2.04 -33.20 6.33
C GLN B 163 -0.97 -34.10 5.70
N PRO B 164 -0.44 -35.07 6.45
CA PRO B 164 0.72 -35.84 5.94
C PRO B 164 0.49 -36.62 4.65
N GLU B 165 -0.76 -36.96 4.34
CA GLU B 165 -1.07 -37.63 3.07
C GLU B 165 -0.60 -36.80 1.88
N LEU B 166 -0.66 -35.48 2.02
CA LEU B 166 -0.27 -34.58 0.95
C LEU B 166 1.19 -34.75 0.53
N ALA B 167 2.01 -35.33 1.41
CA ALA B 167 3.38 -35.65 1.05
C ALA B 167 3.42 -36.76 0.03
N LYS B 168 2.73 -37.87 0.32
CA LYS B 168 2.66 -39.01 -0.60
C LYS B 168 2.10 -38.58 -1.95
N ILE B 169 0.99 -37.83 -1.89
CA ILE B 169 0.34 -37.31 -3.09
C ILE B 169 1.33 -36.48 -3.90
N ASN B 170 2.02 -35.57 -3.23
CA ASN B 170 2.98 -34.70 -3.88
C ASN B 170 4.10 -35.48 -4.54
N LYS B 171 4.54 -36.57 -3.89
CA LYS B 171 5.60 -37.41 -4.45
C LYS B 171 5.12 -38.14 -5.70
N GLN B 172 3.96 -38.76 -5.60
CA GLN B 172 3.39 -39.46 -6.76
C GLN B 172 3.20 -38.51 -7.93
N ALA B 173 2.63 -37.34 -7.66
CA ALA B 173 2.39 -36.32 -8.68
C ALA B 173 3.67 -35.90 -9.39
N LEU B 174 4.74 -35.74 -8.62
CA LEU B 174 6.04 -35.38 -9.19
C LEU B 174 6.57 -36.47 -10.13
N GLU B 175 6.47 -37.73 -9.71
CA GLU B 175 6.93 -38.85 -10.52
C GLU B 175 5.99 -39.10 -11.69
N SER B 176 4.70 -38.86 -11.46
CA SER B 176 3.66 -39.07 -12.46
C SER B 176 3.57 -37.92 -13.46
N GLN B 177 4.24 -36.80 -13.16
CA GLN B 177 4.10 -35.57 -13.93
C GLN B 177 2.63 -35.13 -13.97
N GLN B 178 1.99 -35.12 -12.81
CA GLN B 178 0.59 -34.75 -12.68
C GLN B 178 0.40 -33.33 -12.13
N THR B 179 -0.42 -32.55 -12.83
CA THR B 179 -0.80 -31.22 -12.34
C THR B 179 -1.96 -31.38 -11.37
N TRP B 180 -1.86 -30.77 -10.20
CA TRP B 180 -2.91 -30.87 -9.20
C TRP B 180 -3.18 -29.52 -8.52
N LEU B 181 -4.35 -29.43 -7.88
CA LEU B 181 -4.80 -28.24 -7.19
C LEU B 181 -5.12 -28.55 -5.73
N LEU B 182 -4.78 -27.63 -4.83
CA LEU B 182 -5.08 -27.78 -3.42
C LEU B 182 -6.14 -26.76 -2.98
N VAL B 183 -7.09 -27.20 -2.15
CA VAL B 183 -8.16 -26.34 -1.67
C VAL B 183 -8.57 -26.73 -0.27
N LYS B 184 -8.97 -25.75 0.53
CA LYS B 184 -9.48 -26.00 1.86
C LYS B 184 -10.74 -25.16 2.04
N PRO B 185 -11.92 -25.76 1.77
CA PRO B 185 -13.17 -25.00 1.84
C PRO B 185 -13.84 -25.04 3.21
N VAL B 186 -13.18 -25.61 4.22
CA VAL B 186 -13.73 -25.65 5.57
C VAL B 186 -12.96 -24.72 6.50
N GLY B 187 -13.66 -24.20 7.51
CA GLY B 187 -13.06 -23.24 8.42
C GLY B 187 -13.36 -21.82 8.00
N SER B 188 -13.00 -20.88 8.87
CA SER B 188 -13.32 -19.48 8.68
C SER B 188 -12.53 -18.83 7.55
N VAL B 189 -11.44 -19.49 7.13
CA VAL B 189 -10.60 -18.98 6.04
C VAL B 189 -10.44 -19.96 4.90
N LEU B 190 -11.11 -19.69 3.79
CA LEU B 190 -10.93 -20.50 2.60
C LEU B 190 -9.48 -20.39 2.12
N TRP B 191 -8.83 -21.52 1.93
CA TRP B 191 -7.57 -21.53 1.19
C TRP B 191 -7.83 -22.10 -0.19
N LEU B 192 -7.30 -21.42 -1.21
CA LEU B 192 -7.59 -21.77 -2.59
C LEU B 192 -6.31 -21.64 -3.40
N GLY B 193 -5.83 -22.78 -3.88
CA GLY B 193 -4.54 -22.86 -4.55
C GLY B 193 -3.47 -23.45 -3.64
N PRO B 194 -2.29 -23.70 -4.19
CA PRO B 194 -1.91 -23.41 -5.56
C PRO B 194 -2.16 -24.55 -6.53
N VAL B 195 -1.99 -24.26 -7.80
CA VAL B 195 -1.97 -25.28 -8.83
C VAL B 195 -0.51 -25.70 -8.99
N PHE B 196 -0.21 -26.92 -8.59
CA PHE B 196 1.14 -27.44 -8.71
C PHE B 196 1.38 -28.02 -10.10
N VAL B 197 2.27 -27.37 -10.84
CA VAL B 197 2.77 -27.91 -12.11
C VAL B 197 4.20 -28.40 -11.88
N PRO B 198 4.39 -29.73 -11.71
CA PRO B 198 5.72 -30.27 -11.41
C PRO B 198 6.78 -29.88 -12.45
N GLY B 199 7.85 -29.22 -11.99
CA GLY B 199 8.94 -28.80 -12.86
C GLY B 199 8.86 -27.35 -13.29
N LYS B 200 7.76 -26.68 -12.95
CA LYS B 200 7.59 -25.28 -13.26
C LYS B 200 7.23 -24.47 -12.00
N THR B 201 6.45 -25.07 -11.12
CA THR B 201 6.07 -24.46 -9.86
C THR B 201 6.65 -25.27 -8.73
N GLY B 202 6.73 -24.66 -7.56
CA GLY B 202 7.23 -25.37 -6.39
C GLY B 202 6.35 -26.56 -6.07
N CYS B 203 6.90 -27.50 -5.31
CA CYS B 203 6.13 -28.65 -4.85
C CYS B 203 5.36 -28.27 -3.58
N TRP B 204 4.61 -29.22 -3.04
CA TRP B 204 3.90 -29.01 -1.78
C TRP B 204 4.88 -28.85 -0.62
N ASP B 205 6.05 -29.48 -0.74
CA ASP B 205 7.08 -29.39 0.30
C ASP B 205 7.69 -27.98 0.33
N CYS B 206 7.75 -27.33 -0.83
CA CYS B 206 8.21 -25.95 -0.91
C CYS B 206 7.27 -25.05 -0.13
N LEU B 207 5.97 -25.32 -0.25
CA LEU B 207 4.96 -24.59 0.49
C LEU B 207 4.99 -24.97 1.96
N ALA B 208 5.10 -26.28 2.21
CA ALA B 208 5.04 -26.80 3.55
C ALA B 208 6.22 -26.32 4.41
N HIS B 209 7.37 -26.12 3.77
CA HIS B 209 8.54 -25.62 4.50
C HIS B 209 8.20 -24.31 5.17
N ARG B 210 7.53 -23.43 4.42
CA ARG B 210 7.14 -22.10 4.93
C ARG B 210 6.01 -22.18 5.96
N LEU B 211 5.08 -23.10 5.76
CA LEU B 211 3.94 -23.23 6.65
C LEU B 211 4.33 -23.77 8.03
N ARG B 212 5.41 -24.53 8.09
CA ARG B 212 5.89 -25.09 9.36
C ARG B 212 6.55 -24.02 10.22
N GLY B 213 7.23 -23.08 9.56
CA GLY B 213 7.87 -21.98 10.26
C GLY B 213 6.90 -20.89 10.65
N ASN B 214 5.74 -20.85 9.98
CA ASN B 214 4.75 -19.80 10.20
C ASN B 214 3.64 -20.23 11.15
N ARG B 215 3.75 -21.44 11.71
CA ARG B 215 2.81 -21.96 12.69
C ARG B 215 3.56 -22.47 13.92
N GLU B 216 4.12 -21.56 14.70
CA GLU B 216 5.02 -21.93 15.80
C GLU B 216 4.28 -22.50 17.01
N VAL B 217 3.09 -21.98 17.29
CA VAL B 217 2.32 -22.48 18.42
C VAL B 217 1.97 -23.95 18.17
N GLU B 218 1.36 -24.20 17.01
CA GLU B 218 0.97 -25.56 16.62
C GLU B 218 2.18 -26.48 16.55
N ALA B 219 3.33 -25.92 16.16
CA ALA B 219 4.56 -26.69 16.01
C ALA B 219 5.12 -27.08 17.37
N SER B 220 5.09 -26.17 18.33
CA SER B 220 5.59 -26.45 19.66
C SER B 220 4.70 -27.47 20.37
N VAL B 221 3.38 -27.26 20.29
CA VAL B 221 2.43 -28.19 20.91
C VAL B 221 2.68 -29.60 20.42
N LEU B 222 3.07 -29.75 19.16
CA LEU B 222 3.45 -31.05 18.62
C LEU B 222 4.73 -31.54 19.28
N ARG B 223 5.69 -30.63 19.45
CA ARG B 223 6.94 -30.98 20.12
C ARG B 223 6.70 -31.36 21.58
N GLN B 224 5.83 -30.62 22.25
CA GLN B 224 5.48 -30.91 23.64
C GLN B 224 4.70 -32.20 23.75
N LYS B 225 3.95 -32.55 22.71
CA LYS B 225 3.11 -33.73 22.71
C LYS B 225 3.92 -35.00 22.41
N GLN B 226 4.83 -34.88 21.45
CA GLN B 226 5.63 -36.02 21.02
C GLN B 226 6.70 -36.37 22.05
N ALA B 227 7.14 -35.37 22.81
CA ALA B 227 8.16 -35.57 23.83
C ALA B 227 7.69 -36.51 24.94
N GLN B 228 6.38 -36.67 25.07
CA GLN B 228 5.80 -37.53 26.09
C GLN B 228 6.14 -39.00 25.82
N GLY B 240 0.77 -36.03 13.19
CA GLY B 240 1.53 -35.31 12.18
C GLY B 240 1.19 -33.83 12.12
N CYS B 241 -0.08 -33.49 12.33
CA CYS B 241 -0.54 -32.10 12.35
C CYS B 241 -1.72 -31.96 13.30
N LEU B 242 -2.30 -30.76 13.37
CA LEU B 242 -3.47 -30.51 14.21
C LEU B 242 -4.50 -29.71 13.42
N PRO B 243 -5.72 -30.25 13.28
CA PRO B 243 -6.75 -29.58 12.48
C PRO B 243 -7.62 -28.65 13.31
N THR B 244 -7.88 -27.47 12.79
CA THR B 244 -8.64 -26.47 13.50
C THR B 244 -9.80 -25.94 12.66
N ALA B 245 -10.03 -26.56 11.50
CA ALA B 245 -11.01 -26.06 10.55
C ALA B 245 -12.44 -26.41 10.95
N ARG B 246 -12.83 -26.03 12.17
CA ARG B 246 -14.11 -26.42 12.72
C ARG B 246 -15.19 -25.39 12.44
N ALA B 247 -14.78 -24.16 12.21
CA ALA B 247 -15.72 -23.05 12.04
C ALA B 247 -16.23 -22.96 10.60
N THR B 248 -17.33 -23.65 10.33
CA THR B 248 -17.86 -23.76 8.96
C THR B 248 -19.36 -23.54 8.87
N LEU B 249 -19.77 -22.56 8.09
CA LEU B 249 -21.17 -22.40 7.74
C LEU B 249 -21.44 -23.16 6.45
N PRO B 250 -22.68 -23.59 6.26
CA PRO B 250 -23.10 -24.09 4.95
C PRO B 250 -22.79 -23.13 3.82
N SER B 251 -22.85 -21.83 4.07
CA SER B 251 -22.58 -20.81 3.06
C SER B 251 -21.09 -20.62 2.77
N THR B 252 -20.25 -20.63 3.80
CA THR B 252 -18.80 -20.54 3.58
C THR B 252 -18.30 -21.75 2.79
N LEU B 253 -18.80 -22.93 3.15
CA LEU B 253 -18.42 -24.15 2.44
C LEU B 253 -18.79 -24.03 0.98
N GLN B 254 -20.05 -23.72 0.73
CA GLN B 254 -20.51 -23.55 -0.65
C GLN B 254 -19.73 -22.43 -1.35
N THR B 255 -19.51 -21.33 -0.64
CA THR B 255 -18.78 -20.21 -1.21
C THR B 255 -17.43 -20.68 -1.70
N GLY B 256 -16.78 -21.55 -0.94
CA GLY B 256 -15.45 -22.02 -1.26
C GLY B 256 -15.42 -23.07 -2.37
N LEU B 257 -16.44 -23.91 -2.44
CA LEU B 257 -16.49 -24.94 -3.48
C LEU B 257 -16.76 -24.29 -4.82
N GLN B 258 -17.65 -23.31 -4.81
CA GLN B 258 -18.08 -22.68 -6.04
C GLN B 258 -16.95 -21.81 -6.57
N PHE B 259 -16.31 -21.11 -5.64
CA PHE B 259 -15.12 -20.32 -5.93
C PHE B 259 -14.05 -21.21 -6.55
N ALA B 260 -13.88 -22.38 -5.97
CA ALA B 260 -12.94 -23.37 -6.48
C ALA B 260 -13.31 -23.80 -7.89
N ALA B 261 -14.58 -24.16 -8.09
CA ALA B 261 -15.06 -24.66 -9.38
C ALA B 261 -14.81 -23.64 -10.49
N THR B 262 -14.85 -22.36 -10.15
CA THR B 262 -14.65 -21.29 -11.12
C THR B 262 -13.18 -21.15 -11.53
N GLU B 263 -12.28 -21.37 -10.58
CA GLU B 263 -10.84 -21.30 -10.86
C GLU B 263 -10.32 -22.61 -11.46
N ILE B 264 -11.01 -23.70 -11.19
CA ILE B 264 -10.72 -24.96 -11.86
C ILE B 264 -11.00 -24.77 -13.34
N ALA B 265 -12.16 -24.22 -13.65
CA ALA B 265 -12.57 -23.98 -15.01
C ALA B 265 -11.58 -23.07 -15.72
N LYS B 266 -11.10 -22.06 -15.02
CA LYS B 266 -10.18 -21.11 -15.62
C LYS B 266 -8.85 -21.78 -15.95
N TRP B 267 -8.42 -22.73 -15.12
CA TRP B 267 -7.18 -23.47 -15.40
C TRP B 267 -7.36 -24.48 -16.52
N ILE B 268 -8.54 -25.11 -16.59
CA ILE B 268 -8.85 -26.06 -17.65
C ILE B 268 -8.80 -25.42 -19.03
N VAL B 269 -9.28 -24.18 -19.11
CA VAL B 269 -9.28 -23.46 -20.38
C VAL B 269 -7.87 -23.03 -20.75
N LYS B 270 -7.17 -22.42 -19.80
CA LYS B 270 -5.81 -21.93 -20.02
C LYS B 270 -4.92 -23.04 -20.59
N TYR B 271 -5.01 -24.22 -19.99
CA TYR B 271 -4.21 -25.36 -20.42
C TYR B 271 -4.49 -25.73 -21.88
N HIS B 272 -5.77 -25.77 -22.22
CA HIS B 272 -6.20 -26.21 -23.54
C HIS B 272 -5.70 -25.29 -24.64
N VAL B 273 -5.61 -24.00 -24.33
CA VAL B 273 -5.23 -23.00 -25.33
C VAL B 273 -3.72 -22.95 -25.50
N ASN B 274 -2.98 -23.21 -24.44
CA ASN B 274 -1.52 -23.19 -24.50
C ASN B 274 -0.95 -24.41 -25.25
N ALA B 275 -1.79 -25.39 -25.51
CA ALA B 275 -1.44 -26.50 -26.39
C ALA B 275 -1.64 -26.09 -27.85
N THR B 276 -2.63 -25.25 -28.07
CA THR B 276 -2.95 -24.75 -29.41
C THR B 276 -1.93 -23.71 -29.86
N ALA B 277 -1.54 -22.83 -28.94
CA ALA B 277 -0.63 -21.74 -29.26
C ALA B 277 -0.11 -21.09 -27.98
N PRO B 278 1.03 -21.59 -27.47
CA PRO B 278 1.60 -21.11 -26.22
C PRO B 278 1.64 -19.59 -26.12
N GLY B 279 1.34 -19.08 -24.92
CA GLY B 279 1.11 -17.66 -24.74
C GLY B 279 -0.29 -17.34 -25.21
N THR B 280 -0.53 -16.09 -25.58
CA THR B 280 -1.83 -15.64 -26.11
C THR B 280 -2.98 -15.75 -25.11
N VAL B 281 -2.68 -16.16 -23.88
CA VAL B 281 -3.65 -16.17 -22.79
C VAL B 281 -3.02 -15.49 -21.59
N PHE B 282 -3.53 -14.31 -21.26
CA PHE B 282 -2.89 -13.45 -20.25
C PHE B 282 -3.85 -13.06 -19.12
N PHE B 283 -4.69 -14.01 -18.71
CA PHE B 283 -5.46 -13.85 -17.48
C PHE B 283 -4.93 -14.83 -16.41
N PRO B 284 -5.03 -14.43 -15.14
CA PRO B 284 -4.29 -15.16 -14.10
C PRO B 284 -4.98 -16.44 -13.63
N THR B 285 -4.17 -17.40 -13.19
CA THR B 285 -4.63 -18.65 -12.62
C THR B 285 -3.83 -18.91 -11.36
N LEU B 286 -4.24 -19.91 -10.58
CA LEU B 286 -3.63 -20.15 -9.26
C LEU B 286 -2.30 -20.90 -9.31
N ASP B 287 -1.67 -20.96 -10.48
CA ASP B 287 -0.37 -21.62 -10.59
C ASP B 287 0.68 -20.86 -9.81
N GLY B 288 1.25 -21.52 -8.80
CA GLY B 288 2.22 -20.89 -7.91
C GLY B 288 1.63 -19.73 -7.12
N LYS B 289 0.33 -19.83 -6.82
CA LYS B 289 -0.39 -18.74 -6.17
C LYS B 289 -1.38 -19.32 -5.18
N ILE B 290 -1.51 -18.69 -4.02
CA ILE B 290 -2.50 -19.11 -3.04
C ILE B 290 -3.38 -17.95 -2.62
N ILE B 291 -4.68 -18.18 -2.66
CA ILE B 291 -5.66 -17.19 -2.25
C ILE B 291 -6.21 -17.57 -0.89
N THR B 292 -6.29 -16.60 0.00
CA THR B 292 -6.93 -16.80 1.30
C THR B 292 -8.07 -15.81 1.41
N LEU B 293 -9.29 -16.34 1.57
CA LEU B 293 -10.45 -15.50 1.84
C LEU B 293 -10.95 -15.76 3.26
N ASN B 294 -10.80 -14.75 4.12
CA ASN B 294 -11.22 -14.83 5.51
C ASN B 294 -12.69 -14.44 5.62
N HIS B 295 -13.51 -15.34 6.13
CA HIS B 295 -14.94 -15.11 6.20
C HIS B 295 -15.31 -14.28 7.44
N SER B 296 -14.51 -14.42 8.49
CA SER B 296 -14.77 -13.77 9.76
C SER B 296 -14.60 -12.26 9.65
N ILE B 297 -13.44 -11.86 9.16
CA ILE B 297 -13.08 -10.45 9.08
C ILE B 297 -13.24 -9.90 7.67
N LEU B 298 -13.34 -10.78 6.70
CA LEU B 298 -13.54 -10.41 5.29
C LEU B 298 -12.32 -9.70 4.70
N ASP B 299 -11.42 -10.50 4.12
CA ASP B 299 -10.31 -9.98 3.33
C ASP B 299 -9.72 -11.08 2.46
N LEU B 300 -9.45 -10.74 1.21
CA LEU B 300 -8.84 -11.66 0.25
C LEU B 300 -7.40 -11.26 -0.02
N LYS B 301 -6.49 -12.23 0.07
CA LYS B 301 -5.07 -11.95 -0.10
C LYS B 301 -4.42 -12.95 -1.03
N SER B 302 -3.61 -12.46 -1.96
CA SER B 302 -2.91 -13.30 -2.91
C SER B 302 -1.48 -13.54 -2.46
N HIS B 303 -1.13 -14.81 -2.27
CA HIS B 303 0.18 -15.23 -1.82
C HIS B 303 0.97 -15.90 -2.94
N ILE B 304 2.27 -15.70 -2.98
CA ILE B 304 3.13 -16.26 -4.03
C ILE B 304 3.98 -17.40 -3.49
N LEU B 305 3.99 -18.52 -4.22
CA LEU B 305 4.80 -19.68 -3.86
C LEU B 305 6.10 -19.74 -4.65
N ILE B 306 7.23 -19.50 -3.97
CA ILE B 306 8.54 -19.60 -4.61
C ILE B 306 8.98 -21.06 -4.66
N LYS B 307 9.38 -21.51 -5.83
CA LYS B 307 10.00 -22.81 -5.96
C LYS B 307 11.39 -22.79 -5.30
N ARG B 308 11.56 -23.58 -4.26
CA ARG B 308 12.84 -23.64 -3.55
C ARG B 308 13.81 -24.50 -4.31
N SER B 309 14.90 -23.90 -4.80
CA SER B 309 15.87 -24.63 -5.59
C SER B 309 16.57 -25.71 -4.75
N GLN B 310 16.63 -25.52 -3.43
CA GLN B 310 17.28 -26.49 -2.53
C GLN B 310 16.26 -27.37 -1.83
N CYS B 311 15.07 -27.44 -2.39
CA CYS B 311 14.00 -28.26 -1.85
C CYS B 311 14.44 -29.71 -1.88
N PRO B 312 14.19 -30.46 -0.80
CA PRO B 312 14.64 -31.85 -0.80
C PRO B 312 13.76 -32.79 -1.61
N THR B 313 12.60 -32.31 -2.07
CA THR B 313 11.65 -33.17 -2.80
C THR B 313 11.65 -32.90 -4.30
N CYS B 314 11.46 -31.64 -4.69
CA CYS B 314 11.42 -31.27 -6.10
C CYS B 314 12.75 -30.67 -6.54
N GLY B 315 13.56 -30.25 -5.58
CA GLY B 315 14.81 -29.58 -5.88
C GLY B 315 16.02 -30.45 -5.61
N ASP B 316 17.19 -29.82 -5.65
CA ASP B 316 18.45 -30.42 -5.24
C ASP B 316 18.92 -29.76 -3.93
N PRO B 317 18.86 -30.49 -2.80
CA PRO B 317 19.16 -29.80 -1.56
C PRO B 317 20.65 -29.64 -1.27
N LYS B 318 21.50 -29.88 -2.27
CA LYS B 318 22.95 -29.88 -2.09
C LYS B 318 23.61 -28.57 -2.51
N ILE B 319 22.82 -27.56 -2.88
CA ILE B 319 23.39 -26.27 -3.25
C ILE B 319 24.28 -25.75 -2.13
N LEU B 320 23.68 -25.57 -0.96
CA LEU B 320 24.35 -24.91 0.16
C LEU B 320 25.58 -25.66 0.63
N GLN B 321 25.52 -26.99 0.61
CA GLN B 321 26.65 -27.80 1.03
C GLN B 321 27.85 -27.57 0.11
N HIS B 322 27.60 -27.48 -1.20
CA HIS B 322 28.65 -27.18 -2.17
C HIS B 322 29.23 -25.80 -1.91
N ARG B 323 28.35 -24.81 -1.96
CA ARG B 323 28.73 -23.38 -1.89
C ARG B 323 29.56 -23.03 -0.67
N GLY B 324 29.26 -23.66 0.46
CA GLY B 324 29.98 -23.40 1.70
C GLY B 324 31.47 -23.70 1.56
N PHE B 325 31.79 -24.62 0.65
CA PHE B 325 33.17 -25.09 0.46
C PHE B 325 33.83 -24.49 -0.77
N GLU B 326 33.07 -23.75 -1.56
CA GLU B 326 33.64 -23.07 -2.72
C GLU B 326 34.25 -21.74 -2.29
N PRO B 327 35.34 -21.32 -2.95
CA PRO B 327 35.91 -20.00 -2.65
C PRO B 327 34.89 -18.90 -2.78
N LEU B 328 35.03 -17.84 -1.99
CA LEU B 328 34.08 -16.74 -1.99
C LEU B 328 34.46 -15.70 -3.05
N LYS B 329 33.68 -15.67 -4.12
CA LYS B 329 33.93 -14.75 -5.22
C LYS B 329 33.36 -13.36 -4.93
N LEU B 330 34.24 -12.38 -4.75
CA LEU B 330 33.84 -10.99 -4.58
C LEU B 330 34.30 -10.16 -5.75
N GLU B 331 33.50 -9.17 -6.14
CA GLU B 331 33.85 -8.28 -7.24
C GLU B 331 33.42 -6.84 -6.94
N SER B 332 33.87 -5.92 -7.79
CA SER B 332 33.58 -4.50 -7.62
C SER B 332 32.07 -4.19 -7.67
N ARG B 333 31.62 -3.34 -6.75
CA ARG B 333 30.22 -2.92 -6.69
C ARG B 333 30.14 -1.39 -6.60
N PRO B 334 29.69 -0.72 -7.68
CA PRO B 334 29.54 0.73 -7.65
C PRO B 334 28.58 1.21 -6.56
N LYS B 335 28.57 2.51 -6.28
CA LYS B 335 27.83 3.04 -5.14
C LYS B 335 27.06 4.32 -5.48
N GLN B 336 25.91 4.49 -4.83
CA GLN B 336 25.11 5.72 -4.99
C GLN B 336 24.40 6.09 -3.69
N GLY B 342 22.37 4.98 1.48
CA GLY B 342 23.32 6.09 1.49
C GLY B 342 24.73 5.63 1.12
N HIS B 343 25.01 4.35 1.41
CA HIS B 343 26.24 3.69 0.99
C HIS B 343 25.87 2.33 0.41
N ARG B 344 24.75 2.30 -0.30
CA ARG B 344 24.23 1.07 -0.88
C ARG B 344 24.13 1.18 -2.40
N GLY B 345 24.16 0.03 -3.06
CA GLY B 345 24.21 -0.02 -4.52
C GLY B 345 22.92 0.36 -5.21
N THR B 346 21.81 0.25 -4.46
CA THR B 346 20.48 0.50 -5.03
C THR B 346 19.59 1.12 -3.97
N THR B 347 18.55 1.82 -4.40
CA THR B 347 17.66 2.51 -3.47
C THR B 347 16.96 1.54 -2.53
N PRO B 348 16.49 2.04 -1.38
CA PRO B 348 15.67 1.21 -0.49
C PRO B 348 14.30 0.87 -1.09
N GLU B 349 13.68 1.81 -1.80
CA GLU B 349 12.37 1.60 -2.38
C GLU B 349 12.38 0.47 -3.41
N GLN B 350 13.47 0.36 -4.17
CA GLN B 350 13.68 -0.78 -5.06
C GLN B 350 13.66 -2.08 -4.26
N THR B 351 14.58 -2.14 -3.30
CA THR B 351 14.80 -3.32 -2.46
C THR B 351 13.49 -3.90 -1.93
N VAL B 352 12.58 -3.03 -1.51
CA VAL B 352 11.30 -3.46 -0.95
C VAL B 352 10.39 -4.04 -2.03
N GLN B 353 10.34 -3.39 -3.17
CA GLN B 353 9.50 -3.86 -4.28
C GLN B 353 9.86 -5.27 -4.71
N LYS B 354 11.16 -5.58 -4.71
CA LYS B 354 11.64 -6.85 -5.24
C LYS B 354 11.65 -7.99 -4.20
N TYR B 355 11.51 -7.63 -2.93
CA TYR B 355 11.41 -8.61 -1.85
C TYR B 355 10.11 -8.49 -1.06
N GLN B 356 9.14 -7.76 -1.62
CA GLN B 356 7.79 -7.67 -1.07
C GLN B 356 7.11 -9.02 -1.01
N HIS B 357 7.43 -9.87 -1.99
CA HIS B 357 6.81 -11.18 -2.12
C HIS B 357 7.08 -12.12 -0.93
N LEU B 358 7.99 -11.73 -0.04
CA LEU B 358 8.31 -12.49 1.15
C LEU B 358 7.44 -12.10 2.34
N ILE B 359 6.64 -11.05 2.16
CA ILE B 359 5.74 -10.59 3.22
C ILE B 359 4.40 -11.31 3.11
N SER B 360 4.23 -12.35 3.92
CA SER B 360 3.04 -13.18 3.86
C SER B 360 3.01 -14.18 5.01
N PRO B 361 1.87 -14.26 5.73
CA PRO B 361 1.77 -15.21 6.85
C PRO B 361 1.61 -16.66 6.41
N VAL B 362 1.54 -16.89 5.09
CA VAL B 362 1.37 -18.22 4.54
C VAL B 362 2.63 -18.67 3.81
N THR B 363 2.83 -18.13 2.61
CA THR B 363 3.95 -18.49 1.76
C THR B 363 5.22 -17.79 2.21
N GLY B 364 5.05 -16.73 3.00
CA GLY B 364 6.15 -15.81 3.28
C GLY B 364 7.05 -16.15 4.44
N VAL B 365 7.96 -15.23 4.69
CA VAL B 365 8.97 -15.36 5.74
C VAL B 365 8.77 -14.25 6.78
N VAL B 366 8.20 -13.13 6.33
CA VAL B 366 7.82 -12.02 7.20
C VAL B 366 6.29 -11.99 7.28
N THR B 367 5.76 -11.97 8.49
CA THR B 367 4.32 -12.03 8.69
C THR B 367 3.63 -10.77 8.17
N GLU B 368 4.01 -9.62 8.73
CA GLU B 368 3.53 -8.33 8.21
C GLU B 368 4.59 -7.25 8.41
N LEU B 369 4.36 -6.09 7.80
CA LEU B 369 5.27 -4.95 7.89
C LEU B 369 4.48 -3.68 8.14
N VAL B 370 4.55 -3.17 9.37
CA VAL B 370 3.64 -2.13 9.85
C VAL B 370 4.37 -0.86 10.24
N ARG B 371 3.84 0.28 9.81
CA ARG B 371 4.27 1.58 10.31
C ARG B 371 3.67 1.85 11.67
N ILE B 372 4.51 2.25 12.62
CA ILE B 372 4.05 2.78 13.89
C ILE B 372 4.38 4.29 13.92
N THR B 373 4.86 4.81 12.78
CA THR B 373 5.14 6.23 12.64
C THR B 373 3.82 6.99 12.71
N ASP B 374 3.70 7.89 13.68
CA ASP B 374 2.60 8.84 13.67
C ASP B 374 2.88 9.81 12.52
N PRO B 375 2.05 9.80 11.46
CA PRO B 375 2.36 10.64 10.31
C PRO B 375 2.39 12.14 10.60
N ALA B 376 1.96 12.53 11.80
CA ALA B 376 2.11 13.90 12.28
C ALA B 376 3.57 14.23 12.59
N ASN B 377 4.38 13.19 12.74
CA ASN B 377 5.81 13.34 12.95
C ASN B 377 6.62 12.87 11.74
N PRO B 378 7.24 13.80 10.99
CA PRO B 378 8.02 13.41 9.82
C PRO B 378 9.43 12.92 10.17
N LEU B 379 9.92 13.28 11.35
CA LEU B 379 11.27 12.89 11.77
C LEU B 379 11.39 11.41 12.15
N VAL B 380 10.50 10.96 13.02
CA VAL B 380 10.57 9.61 13.57
C VAL B 380 9.92 8.56 12.66
N HIS B 381 10.73 7.60 12.21
CA HIS B 381 10.27 6.52 11.35
C HIS B 381 10.67 5.16 11.92
N THR B 382 9.69 4.38 12.35
CA THR B 382 9.92 3.03 12.85
C THR B 382 8.90 2.04 12.31
N TYR B 383 9.39 0.91 11.81
CA TYR B 383 8.52 -0.18 11.35
C TYR B 383 8.62 -1.36 12.29
N ARG B 384 7.58 -2.21 12.29
CA ARG B 384 7.59 -3.46 13.04
C ARG B 384 7.38 -4.61 12.07
N ALA B 385 8.35 -5.50 12.02
CA ALA B 385 8.29 -6.68 11.17
C ALA B 385 7.69 -7.85 11.92
N GLY B 386 7.37 -8.90 11.20
CA GLY B 386 6.67 -10.04 11.76
C GLY B 386 7.49 -11.31 11.78
N HIS B 387 7.38 -12.00 12.91
CA HIS B 387 8.18 -13.17 13.23
C HIS B 387 7.37 -14.14 14.08
N GLY B 390 11.40 -20.36 15.10
CA GLY B 390 11.33 -20.16 16.54
C GLY B 390 10.72 -21.35 17.27
N SER B 391 11.58 -22.25 17.74
CA SER B 391 11.14 -23.47 18.42
C SER B 391 11.11 -23.33 19.94
N ALA B 392 10.12 -23.95 20.58
CA ALA B 392 9.99 -23.91 22.03
C ALA B 392 9.36 -25.18 22.57
N THR B 393 9.76 -25.60 23.77
CA THR B 393 9.29 -26.85 24.36
C THR B 393 8.44 -26.62 25.61
N SER B 394 8.04 -25.39 25.83
CA SER B 394 7.22 -25.05 26.99
C SER B 394 6.44 -23.77 26.72
N LEU B 395 5.40 -23.53 27.52
CA LEU B 395 4.63 -22.29 27.43
C LEU B 395 5.58 -21.12 27.66
N ARG B 396 6.43 -21.24 28.68
CA ARG B 396 7.40 -20.20 29.01
C ARG B 396 8.32 -19.93 27.82
N GLY B 397 8.87 -21.00 27.26
CA GLY B 397 9.72 -20.89 26.08
C GLY B 397 8.94 -20.41 24.87
N LEU B 398 7.65 -20.73 24.85
CA LEU B 398 6.79 -20.35 23.74
C LEU B 398 6.41 -18.87 23.79
N ARG B 399 6.16 -18.33 24.98
CA ARG B 399 5.81 -16.93 25.10
C ARG B 399 7.02 -16.04 24.79
N ASN B 400 8.23 -16.59 24.93
CA ASN B 400 9.47 -15.88 24.55
C ASN B 400 9.56 -15.75 23.04
N THR B 401 9.29 -16.84 22.33
CA THR B 401 9.05 -16.79 20.90
C THR B 401 7.74 -16.00 20.70
N LEU B 402 7.53 -15.48 19.50
CA LEU B 402 6.36 -14.62 19.19
C LEU B 402 6.55 -13.19 19.70
N LYS B 403 7.29 -13.00 20.79
CA LYS B 403 7.73 -11.67 21.21
C LYS B 403 8.80 -11.14 20.26
N HIS B 404 9.66 -12.04 19.79
CA HIS B 404 10.74 -11.69 18.87
C HIS B 404 10.18 -11.12 17.57
N LYS B 405 10.53 -9.87 17.30
CA LYS B 405 10.07 -9.16 16.10
C LYS B 405 11.08 -8.09 15.73
N SER B 406 11.41 -8.00 14.45
CA SER B 406 12.42 -7.07 13.97
C SER B 406 11.87 -5.65 13.85
N SER B 407 12.72 -4.66 14.12
CA SER B 407 12.33 -3.27 14.08
C SER B 407 13.04 -2.52 12.97
N GLY B 408 12.29 -1.72 12.23
CA GLY B 408 12.85 -0.87 11.17
C GLY B 408 13.26 0.49 11.70
N LYS B 409 14.48 0.92 11.34
CA LYS B 409 15.00 2.21 11.78
C LYS B 409 15.65 2.96 10.63
N GLY B 410 15.41 4.25 10.57
CA GLY B 410 15.98 5.09 9.53
C GLY B 410 15.55 6.54 9.56
N LYS B 411 16.32 7.39 8.89
CA LYS B 411 15.99 8.80 8.76
C LYS B 411 14.74 9.00 7.92
N THR B 412 14.64 8.20 6.86
CA THR B 412 13.50 8.26 5.94
C THR B 412 12.55 7.07 6.13
N ASP B 413 11.27 7.32 5.89
CA ASP B 413 10.26 6.27 5.98
C ASP B 413 10.58 5.10 5.03
N SER B 414 11.15 5.43 3.88
CA SER B 414 11.53 4.42 2.89
C SER B 414 12.75 3.62 3.34
N GLN B 415 13.72 4.30 3.96
CA GLN B 415 14.92 3.64 4.46
C GLN B 415 14.58 2.80 5.70
N SER B 416 13.65 3.30 6.50
CA SER B 416 13.16 2.58 7.66
C SER B 416 12.39 1.33 7.24
N LYS B 417 11.59 1.45 6.18
CA LYS B 417 10.79 0.35 5.68
C LYS B 417 11.68 -0.80 5.22
N ALA B 418 12.76 -0.46 4.51
CA ALA B 418 13.71 -1.47 4.04
C ALA B 418 14.43 -2.12 5.22
N SER B 419 14.84 -1.30 6.18
CA SER B 419 15.54 -1.78 7.37
C SER B 419 14.70 -2.84 8.08
N GLY B 420 13.42 -2.54 8.26
CA GLY B 420 12.52 -3.44 8.95
C GLY B 420 12.36 -4.77 8.24
N LEU B 421 12.18 -4.70 6.93
CA LEU B 421 11.96 -5.89 6.11
C LEU B 421 13.19 -6.78 6.06
N CYS B 422 14.35 -6.16 5.88
CA CYS B 422 15.58 -6.91 5.66
C CYS B 422 16.10 -7.55 6.93
N GLU B 423 15.87 -6.91 8.08
CA GLU B 423 16.29 -7.47 9.36
C GLU B 423 15.51 -8.76 9.63
N ALA B 424 14.27 -8.80 9.19
CA ALA B 424 13.45 -10.00 9.37
C ALA B 424 14.00 -11.16 8.55
N VAL B 425 14.43 -10.87 7.32
CA VAL B 425 14.98 -11.87 6.42
C VAL B 425 16.39 -12.24 6.84
N GLU B 426 17.08 -11.29 7.47
CA GLU B 426 18.40 -11.51 8.05
C GLU B 426 18.31 -12.62 9.09
N ARG B 427 17.25 -12.58 9.88
CA ARG B 427 17.06 -13.55 10.94
C ARG B 427 16.74 -14.93 10.39
N TYR B 428 15.73 -15.00 9.53
CA TYR B 428 15.28 -16.28 8.97
C TYR B 428 16.37 -17.04 8.22
N SER B 429 17.10 -16.33 7.38
CA SER B 429 18.14 -16.93 6.54
C SER B 429 19.22 -17.61 7.37
N GLY B 430 19.35 -17.21 8.63
CA GLY B 430 20.35 -17.77 9.53
C GLY B 430 19.88 -18.91 10.40
N ILE B 431 18.57 -19.14 10.44
CA ILE B 431 18.04 -20.25 11.20
C ILE B 431 18.51 -21.55 10.55
N PHE B 432 18.96 -22.49 11.36
CA PHE B 432 19.53 -23.74 10.86
C PHE B 432 18.46 -24.72 10.36
N GLN B 433 18.47 -25.01 9.08
CA GLN B 433 17.45 -25.86 8.46
C GLN B 433 17.88 -27.32 8.31
N GLY B 434 19.18 -27.56 8.23
CA GLY B 434 19.70 -28.91 8.11
C GLY B 434 20.46 -29.18 6.81
N ASP B 435 20.46 -28.21 5.90
CA ASP B 435 21.19 -28.35 4.63
C ASP B 435 22.42 -27.45 4.58
N GLU B 436 22.85 -26.94 5.72
CA GLU B 436 23.97 -26.00 5.78
C GLU B 436 25.28 -26.74 5.61
N PRO B 437 26.33 -26.05 5.11
CA PRO B 437 27.64 -26.67 4.90
C PRO B 437 28.34 -27.04 6.20
N ARG B 438 28.59 -28.33 6.42
CA ARG B 438 29.33 -28.77 7.59
C ARG B 438 30.07 -30.08 7.35
N LYS B 439 30.83 -30.50 8.34
CA LYS B 439 31.35 -31.87 8.40
C LYS B 439 31.74 -32.20 9.83
N ARG B 440 31.54 -33.45 10.21
CA ARG B 440 31.79 -33.89 11.57
C ARG B 440 33.25 -34.27 11.76
N ALA B 441 33.90 -33.66 12.76
CA ALA B 441 35.28 -33.96 13.08
C ALA B 441 35.63 -33.35 14.44
N THR B 442 36.73 -33.81 15.04
CA THR B 442 37.25 -33.18 16.26
C THR B 442 38.15 -32.02 15.87
N LEU B 443 38.45 -31.16 16.84
CA LEU B 443 39.33 -30.02 16.59
C LEU B 443 40.72 -30.47 16.14
N ALA B 444 41.15 -31.63 16.63
CA ALA B 444 42.48 -32.15 16.34
C ALA B 444 42.67 -32.50 14.86
N GLU B 445 41.66 -33.11 14.25
CA GLU B 445 41.76 -33.54 12.86
C GLU B 445 41.96 -32.36 11.93
N LEU B 446 41.20 -31.29 12.17
CA LEU B 446 41.28 -30.06 11.40
C LEU B 446 42.56 -29.31 11.71
N GLY B 447 42.93 -29.30 12.99
CA GLY B 447 44.17 -28.69 13.43
C GLY B 447 44.17 -27.19 13.25
N ASP B 448 45.04 -26.72 12.35
CA ASP B 448 45.32 -25.29 12.20
C ASP B 448 44.17 -24.50 11.59
N LEU B 449 43.36 -25.16 10.76
CA LEU B 449 42.25 -24.50 10.06
C LEU B 449 41.02 -24.29 10.95
N ALA B 450 40.88 -25.11 11.99
CA ALA B 450 39.77 -24.98 12.93
C ALA B 450 40.00 -23.83 13.91
N ILE B 451 38.90 -23.25 14.40
CA ILE B 451 38.96 -22.17 15.35
C ILE B 451 38.13 -22.53 16.57
N HIS B 452 38.80 -22.59 17.73
CA HIS B 452 38.15 -22.91 19.00
C HIS B 452 37.06 -21.88 19.28
N PRO B 453 35.85 -22.32 19.65
CA PRO B 453 34.75 -21.38 19.86
C PRO B 453 34.98 -20.39 21.02
N GLU B 454 35.88 -20.74 21.94
CA GLU B 454 36.20 -19.85 23.05
C GLU B 454 36.92 -18.60 22.60
N GLN B 455 37.43 -18.60 21.37
CA GLN B 455 38.00 -17.40 20.77
C GLN B 455 36.91 -16.43 20.36
N CYS B 456 35.75 -16.96 20.00
CA CYS B 456 34.62 -16.15 19.57
C CYS B 456 33.75 -15.69 20.74
N LEU B 457 33.54 -16.58 21.70
CA LEU B 457 32.63 -16.32 22.82
C LEU B 457 33.27 -15.44 23.89
N CYS B 458 34.48 -15.80 24.31
CA CYS B 458 35.27 -15.01 25.26
C CYS B 458 34.66 -14.99 26.66
N PHE B 459 34.20 -16.14 27.14
CA PHE B 459 33.75 -16.27 28.53
C PHE B 459 34.94 -16.58 29.44
N SER B 460 34.89 -16.08 30.67
CA SER B 460 36.01 -16.28 31.61
C SER B 460 35.92 -17.62 32.36
N ASP B 461 37.06 -18.10 32.82
CA ASP B 461 37.12 -19.33 33.60
C ASP B 461 36.26 -19.24 34.85
N GLY B 462 36.14 -18.04 35.41
CA GLY B 462 35.27 -17.81 36.54
C GLY B 462 33.82 -18.03 36.17
N GLN B 463 33.40 -17.40 35.07
CA GLN B 463 32.03 -17.54 34.57
C GLN B 463 31.66 -18.99 34.26
N TYR B 464 32.55 -19.71 33.61
CA TYR B 464 32.30 -21.10 33.28
C TYR B 464 32.17 -21.95 34.55
N ALA B 465 32.91 -21.56 35.58
CA ALA B 465 32.95 -22.33 36.83
C ALA B 465 31.67 -22.16 37.63
N ASN B 466 31.17 -20.93 37.71
CA ASN B 466 29.95 -20.62 38.45
C ASN B 466 28.75 -20.52 37.49
N ARG B 467 28.82 -21.28 36.40
CA ARG B 467 27.83 -21.26 35.33
C ARG B 467 26.38 -21.34 35.80
N GLU B 468 26.07 -22.37 36.60
CA GLU B 468 24.69 -22.67 36.98
C GLU B 468 24.08 -21.57 37.87
N THR B 469 24.88 -21.02 38.76
CA THR B 469 24.40 -19.98 39.66
C THR B 469 24.19 -18.67 38.93
N LEU B 470 25.17 -18.30 38.11
CA LEU B 470 25.17 -17.03 37.40
C LEU B 470 23.97 -16.87 36.46
N ASN B 471 23.49 -17.97 35.91
CA ASN B 471 22.38 -17.92 34.97
C ASN B 471 21.03 -17.84 35.66
N GLU B 472 20.91 -18.51 36.80
CA GLU B 472 19.71 -18.38 37.62
C GLU B 472 19.57 -16.92 38.05
N GLN B 473 20.69 -16.31 38.41
CA GLN B 473 20.72 -14.93 38.85
C GLN B 473 20.99 -13.97 37.69
N ALA B 474 20.24 -14.11 36.61
CA ALA B 474 20.43 -13.31 35.41
C ALA B 474 19.12 -12.65 34.99
N THR B 475 19.18 -11.34 34.74
CA THR B 475 18.00 -10.57 34.37
C THR B 475 17.47 -11.01 33.01
N VAL B 476 18.32 -10.93 31.99
CA VAL B 476 17.95 -11.27 30.60
C VAL B 476 18.87 -12.36 30.04
N ALA B 477 18.30 -13.21 29.19
CA ALA B 477 18.96 -14.44 28.74
C ALA B 477 19.99 -14.25 27.62
N HIS B 478 20.29 -13.00 27.26
CA HIS B 478 21.39 -12.73 26.33
C HIS B 478 22.70 -13.17 27.00
N ASP B 479 22.78 -12.97 28.32
CA ASP B 479 23.95 -13.30 29.11
C ASP B 479 23.90 -14.75 29.59
N TRP B 480 23.62 -15.66 28.67
CA TRP B 480 23.61 -17.08 29.02
C TRP B 480 25.01 -17.66 28.81
N ILE B 481 25.57 -18.19 29.89
CA ILE B 481 26.89 -18.80 29.86
C ILE B 481 26.79 -20.29 29.47
N PRO B 482 27.30 -20.65 28.27
CA PRO B 482 27.19 -22.04 27.84
C PRO B 482 28.16 -22.95 28.58
N GLN B 483 27.97 -24.26 28.44
CA GLN B 483 28.90 -25.25 29.00
C GLN B 483 30.23 -25.18 28.28
N ARG B 484 31.29 -25.60 28.95
CA ARG B 484 32.63 -25.54 28.35
C ARG B 484 32.72 -26.51 27.19
N PHE B 485 33.44 -26.09 26.15
CA PHE B 485 33.66 -26.92 24.98
C PHE B 485 34.52 -28.13 25.36
N ASP B 486 34.16 -29.29 24.82
CA ASP B 486 34.88 -30.54 25.05
C ASP B 486 35.50 -30.97 23.72
N ALA B 487 36.80 -30.82 23.61
CA ALA B 487 37.50 -30.97 22.33
C ALA B 487 37.69 -32.43 21.90
N SER B 488 37.38 -33.36 22.79
CA SER B 488 37.43 -34.78 22.46
C SER B 488 36.29 -35.15 21.53
N GLN B 489 35.21 -34.37 21.59
CA GLN B 489 33.99 -34.66 20.85
C GLN B 489 34.08 -34.26 19.38
N ALA B 490 33.56 -35.13 18.51
CA ALA B 490 33.46 -34.85 17.07
C ALA B 490 32.19 -34.07 16.78
N ILE B 491 32.33 -32.77 16.58
CA ILE B 491 31.20 -31.88 16.33
C ILE B 491 31.15 -31.49 14.87
N GLU B 492 30.04 -30.89 14.45
CA GLU B 492 29.91 -30.43 13.09
C GLU B 492 30.55 -29.06 12.93
N TRP B 493 31.52 -28.97 12.02
CA TRP B 493 32.20 -27.72 11.73
C TRP B 493 31.75 -27.16 10.37
N THR B 494 31.52 -25.86 10.31
CA THR B 494 31.13 -25.18 9.08
C THR B 494 32.34 -24.49 8.43
N PRO B 495 32.49 -24.63 7.09
CA PRO B 495 33.55 -23.88 6.41
C PRO B 495 33.23 -22.40 6.31
N VAL B 496 34.21 -21.58 6.67
CA VAL B 496 34.06 -20.12 6.65
C VAL B 496 35.23 -19.51 5.87
N TRP B 497 34.94 -18.48 5.08
CA TRP B 497 35.95 -17.87 4.24
C TRP B 497 36.73 -16.79 4.96
N SER B 498 38.04 -16.98 5.07
CA SER B 498 38.91 -15.96 5.63
C SER B 498 39.31 -14.94 4.56
N LEU B 499 38.80 -13.72 4.66
CA LEU B 499 39.18 -12.66 3.72
C LEU B 499 40.65 -12.30 3.87
N THR B 500 41.16 -12.31 5.10
CA THR B 500 42.54 -11.94 5.35
C THR B 500 43.50 -12.96 4.77
N GLU B 501 43.30 -14.23 5.11
CA GLU B 501 44.18 -15.31 4.65
C GLU B 501 43.75 -15.90 3.32
N GLN B 502 42.58 -15.46 2.83
CA GLN B 502 42.06 -15.90 1.53
C GLN B 502 41.97 -17.43 1.45
N THR B 503 41.44 -18.05 2.50
CA THR B 503 41.29 -19.50 2.55
C THR B 503 40.13 -19.88 3.46
N HIS B 504 39.83 -21.18 3.49
CA HIS B 504 38.74 -21.69 4.31
C HIS B 504 39.22 -22.05 5.70
N LYS B 505 38.56 -21.49 6.72
CA LYS B 505 38.76 -21.89 8.10
C LYS B 505 37.50 -22.62 8.58
N TYR B 506 37.44 -22.96 9.86
CA TYR B 506 36.27 -23.68 10.39
C TYR B 506 35.84 -23.20 11.79
N LEU B 507 34.55 -22.88 11.91
CA LEU B 507 33.93 -22.62 13.19
C LEU B 507 32.94 -23.73 13.50
N PRO B 508 32.63 -23.94 14.78
CA PRO B 508 31.60 -24.93 15.06
C PRO B 508 30.25 -24.48 14.51
N THR B 509 29.56 -25.37 13.81
CA THR B 509 28.26 -25.07 13.20
C THR B 509 27.28 -24.45 14.20
N ALA B 510 27.48 -24.74 15.49
CA ALA B 510 26.62 -24.21 16.54
C ALA B 510 26.62 -22.68 16.60
N LEU B 511 27.71 -22.06 16.16
CA LEU B 511 27.84 -20.61 16.16
C LEU B 511 27.34 -19.97 14.88
N CYS B 512 27.60 -20.63 13.75
CA CYS B 512 27.34 -20.05 12.43
C CYS B 512 25.87 -19.98 12.03
N TYR B 513 24.99 -20.55 12.85
CA TYR B 513 23.56 -20.58 12.54
C TYR B 513 22.72 -20.51 13.81
N TYR B 514 21.52 -19.96 13.72
CA TYR B 514 20.62 -19.91 14.85
C TYR B 514 19.98 -21.28 15.10
N HIS B 515 19.74 -21.58 16.38
CA HIS B 515 18.92 -22.72 16.78
C HIS B 515 19.43 -24.09 16.32
N TYR B 516 20.75 -24.21 16.15
CA TYR B 516 21.36 -25.50 15.89
C TYR B 516 21.22 -26.40 17.13
N PRO B 517 20.64 -27.61 16.96
CA PRO B 517 20.44 -28.48 18.12
C PRO B 517 21.71 -29.20 18.61
N LEU B 518 22.03 -29.03 19.89
CA LEU B 518 23.19 -29.68 20.51
C LEU B 518 22.76 -30.65 21.60
N PRO B 519 23.58 -31.67 21.88
CA PRO B 519 23.26 -32.61 22.96
C PRO B 519 23.12 -31.90 24.32
N PRO B 520 22.24 -32.39 25.20
CA PRO B 520 22.06 -31.71 26.49
C PRO B 520 23.29 -31.75 27.40
N GLU B 521 24.20 -32.67 27.13
CA GLU B 521 25.42 -32.79 27.92
C GLU B 521 26.56 -31.89 27.41
N HIS B 522 26.33 -31.24 26.27
CA HIS B 522 27.38 -30.52 25.56
C HIS B 522 26.84 -29.32 24.78
N ARG B 523 26.09 -28.47 25.47
CA ARG B 523 25.60 -27.24 24.89
C ARG B 523 26.64 -26.15 25.10
N PHE B 524 27.58 -26.07 24.17
CA PHE B 524 28.72 -25.16 24.30
C PHE B 524 28.50 -23.79 23.64
N ALA B 525 27.36 -23.59 22.98
CA ALA B 525 27.10 -22.34 22.26
C ALA B 525 25.67 -22.19 21.77
N ARG B 526 25.24 -20.95 21.67
CA ARG B 526 24.06 -20.57 20.90
C ARG B 526 24.47 -19.55 19.84
N GLY B 527 23.91 -19.65 18.65
CA GLY B 527 24.11 -18.64 17.62
C GLY B 527 23.60 -17.30 18.11
N ASP B 528 24.34 -16.24 17.81
CA ASP B 528 23.91 -14.88 18.18
C ASP B 528 23.82 -14.03 16.92
N SER B 529 23.16 -12.87 17.05
CA SER B 529 22.88 -12.01 15.91
C SER B 529 24.05 -11.09 15.55
N ASN B 530 25.17 -11.28 16.22
CA ASN B 530 26.30 -10.36 16.09
C ASN B 530 27.08 -10.60 14.82
N GLY B 531 27.23 -9.56 14.01
CA GLY B 531 27.97 -9.66 12.77
C GLY B 531 27.13 -10.22 11.64
N ASN B 532 25.84 -10.46 11.93
CA ASN B 532 24.89 -10.88 10.92
C ASN B 532 24.33 -9.67 10.21
N ALA B 533 24.22 -9.75 8.89
CA ALA B 533 23.67 -8.65 8.12
C ALA B 533 23.20 -9.07 6.74
N ALA B 534 22.37 -8.23 6.13
CA ALA B 534 21.85 -8.43 4.78
C ALA B 534 22.34 -7.33 3.86
N GLY B 535 21.96 -7.43 2.58
CA GLY B 535 22.33 -6.44 1.58
C GLY B 535 21.90 -6.89 0.20
N ASN B 536 21.78 -5.93 -0.72
CA ASN B 536 21.42 -6.26 -2.09
C ASN B 536 22.55 -7.00 -2.81
N THR B 537 23.75 -6.94 -2.24
CA THR B 537 24.90 -7.68 -2.75
C THR B 537 25.67 -8.28 -1.57
N LEU B 538 26.48 -9.30 -1.86
CA LEU B 538 27.25 -9.99 -0.83
C LEU B 538 28.23 -9.06 -0.11
N GLU B 539 28.96 -8.26 -0.90
CA GLU B 539 29.94 -7.36 -0.33
C GLU B 539 29.26 -6.19 0.39
N GLU B 540 27.99 -5.96 0.08
CA GLU B 540 27.21 -4.98 0.82
C GLU B 540 26.96 -5.48 2.25
N ALA B 541 26.65 -6.77 2.37
CA ALA B 541 26.34 -7.38 3.66
C ALA B 541 27.58 -7.49 4.55
N ILE B 542 28.69 -7.94 3.97
CA ILE B 542 29.92 -8.11 4.72
C ILE B 542 30.35 -6.80 5.36
N LEU B 543 30.20 -5.71 4.62
CA LEU B 543 30.53 -4.38 5.14
C LEU B 543 29.71 -4.08 6.38
N GLN B 544 28.40 -4.26 6.27
CA GLN B 544 27.50 -4.02 7.39
C GLN B 544 27.76 -4.99 8.53
N GLY B 545 28.00 -6.25 8.18
CA GLY B 545 28.32 -7.29 9.15
C GLY B 545 29.56 -6.94 9.96
N PHE B 546 30.59 -6.46 9.26
CA PHE B 546 31.80 -5.99 9.92
C PHE B 546 31.52 -4.78 10.80
N MET B 547 30.72 -3.86 10.29
CA MET B 547 30.37 -2.66 11.04
C MET B 547 29.52 -2.99 12.25
N GLU B 548 28.74 -4.07 12.17
CA GLU B 548 27.97 -4.52 13.32
C GLU B 548 28.92 -5.05 14.39
N LEU B 549 30.05 -5.61 13.97
CA LEU B 549 31.04 -6.10 14.92
C LEU B 549 31.77 -4.95 15.63
N VAL B 550 32.20 -3.95 14.86
CA VAL B 550 32.84 -2.76 15.40
C VAL B 550 31.91 -2.07 16.39
N GLU B 551 30.65 -1.98 16.00
CA GLU B 551 29.61 -1.38 16.82
C GLU B 551 29.58 -2.01 18.22
N ARG B 552 29.57 -3.34 18.27
CA ARG B 552 29.49 -4.04 19.55
C ARG B 552 30.78 -3.95 20.36
N ASP B 553 31.91 -4.21 19.71
CA ASP B 553 33.20 -4.17 20.38
C ASP B 553 33.41 -2.82 21.07
N GLY B 554 33.13 -1.74 20.36
CA GLY B 554 33.23 -0.40 20.91
C GLY B 554 32.41 -0.22 22.18
N VAL B 555 31.12 -0.56 22.10
CA VAL B 555 30.22 -0.40 23.23
C VAL B 555 30.68 -1.21 24.44
N ALA B 556 31.18 -2.40 24.19
CA ALA B 556 31.67 -3.26 25.28
C ALA B 556 32.79 -2.58 26.05
N LEU B 557 33.72 -1.96 25.33
CA LEU B 557 34.85 -1.29 25.95
C LEU B 557 34.38 -0.11 26.79
N TRP B 558 33.37 0.61 26.33
CA TRP B 558 32.88 1.76 27.06
C TRP B 558 32.03 1.36 28.26
N TRP B 559 31.11 0.43 28.04
CA TRP B 559 30.12 0.06 29.06
C TRP B 559 30.72 -0.73 30.23
N TYR B 560 31.52 -1.74 29.92
CA TYR B 560 31.99 -2.66 30.95
C TYR B 560 33.23 -2.14 31.68
N ASN B 561 33.97 -1.22 31.05
CA ASN B 561 35.03 -0.49 31.75
C ASN B 561 34.48 0.78 32.39
N ARG B 562 33.27 1.15 31.99
CA ARG B 562 32.58 2.33 32.54
C ARG B 562 33.41 3.59 32.28
N LEU B 563 33.78 3.78 31.02
CA LEU B 563 34.64 4.90 30.63
C LEU B 563 33.84 6.18 30.46
N ARG B 564 34.53 7.30 30.67
CA ARG B 564 33.95 8.62 30.41
C ARG B 564 34.38 9.07 29.02
N ARG B 565 33.39 9.41 28.18
CA ARG B 565 33.66 9.74 26.78
C ARG B 565 33.11 11.12 26.42
N PRO B 566 33.65 11.74 25.36
CA PRO B 566 33.20 13.08 24.97
C PRO B 566 31.92 13.05 24.13
N ALA B 567 31.10 14.08 24.26
CA ALA B 567 29.93 14.22 23.41
C ALA B 567 30.35 14.71 22.03
N VAL B 568 29.43 14.61 21.06
CA VAL B 568 29.72 15.02 19.69
C VAL B 568 28.90 16.26 19.34
N ASP B 569 29.58 17.28 18.82
CA ASP B 569 28.93 18.49 18.36
C ASP B 569 28.16 18.17 17.08
N LEU B 570 26.84 18.07 17.19
CA LEU B 570 26.00 17.66 16.06
C LEU B 570 25.74 18.80 15.07
N GLY B 571 26.21 20.01 15.40
CA GLY B 571 26.10 21.15 14.52
C GLY B 571 27.25 21.20 13.53
N SER B 572 28.41 20.73 13.97
CA SER B 572 29.60 20.68 13.13
C SER B 572 29.37 19.86 11.87
N PHE B 573 28.61 18.77 12.01
CA PHE B 573 28.24 17.95 10.87
C PHE B 573 27.23 18.70 10.01
N ASN B 574 27.34 18.52 8.69
CA ASN B 574 26.53 19.27 7.75
C ASN B 574 25.05 18.94 7.87
N GLU B 575 24.77 17.69 8.25
CA GLU B 575 23.40 17.22 8.38
C GLU B 575 22.59 18.03 9.40
N PRO B 576 21.42 18.58 8.98
CA PRO B 576 20.55 19.28 9.93
C PRO B 576 19.54 18.39 10.67
N TYR B 577 19.39 17.14 10.24
CA TYR B 577 18.47 16.20 10.90
C TYR B 577 18.78 16.09 12.39
N PHE B 578 20.06 16.10 12.74
CA PHE B 578 20.49 15.98 14.13
C PHE B 578 19.93 17.12 14.97
N VAL B 579 20.10 18.33 14.50
CA VAL B 579 19.69 19.51 15.24
C VAL B 579 18.18 19.61 15.38
N GLN B 580 17.46 19.17 14.34
CA GLN B 580 16.01 19.18 14.36
C GLN B 580 15.44 18.09 15.25
N LEU B 581 16.15 16.97 15.32
CA LEU B 581 15.72 15.84 16.15
C LEU B 581 15.88 16.16 17.63
N GLN B 582 16.99 16.77 17.99
CA GLN B 582 17.22 17.21 19.36
C GLN B 582 16.11 18.15 19.82
N GLN B 583 15.70 19.04 18.92
CA GLN B 583 14.63 19.99 19.21
C GLN B 583 13.30 19.27 19.46
N PHE B 584 13.06 18.21 18.71
CA PHE B 584 11.85 17.41 18.87
C PHE B 584 11.79 16.79 20.27
N TYR B 585 12.86 16.10 20.66
CA TYR B 585 12.95 15.45 21.96
C TYR B 585 12.70 16.42 23.12
N ARG B 586 13.14 17.66 22.95
CA ARG B 586 12.96 18.68 23.97
C ARG B 586 11.50 19.01 24.20
N GLU B 587 10.74 19.12 23.12
CA GLU B 587 9.31 19.36 23.20
C GLU B 587 8.58 18.17 23.80
N ASN B 588 9.22 17.00 23.74
CA ASN B 588 8.63 15.75 24.23
C ASN B 588 9.29 15.26 25.53
N ASP B 589 9.61 16.20 26.42
CA ASP B 589 10.10 15.89 27.77
C ASP B 589 11.36 15.05 27.76
N ARG B 590 12.31 15.37 26.89
CA ARG B 590 13.55 14.60 26.78
C ARG B 590 14.77 15.42 26.39
N ASP B 591 15.93 14.85 26.69
CA ASP B 591 17.22 15.37 26.24
C ASP B 591 17.90 14.32 25.39
N LEU B 592 18.91 14.71 24.61
CA LEU B 592 19.58 13.80 23.69
C LEU B 592 21.01 14.23 23.43
N TRP B 593 21.95 13.30 23.62
CA TRP B 593 23.35 13.56 23.31
C TRP B 593 24.02 12.31 22.73
N VAL B 594 25.19 12.48 22.14
CA VAL B 594 25.88 11.41 21.43
C VAL B 594 27.34 11.32 21.84
N LEU B 595 27.73 10.17 22.38
CA LEU B 595 29.11 9.93 22.82
C LEU B 595 29.93 9.22 21.74
N ASP B 596 31.25 9.36 21.82
CA ASP B 596 32.17 8.71 20.90
C ASP B 596 32.75 7.42 21.49
N LEU B 597 32.60 6.32 20.78
CA LEU B 597 33.10 5.02 21.23
C LEU B 597 34.20 4.47 20.32
N THR B 598 34.65 5.29 19.37
CA THR B 598 35.72 4.91 18.44
C THR B 598 36.94 4.43 19.22
N ALA B 599 37.44 3.26 18.85
CA ALA B 599 38.53 2.61 19.58
C ALA B 599 39.71 2.34 18.65
N ASP B 600 40.52 1.34 18.99
CA ASP B 600 41.80 1.10 18.34
C ASP B 600 41.69 0.83 16.83
N LEU B 601 40.50 0.51 16.35
CA LEU B 601 40.30 0.28 14.92
C LEU B 601 40.04 1.59 14.18
N GLY B 602 39.67 2.63 14.93
CA GLY B 602 39.52 3.97 14.38
C GLY B 602 38.34 4.12 13.46
N ILE B 603 37.38 3.20 13.57
CA ILE B 603 36.17 3.25 12.76
C ILE B 603 35.11 4.00 13.56
N PRO B 604 34.60 5.13 13.01
CA PRO B 604 33.63 5.97 13.71
C PRO B 604 32.49 5.20 14.37
N ALA B 605 32.54 5.10 15.69
CA ALA B 605 31.50 4.47 16.48
C ALA B 605 30.89 5.50 17.41
N PHE B 606 29.58 5.42 17.63
CA PHE B 606 28.87 6.39 18.46
C PHE B 606 27.73 5.78 19.26
N ALA B 607 27.40 6.41 20.38
CA ALA B 607 26.28 6.01 21.20
C ALA B 607 25.38 7.20 21.51
N GLY B 608 24.12 7.11 21.10
CA GLY B 608 23.13 8.13 21.42
C GLY B 608 22.47 7.81 22.74
N VAL B 609 22.22 8.84 23.55
CA VAL B 609 21.67 8.67 24.88
C VAL B 609 20.55 9.67 25.10
N SER B 610 19.48 9.24 25.76
CA SER B 610 18.33 10.11 26.00
C SER B 610 17.55 9.73 27.25
N ASN B 611 17.23 10.73 28.07
CA ASN B 611 16.47 10.54 29.30
C ASN B 611 15.22 11.42 29.31
N ARG B 612 14.28 11.08 30.17
CA ARG B 612 13.10 11.93 30.40
C ARG B 612 13.37 12.91 31.51
N LYS B 613 13.16 14.19 31.22
CA LYS B 613 13.47 15.25 32.18
C LYS B 613 12.37 15.43 33.21
N THR B 614 11.25 14.75 33.03
CA THR B 614 10.17 14.75 34.02
C THR B 614 10.21 13.47 34.86
N SER B 617 10.04 8.56 36.46
CA SER B 617 10.82 7.64 35.64
C SER B 617 11.67 8.39 34.62
N GLU B 618 12.97 8.08 34.58
CA GLU B 618 13.89 8.77 33.68
C GLU B 618 13.91 8.10 32.30
N ARG B 619 13.78 6.78 32.29
CA ARG B 619 13.72 6.00 31.04
C ARG B 619 14.88 6.31 30.11
N LEU B 620 16.08 5.84 30.46
CA LEU B 620 17.26 6.07 29.64
C LEU B 620 17.26 5.14 28.44
N ILE B 621 17.55 5.69 27.26
CA ILE B 621 17.60 4.90 26.04
C ILE B 621 18.97 4.99 25.40
N LEU B 622 19.41 3.90 24.79
CA LEU B 622 20.71 3.83 24.13
C LEU B 622 20.58 3.29 22.71
N GLY B 623 21.37 3.87 21.81
CA GLY B 623 21.42 3.43 20.41
C GLY B 623 22.84 3.50 19.90
N PHE B 624 23.19 2.60 19.01
CA PHE B 624 24.59 2.44 18.60
C PHE B 624 24.77 2.33 17.09
N GLY B 625 25.72 3.09 16.57
CA GLY B 625 26.00 3.10 15.15
C GLY B 625 27.49 3.04 14.87
N ALA B 626 27.86 2.37 13.79
CA ALA B 626 29.25 2.27 13.38
C ALA B 626 29.35 2.21 11.86
N HIS B 627 30.22 3.04 11.30
CA HIS B 627 30.39 3.13 9.85
C HIS B 627 31.64 3.95 9.52
N LEU B 628 32.20 3.76 8.33
CA LEU B 628 33.35 4.56 7.89
C LEU B 628 32.98 6.05 7.80
N ASP B 629 31.74 6.30 7.41
CA ASP B 629 31.20 7.65 7.30
C ASP B 629 30.53 8.03 8.62
N PRO B 630 31.17 8.90 9.41
CA PRO B 630 30.65 9.18 10.75
C PRO B 630 29.23 9.73 10.73
N THR B 631 28.90 10.54 9.74
CA THR B 631 27.55 11.11 9.64
C THR B 631 26.49 10.01 9.59
N ILE B 632 26.81 8.91 8.91
CA ILE B 632 25.91 7.75 8.90
C ILE B 632 25.89 7.09 10.28
N ALA B 633 27.04 7.05 10.94
CA ALA B 633 27.16 6.40 12.23
C ALA B 633 26.34 7.14 13.29
N ILE B 634 26.44 8.46 13.32
CA ILE B 634 25.58 9.27 14.19
C ILE B 634 24.13 8.93 13.90
N LEU B 635 23.82 8.83 12.62
CA LEU B 635 22.46 8.60 12.13
C LEU B 635 21.95 7.24 12.60
N ARG B 636 22.77 6.21 12.41
CA ARG B 636 22.42 4.87 12.84
C ARG B 636 22.06 4.88 14.32
N ALA B 637 22.88 5.55 15.12
CA ALA B 637 22.64 5.66 16.54
C ALA B 637 21.28 6.32 16.83
N VAL B 638 21.15 7.57 16.42
CA VAL B 638 19.97 8.37 16.77
C VAL B 638 18.65 7.74 16.32
N THR B 639 18.62 7.15 15.12
CA THR B 639 17.39 6.52 14.62
C THR B 639 17.03 5.31 15.47
N GLU B 640 18.06 4.62 15.96
CA GLU B 640 17.86 3.45 16.82
C GLU B 640 17.34 3.88 18.18
N VAL B 641 17.68 5.11 18.58
CA VAL B 641 17.17 5.68 19.83
C VAL B 641 15.68 5.96 19.73
N ASN B 642 15.24 6.43 18.57
CA ASN B 642 13.83 6.75 18.36
C ASN B 642 12.98 5.48 18.30
N GLN B 643 13.50 4.49 17.59
CA GLN B 643 12.86 3.18 17.52
C GLN B 643 12.50 2.69 18.92
N ILE B 644 13.48 2.67 19.81
CA ILE B 644 13.29 2.12 21.16
C ILE B 644 12.48 3.06 22.04
N GLY B 645 12.97 4.28 22.20
CA GLY B 645 12.45 5.19 23.21
C GLY B 645 10.98 5.57 23.08
N LEU B 646 10.68 6.42 22.10
CA LEU B 646 9.40 7.13 22.03
C LEU B 646 8.18 6.22 22.01
N GLU B 647 8.29 5.06 21.37
CA GLU B 647 7.19 4.11 21.27
C GLU B 647 6.84 3.56 22.65
N LEU B 648 7.88 3.28 23.42
CA LEU B 648 7.72 2.89 24.82
C LEU B 648 7.27 4.05 25.69
N ASP B 649 7.55 5.27 25.24
CA ASP B 649 7.41 6.46 26.09
C ASP B 649 5.97 6.91 26.27
N LYS B 650 5.17 6.80 25.22
CA LYS B 650 3.76 7.19 25.29
C LYS B 650 2.99 6.29 26.25
N VAL B 651 3.48 5.07 26.44
CA VAL B 651 2.86 4.13 27.36
C VAL B 651 3.21 4.50 28.80
N PRO B 652 2.25 4.31 29.74
CA PRO B 652 2.59 4.53 31.15
C PRO B 652 3.54 3.47 31.69
N ASP B 653 4.28 3.80 32.74
CA ASP B 653 5.41 2.98 33.20
C ASP B 653 5.04 1.65 33.89
N GLU B 654 3.94 1.65 34.62
CA GLU B 654 3.54 0.46 35.38
C GLU B 654 3.10 -0.70 34.47
N ASN B 655 2.64 -0.37 33.27
CA ASN B 655 2.08 -1.36 32.34
C ASN B 655 3.11 -2.10 31.49
N LEU B 656 4.34 -1.58 31.45
CA LEU B 656 5.34 -2.04 30.49
C LEU B 656 5.75 -3.49 30.68
N LYS B 657 5.93 -4.18 29.55
CA LYS B 657 6.18 -5.62 29.55
C LYS B 657 7.43 -5.95 28.72
N SER B 658 8.20 -4.93 28.37
CA SER B 658 9.40 -5.10 27.55
C SER B 658 10.51 -5.82 28.31
N ASP B 659 11.55 -6.24 27.58
CA ASP B 659 12.65 -7.00 28.16
C ASP B 659 13.58 -6.14 29.00
N ALA B 660 13.73 -4.88 28.61
CA ALA B 660 14.63 -3.95 29.30
C ALA B 660 13.85 -2.97 30.17
N THR B 661 12.76 -3.43 30.78
CA THR B 661 11.85 -2.55 31.51
C THR B 661 12.43 -2.04 32.82
N ASP B 662 12.98 -2.95 33.62
CA ASP B 662 13.49 -2.59 34.94
C ASP B 662 14.51 -1.45 34.88
N TRP B 663 15.31 -1.43 33.82
CA TRP B 663 16.30 -0.39 33.62
C TRP B 663 15.63 0.95 33.32
N LEU B 664 14.49 0.90 32.64
CA LEU B 664 13.76 2.12 32.26
C LEU B 664 12.97 2.69 33.42
N ILE B 665 12.52 1.84 34.34
CA ILE B 665 11.69 2.30 35.46
C ILE B 665 12.54 2.80 36.63
N THR B 666 13.61 2.08 36.96
CA THR B 666 14.30 2.26 38.23
C THR B 666 15.62 3.04 38.11
N GLU B 667 16.44 2.69 37.13
CA GLU B 667 17.79 3.24 37.03
C GLU B 667 17.79 4.72 36.70
N LYS B 668 18.83 5.41 37.19
CA LYS B 668 18.91 6.85 37.10
C LYS B 668 20.28 7.27 36.60
N LEU B 669 20.30 8.36 35.83
CA LEU B 669 21.53 8.83 35.20
C LEU B 669 22.59 9.21 36.23
N ALA B 670 22.15 9.57 37.43
CA ALA B 670 23.05 9.90 38.53
C ALA B 670 23.90 8.69 38.95
N ASP B 671 23.32 7.51 38.83
CA ASP B 671 23.99 6.26 39.24
C ASP B 671 24.78 5.64 38.12
N HIS B 672 24.94 6.37 37.01
CA HIS B 672 25.68 5.86 35.87
C HIS B 672 26.40 7.01 35.17
N PRO B 673 27.45 7.56 35.81
CA PRO B 673 28.20 8.69 35.25
C PRO B 673 28.71 8.46 33.82
N TYR B 674 28.99 7.21 33.48
CA TYR B 674 29.56 6.86 32.19
C TYR B 674 28.61 7.08 31.01
N LEU B 675 27.36 7.47 31.31
CA LEU B 675 26.36 7.70 30.28
C LEU B 675 26.37 9.16 29.79
N LEU B 676 26.75 10.07 30.66
CA LEU B 676 26.83 11.49 30.29
C LEU B 676 28.25 11.85 29.84
N PRO B 677 28.38 12.88 29.00
CA PRO B 677 29.70 13.15 28.42
C PRO B 677 30.66 13.80 29.40
N ASP B 678 31.95 13.48 29.25
CA ASP B 678 32.97 14.03 30.12
C ASP B 678 33.21 15.50 29.76
N THR B 679 32.64 16.40 30.56
CA THR B 679 32.77 17.84 30.35
C THR B 679 34.24 18.28 30.31
N THR B 680 35.11 17.47 30.90
CA THR B 680 36.54 17.75 30.90
C THR B 680 37.14 17.70 29.50
N GLN B 681 36.62 16.80 28.67
CA GLN B 681 37.10 16.63 27.31
C GLN B 681 36.40 17.60 26.36
N PRO B 682 37.07 17.99 25.26
CA PRO B 682 36.45 18.87 24.27
C PRO B 682 35.39 18.13 23.44
N LEU B 683 34.41 18.87 22.93
CA LEU B 683 33.40 18.27 22.06
C LEU B 683 34.03 17.84 20.76
N LYS B 684 33.72 16.61 20.33
CA LYS B 684 34.16 16.13 19.03
C LYS B 684 33.44 16.87 17.90
N THR B 685 34.02 16.84 16.71
CA THR B 685 33.40 17.45 15.55
C THR B 685 33.61 16.59 14.31
N ALA B 686 33.18 17.09 13.16
CA ALA B 686 33.28 16.37 11.90
C ALA B 686 34.74 16.21 11.45
N GLN B 687 35.58 17.15 11.84
CA GLN B 687 36.96 17.20 11.37
C GLN B 687 37.83 16.15 12.07
N ASP B 688 37.33 15.61 13.18
CA ASP B 688 38.09 14.66 13.99
C ASP B 688 37.97 13.21 13.50
N TYR B 689 37.22 12.99 12.42
CA TYR B 689 37.04 11.66 11.83
C TYR B 689 37.49 11.67 10.37
N PRO B 690 38.69 11.12 10.09
CA PRO B 690 39.13 11.07 8.69
C PRO B 690 38.30 10.11 7.84
N LYS B 691 38.30 10.34 6.54
CA LYS B 691 37.54 9.54 5.60
C LYS B 691 38.39 8.38 5.08
N ARG B 692 37.83 7.17 5.12
CA ARG B 692 38.53 6.00 4.60
C ARG B 692 37.63 5.12 3.71
N TRP B 693 36.49 5.67 3.29
CA TRP B 693 35.58 4.97 2.38
C TRP B 693 35.91 5.43 0.96
N SER B 694 35.28 4.79 -0.02
CA SER B 694 35.55 5.07 -1.44
C SER B 694 34.25 5.01 -2.24
N ASP B 695 34.37 4.83 -3.56
CA ASP B 695 33.21 4.75 -4.45
C ASP B 695 32.74 3.30 -4.63
N ASP B 696 33.57 2.37 -4.18
CA ASP B 696 33.27 0.94 -4.30
C ASP B 696 33.11 0.30 -2.92
N ILE B 697 32.05 -0.49 -2.75
CA ILE B 697 31.80 -1.19 -1.51
C ILE B 697 32.92 -2.19 -1.26
N TYR B 698 33.28 -2.93 -2.30
CA TYR B 698 34.33 -3.94 -2.22
C TYR B 698 35.62 -3.36 -1.66
N THR B 699 36.00 -2.19 -2.14
CA THR B 699 37.21 -1.53 -1.66
C THR B 699 37.08 -1.23 -0.16
N ASP B 700 35.93 -0.73 0.25
CA ASP B 700 35.68 -0.44 1.65
C ASP B 700 35.82 -1.70 2.48
N VAL B 701 35.36 -2.84 1.92
CA VAL B 701 35.51 -4.12 2.57
C VAL B 701 36.98 -4.51 2.65
N MET B 702 37.74 -4.23 1.60
CA MET B 702 39.17 -4.49 1.61
C MET B 702 39.88 -3.59 2.61
N THR B 703 39.33 -2.40 2.83
CA THR B 703 39.89 -1.48 3.81
C THR B 703 39.62 -2.00 5.21
N CYS B 704 38.38 -2.39 5.46
CA CYS B 704 37.96 -2.87 6.77
C CYS B 704 38.71 -4.13 7.20
N VAL B 705 39.05 -4.97 6.23
CA VAL B 705 39.74 -6.23 6.53
C VAL B 705 41.21 -6.00 6.88
N ASN B 706 41.81 -4.97 6.29
CA ASN B 706 43.19 -4.60 6.60
C ASN B 706 43.32 -3.80 7.91
N ILE B 707 42.31 -2.99 8.21
CA ILE B 707 42.25 -2.31 9.50
C ILE B 707 42.23 -3.35 10.62
N ALA B 708 41.52 -4.45 10.39
CA ALA B 708 41.47 -5.55 11.34
C ALA B 708 42.76 -6.38 11.31
N GLN B 709 43.43 -6.37 10.17
CA GLN B 709 44.68 -7.12 10.02
C GLN B 709 45.81 -6.50 10.83
N GLN B 710 45.84 -5.16 10.90
CA GLN B 710 46.85 -4.44 11.68
C GLN B 710 46.66 -4.66 13.17
N ALA B 711 45.40 -4.81 13.58
CA ALA B 711 45.07 -5.09 14.98
C ALA B 711 45.33 -6.55 15.34
N GLY B 712 45.79 -7.34 14.37
CA GLY B 712 46.10 -8.74 14.57
C GLY B 712 44.88 -9.63 14.50
N LEU B 713 43.87 -9.19 13.75
CA LEU B 713 42.60 -9.91 13.67
C LEU B 713 42.36 -10.51 12.30
N GLU B 714 41.82 -11.73 12.29
CA GLU B 714 41.41 -12.38 11.06
C GLU B 714 39.94 -12.12 10.85
N THR B 715 39.54 -11.93 9.60
CA THR B 715 38.14 -11.68 9.25
C THR B 715 37.54 -12.91 8.55
N LEU B 716 36.40 -13.38 9.05
CA LEU B 716 35.78 -14.59 8.53
C LEU B 716 34.32 -14.32 8.13
N VAL B 717 33.87 -15.00 7.08
CA VAL B 717 32.51 -14.83 6.57
C VAL B 717 31.89 -16.19 6.24
N ILE B 718 30.60 -16.32 6.51
CA ILE B 718 29.84 -17.47 6.03
C ILE B 718 28.61 -16.97 5.28
N ASP B 719 28.43 -17.48 4.07
CA ASP B 719 27.31 -17.09 3.23
C ASP B 719 26.03 -17.79 3.69
N GLN B 720 25.13 -17.04 4.30
CA GLN B 720 23.86 -17.60 4.78
C GLN B 720 22.73 -17.41 3.78
N THR B 721 23.07 -16.94 2.58
CA THR B 721 22.07 -16.63 1.56
C THR B 721 21.27 -17.85 1.13
N ARG B 722 19.95 -17.73 1.22
CA ARG B 722 19.05 -18.80 0.77
C ARG B 722 18.56 -18.48 -0.63
N PRO B 723 18.72 -19.43 -1.58
CA PRO B 723 18.28 -19.21 -2.96
C PRO B 723 16.81 -18.81 -3.13
N ASP B 724 15.93 -19.42 -2.32
CA ASP B 724 14.49 -19.13 -2.40
C ASP B 724 14.17 -17.73 -1.87
N ILE B 725 15.10 -17.15 -1.11
CA ILE B 725 14.95 -15.81 -0.57
C ILE B 725 15.56 -14.80 -1.52
N GLY B 726 16.83 -15.02 -1.87
CA GLY B 726 17.52 -14.20 -2.87
C GLY B 726 18.35 -13.08 -2.27
N LEU B 727 17.78 -12.39 -1.29
CA LEU B 727 18.50 -11.35 -0.57
C LEU B 727 19.75 -11.92 0.10
N ASN B 728 20.88 -11.25 -0.10
CA ASN B 728 22.15 -11.74 0.40
C ASN B 728 22.21 -11.57 1.91
N VAL B 729 22.65 -12.63 2.59
CA VAL B 729 22.77 -12.63 4.04
C VAL B 729 24.05 -13.36 4.45
N VAL B 730 24.88 -12.70 5.26
CA VAL B 730 26.14 -13.27 5.71
C VAL B 730 26.28 -13.14 7.22
N LYS B 731 27.20 -13.93 7.76
CA LYS B 731 27.66 -13.78 9.13
C LYS B 731 29.16 -13.51 9.09
N VAL B 732 29.54 -12.30 9.49
CA VAL B 732 30.95 -11.95 9.60
C VAL B 732 31.42 -12.18 11.04
N THR B 733 32.54 -12.87 11.18
CA THR B 733 33.10 -13.17 12.49
C THR B 733 34.57 -12.81 12.51
N VAL B 734 34.94 -11.95 13.45
CA VAL B 734 36.31 -11.51 13.64
C VAL B 734 36.72 -11.88 15.07
N PRO B 735 37.14 -13.14 15.27
CA PRO B 735 37.38 -13.68 16.61
C PRO B 735 38.28 -12.81 17.47
N GLY B 736 37.80 -12.47 18.67
CA GLY B 736 38.54 -11.63 19.60
C GLY B 736 37.81 -10.33 19.88
N MET B 737 36.97 -9.90 18.94
CA MET B 737 36.21 -8.67 19.10
C MET B 737 35.05 -8.91 20.05
N ARG B 738 34.70 -7.90 20.82
CA ARG B 738 33.83 -8.07 21.98
C ARG B 738 32.35 -7.83 21.69
N HIS B 739 31.52 -8.66 22.31
CA HIS B 739 30.08 -8.45 22.30
C HIS B 739 29.75 -7.61 23.52
N PHE B 740 28.64 -6.86 23.48
CA PHE B 740 28.27 -6.02 24.62
C PHE B 740 27.44 -6.78 25.65
N TRP B 741 27.46 -8.10 25.54
CA TRP B 741 26.91 -8.99 26.57
C TRP B 741 28.00 -9.30 27.58
N SER B 742 27.61 -9.66 28.79
CA SER B 742 28.56 -9.89 29.89
C SER B 742 29.45 -11.10 29.62
N ARG B 743 30.57 -10.87 28.94
CA ARG B 743 31.54 -11.90 28.65
C ARG B 743 32.93 -11.38 29.01
N PHE B 744 33.39 -11.77 30.19
CA PHE B 744 34.55 -11.16 30.82
C PHE B 744 35.83 -11.98 30.68
N GLY B 745 35.99 -12.63 29.54
CA GLY B 745 37.21 -13.37 29.25
C GLY B 745 38.35 -12.45 28.84
N GLU B 746 39.57 -12.86 29.19
CA GLU B 746 40.77 -12.12 28.82
C GLU B 746 40.80 -11.82 27.33
N GLY B 747 41.19 -10.60 26.99
CA GLY B 747 41.30 -10.19 25.60
C GLY B 747 41.31 -8.69 25.42
N ARG B 748 40.56 -8.22 24.43
CA ARG B 748 40.53 -6.80 24.07
C ARG B 748 39.70 -5.96 25.05
N LEU B 749 38.93 -6.61 25.91
CA LEU B 749 38.10 -5.91 26.87
C LEU B 749 38.93 -5.25 27.98
N TYR B 750 40.10 -5.81 28.24
CA TYR B 750 41.02 -5.27 29.23
C TYR B 750 42.16 -4.49 28.60
N ASP B 751 42.62 -4.97 27.45
CA ASP B 751 43.89 -4.53 26.86
C ASP B 751 43.78 -3.25 26.03
N VAL B 752 42.73 -3.16 25.21
CA VAL B 752 42.59 -2.05 24.27
C VAL B 752 42.45 -0.70 24.99
N PRO B 753 41.67 -0.64 26.08
CA PRO B 753 41.56 0.64 26.78
C PRO B 753 42.90 1.12 27.34
N VAL B 754 43.81 0.19 27.60
CA VAL B 754 45.16 0.54 28.03
C VAL B 754 46.00 0.95 26.82
N LYS B 755 45.89 0.19 25.74
CA LYS B 755 46.64 0.44 24.51
C LYS B 755 46.45 1.87 24.01
N LEU B 756 45.26 2.42 24.22
CA LEU B 756 44.93 3.77 23.74
C LEU B 756 45.05 4.84 24.82
N GLY B 757 45.31 4.42 26.05
CA GLY B 757 45.55 5.36 27.14
C GLY B 757 44.30 5.86 27.84
N TRP B 758 43.17 5.23 27.58
CA TRP B 758 41.92 5.56 28.28
C TRP B 758 42.02 5.17 29.75
N LEU B 759 42.85 4.16 30.01
CA LEU B 759 43.15 3.72 31.37
C LEU B 759 44.66 3.59 31.56
N ASP B 760 45.14 3.98 32.74
CA ASP B 760 46.56 3.87 33.07
C ASP B 760 46.95 2.39 33.27
N GLU B 761 46.04 1.61 33.84
CA GLU B 761 46.26 0.18 34.03
C GLU B 761 44.95 -0.60 33.82
N PRO B 762 45.05 -1.87 33.38
CA PRO B 762 43.84 -2.66 33.10
C PRO B 762 42.94 -2.87 34.32
N LEU B 763 41.63 -2.89 34.09
CA LEU B 763 40.68 -3.26 35.13
C LEU B 763 40.75 -4.77 35.38
N THR B 764 40.06 -5.21 36.42
CA THR B 764 39.94 -6.65 36.73
C THR B 764 38.52 -7.12 36.45
N GLU B 765 38.34 -8.43 36.37
CA GLU B 765 37.02 -9.00 36.11
C GLU B 765 36.02 -8.54 37.18
N ALA B 766 36.43 -8.59 38.43
CA ALA B 766 35.59 -8.14 39.54
C ALA B 766 35.19 -6.68 39.38
N GLN B 767 36.01 -5.91 38.67
CA GLN B 767 35.82 -4.47 38.53
C GLN B 767 34.86 -4.08 37.41
N MET B 768 34.58 -5.00 36.51
CA MET B 768 33.74 -4.72 35.34
C MET B 768 32.32 -4.34 35.74
N ASN B 769 31.58 -3.72 34.82
CA ASN B 769 30.23 -3.23 35.10
C ASN B 769 29.29 -4.38 35.42
N PRO B 770 28.75 -4.41 36.66
CA PRO B 770 27.90 -5.53 37.07
C PRO B 770 26.47 -5.43 36.52
N THR B 771 26.11 -4.27 36.02
CA THR B 771 24.83 -4.07 35.37
C THR B 771 24.97 -4.40 33.89
N PRO B 772 24.21 -5.38 33.38
CA PRO B 772 24.38 -5.72 31.96
C PRO B 772 23.84 -4.64 31.01
N MET B 773 24.48 -4.50 29.86
CA MET B 773 23.97 -3.65 28.79
C MET B 773 22.54 -4.07 28.48
N PRO B 774 21.55 -3.19 28.76
CA PRO B 774 20.17 -3.64 28.73
C PRO B 774 19.51 -3.70 27.35
N PHE B 775 20.18 -3.20 26.31
CA PHE B 775 19.65 -3.26 24.95
C PHE B 775 20.58 -4.06 24.04
N SER C 23 -6.23 -21.44 47.55
CA SER C 23 -5.34 -22.61 47.51
C SER C 23 -4.38 -22.56 46.32
N SER C 24 -3.40 -23.45 46.32
CA SER C 24 -2.37 -23.45 45.27
C SER C 24 -2.92 -23.93 43.93
N GLN C 25 -3.82 -24.91 43.96
CA GLN C 25 -4.49 -25.39 42.76
C GLN C 25 -5.43 -24.35 42.18
N LEU C 26 -5.93 -23.45 43.04
CA LEU C 26 -6.78 -22.34 42.61
C LEU C 26 -5.97 -21.06 42.35
N ALA C 27 -4.79 -20.96 42.97
CA ALA C 27 -3.94 -19.79 42.80
C ALA C 27 -3.26 -19.79 41.44
N GLU C 28 -2.88 -20.97 40.96
CA GLU C 28 -2.09 -21.08 39.74
C GLU C 28 -2.95 -21.10 38.48
N LEU C 29 -4.24 -20.86 38.62
CA LEU C 29 -5.13 -20.83 37.45
C LEU C 29 -4.85 -19.59 36.62
N SER C 30 -4.51 -19.82 35.35
CA SER C 30 -4.10 -18.75 34.44
C SER C 30 -4.59 -19.01 33.02
N GLU C 31 -4.99 -17.95 32.34
CA GLU C 31 -5.49 -18.01 30.96
C GLU C 31 -4.91 -16.85 30.18
N GLU C 32 -4.50 -17.11 28.94
CA GLU C 32 -3.87 -16.07 28.13
C GLU C 32 -4.03 -16.34 26.64
N ALA C 33 -3.95 -15.27 25.85
CA ALA C 33 -3.90 -15.37 24.40
C ALA C 33 -2.45 -15.20 23.94
N LEU C 34 -2.13 -15.78 22.79
CA LEU C 34 -0.74 -15.81 22.31
C LEU C 34 -0.57 -14.98 21.03
N SER D 23 -13.50 4.18 -51.27
CA SER D 23 -14.96 4.34 -51.16
C SER D 23 -15.35 4.93 -49.80
N SER D 24 -16.28 5.88 -49.82
CA SER D 24 -16.62 6.66 -48.62
C SER D 24 -17.26 5.85 -47.50
N GLN D 25 -18.23 5.01 -47.85
CA GLN D 25 -18.94 4.20 -46.86
C GLN D 25 -17.97 3.27 -46.11
N LEU D 26 -16.96 2.78 -46.82
CA LEU D 26 -16.02 1.82 -46.27
C LEU D 26 -14.85 2.47 -45.54
N ALA D 27 -14.47 3.66 -46.00
CA ALA D 27 -13.27 4.32 -45.51
C ALA D 27 -13.40 4.84 -44.08
N GLU D 28 -14.55 5.43 -43.77
CA GLU D 28 -14.75 6.11 -42.49
C GLU D 28 -14.89 5.17 -41.30
N LEU D 29 -14.81 3.86 -41.54
CA LEU D 29 -14.93 2.87 -40.46
C LEU D 29 -13.73 2.91 -39.53
N SER D 30 -13.92 3.52 -38.36
CA SER D 30 -12.87 3.57 -37.34
C SER D 30 -13.33 2.87 -36.09
N GLU D 31 -12.37 2.24 -35.40
CA GLU D 31 -12.65 1.53 -34.16
C GLU D 31 -11.57 1.84 -33.12
N GLU D 32 -11.99 2.19 -31.92
CA GLU D 32 -11.04 2.47 -30.84
C GLU D 32 -11.65 2.14 -29.48
N ALA D 33 -10.76 1.90 -28.51
CA ALA D 33 -11.17 1.58 -27.14
C ALA D 33 -11.36 2.84 -26.31
N LEU D 34 -12.13 2.72 -25.23
CA LEU D 34 -12.41 3.83 -24.34
C LEU D 34 -11.82 3.59 -22.96
ZN ZN E . -28.70 10.62 1.02
P AMP F . 0.28 21.01 -6.98
O1P AMP F . 0.47 19.83 -7.89
O2P AMP F . -0.16 22.26 -7.69
O3P AMP F . 1.35 21.24 -5.94
O5' AMP F . -0.94 20.60 -6.04
C5' AMP F . -2.22 20.31 -6.61
C4' AMP F . -3.32 20.53 -5.60
O4' AMP F . -3.06 19.71 -4.46
C3' AMP F . -3.42 21.98 -5.09
O3' AMP F . -4.78 22.33 -4.92
C2' AMP F . -2.73 21.93 -3.73
O2' AMP F . -3.19 22.91 -2.82
C1' AMP F . -3.06 20.52 -3.29
N9 AMP F . -2.07 19.97 -2.35
C8 AMP F . -0.81 19.60 -2.64
N7 AMP F . -0.19 19.16 -1.52
C5 AMP F . -1.05 19.24 -0.49
C6 AMP F . -1.06 18.93 0.96
N6 AMP F . 0.04 18.43 1.55
N1 AMP F . -2.19 19.17 1.66
C2 AMP F . -3.31 19.66 1.08
N3 AMP F . -3.38 19.96 -0.23
C4 AMP F . -2.31 19.78 -1.05
CA CA G . -4.62 23.13 -9.52
CA CA H . 1.03 23.09 -11.54
ZN ZN I . 9.92 -28.53 -3.58
P AMP J . 19.77 -1.55 10.40
O1P AMP J . 18.44 -1.41 11.09
O2P AMP J . 20.85 -2.25 11.22
O3P AMP J . 20.23 -0.33 9.65
O5' AMP J . 19.46 -2.61 9.26
C5' AMP J . 18.82 -3.83 9.59
C4' AMP J . 19.17 -4.89 8.57
O4' AMP J . 18.54 -4.53 7.33
C3' AMP J . 20.65 -5.02 8.29
O3' AMP J . 20.99 -6.39 8.04
C2' AMP J . 20.86 -4.20 7.03
O2' AMP J . 21.95 -4.64 6.23
C1' AMP J . 19.53 -4.39 6.31
N9 AMP J . 19.16 -3.26 5.44
C8 AMP J . 18.78 -2.03 5.87
N7 AMP J . 18.51 -1.24 4.81
C5 AMP J . 18.73 -1.94 3.69
C6 AMP J . 18.64 -1.69 2.24
N6 AMP J . 18.26 -0.50 1.76
N1 AMP J . 18.96 -2.71 1.41
C2 AMP J . 19.36 -3.92 1.86
N3 AMP J . 19.46 -4.22 3.18
C4 AMP J . 19.16 -3.28 4.12
CA CA K . 21.36 -6.69 13.08
CA CA L . 21.48 -2.11 14.78
#